data_6MUE
# 
_entry.id   6MUE 
# 
_audit_conform.dict_name       mmcif_pdbx.dic 
_audit_conform.dict_version    5.399 
_audit_conform.dict_location   http://mmcif.pdb.org/dictionaries/ascii/mmcif_pdbx.dic 
# 
loop_
_database_2.database_id 
_database_2.database_code 
_database_2.pdbx_database_accession 
_database_2.pdbx_DOI 
PDB   6MUE         pdb_00006mue 10.2210/pdb6mue/pdb 
WWPDB D_1000237613 ?            ?                   
# 
loop_
_pdbx_audit_revision_history.ordinal 
_pdbx_audit_revision_history.data_content_type 
_pdbx_audit_revision_history.major_revision 
_pdbx_audit_revision_history.minor_revision 
_pdbx_audit_revision_history.revision_date 
1 'Structure model' 1 0 2019-05-08 
2 'Structure model' 1 1 2019-05-22 
3 'Structure model' 1 2 2019-06-12 
4 'Structure model' 1 3 2020-01-08 
5 'Structure model' 1 4 2023-10-11 
6 'Structure model' 1 5 2024-11-20 
# 
_pdbx_audit_revision_details.ordinal             1 
_pdbx_audit_revision_details.revision_ordinal    1 
_pdbx_audit_revision_details.data_content_type   'Structure model' 
_pdbx_audit_revision_details.provider            repository 
_pdbx_audit_revision_details.type                'Initial release' 
_pdbx_audit_revision_details.description         ? 
_pdbx_audit_revision_details.details             ? 
# 
loop_
_pdbx_audit_revision_group.ordinal 
_pdbx_audit_revision_group.revision_ordinal 
_pdbx_audit_revision_group.data_content_type 
_pdbx_audit_revision_group.group 
1 2 'Structure model' 'Data collection'            
2 2 'Structure model' 'Database references'        
3 3 'Structure model' 'Data collection'            
4 3 'Structure model' 'Database references'        
5 4 'Structure model' 'Author supporting evidence' 
6 5 'Structure model' 'Data collection'            
7 5 'Structure model' 'Database references'        
8 5 'Structure model' 'Refinement description'     
9 6 'Structure model' 'Structure summary'          
# 
loop_
_pdbx_audit_revision_category.ordinal 
_pdbx_audit_revision_category.revision_ordinal 
_pdbx_audit_revision_category.data_content_type 
_pdbx_audit_revision_category.category 
1  2 'Structure model' citation                      
2  2 'Structure model' citation_author               
3  3 'Structure model' citation                      
4  3 'Structure model' citation_author               
5  4 'Structure model' pdbx_audit_support            
6  5 'Structure model' chem_comp_atom                
7  5 'Structure model' chem_comp_bond                
8  5 'Structure model' database_2                    
9  5 'Structure model' pdbx_initial_refinement_model 
10 6 'Structure model' pdbx_entry_details            
11 6 'Structure model' pdbx_modification_feature     
# 
loop_
_pdbx_audit_revision_item.ordinal 
_pdbx_audit_revision_item.revision_ordinal 
_pdbx_audit_revision_item.data_content_type 
_pdbx_audit_revision_item.item 
1  2 'Structure model' '_citation.country'                        
2  2 'Structure model' '_citation.journal_abbrev'                 
3  2 'Structure model' '_citation.journal_id_ASTM'                
4  2 'Structure model' '_citation.journal_id_CSD'                 
5  2 'Structure model' '_citation.journal_id_ISSN'                
6  2 'Structure model' '_citation.pdbx_database_id_DOI'           
7  2 'Structure model' '_citation.pdbx_database_id_PubMed'        
8  2 'Structure model' '_citation.title'                          
9  2 'Structure model' '_citation.year'                           
10 2 'Structure model' '_citation_author.identifier_ORCID'        
11 3 'Structure model' '_citation.journal_volume'                 
12 3 'Structure model' '_citation.page_first'                     
13 3 'Structure model' '_citation.page_last'                      
14 3 'Structure model' '_citation_author.identifier_ORCID'        
15 4 'Structure model' '_pdbx_audit_support.funding_organization' 
16 5 'Structure model' '_database_2.pdbx_DOI'                     
17 5 'Structure model' '_database_2.pdbx_database_accession'      
# 
_pdbx_database_status.status_code                     REL 
_pdbx_database_status.status_code_sf                  REL 
_pdbx_database_status.status_code_mr                  ? 
_pdbx_database_status.entry_id                        6MUE 
_pdbx_database_status.recvd_initial_deposition_date   2018-10-23 
_pdbx_database_status.SG_entry                        N 
_pdbx_database_status.deposit_site                    RCSB 
_pdbx_database_status.process_site                    RCSB 
_pdbx_database_status.status_code_cs                  ? 
_pdbx_database_status.methods_development_category    ? 
_pdbx_database_status.pdb_format_compatible           Y 
_pdbx_database_status.status_code_nmr_data            ? 
# 
_pdbx_database_related.db_name        PDB 
_pdbx_database_related.details        . 
_pdbx_database_related.db_id          6MUD 
_pdbx_database_related.content_type   unspecified 
# 
loop_
_audit_author.name 
_audit_author.pdbx_ordinal 
_audit_author.identifier_ORCID 
'Gardill, B.R.'   1 0000-0001-7226-5786 
'Van Petegem, F.' 2 0000-0003-2728-8537 
# 
_citation.abstract                  ? 
_citation.abstract_id_CAS           ? 
_citation.book_id_ISBN              ? 
_citation.book_publisher            ? 
_citation.book_publisher_city       ? 
_citation.book_title                ? 
_citation.coordinate_linkage        ? 
_citation.country                   US 
_citation.database_id_Medline       ? 
_citation.details                   ? 
_citation.id                        primary 
_citation.journal_abbrev            Proc.Natl.Acad.Sci.USA 
_citation.journal_id_ASTM           PNASA6 
_citation.journal_id_CSD            0040 
_citation.journal_id_ISSN           1091-6490 
_citation.journal_full              ? 
_citation.journal_issue             ? 
_citation.journal_volume            116 
_citation.language                  ? 
_citation.page_first                10763 
_citation.page_last                 10772 
_citation.title                     
'Crystal structures of Ca2+-calmodulin bound to NaVC-terminal regions suggest role for EF-hand domain in binding and inactivation.' 
_citation.year                      2019 
_citation.database_id_CSD           ? 
_citation.pdbx_database_id_DOI      10.1073/pnas.1818618116 
_citation.pdbx_database_id_PubMed   31072926 
_citation.unpublished_flag          ? 
# 
loop_
_citation_author.citation_id 
_citation_author.name 
_citation_author.ordinal 
_citation_author.identifier_ORCID 
primary 'Gardill, B.R.'        1 ? 
primary 'Rivera-Acevedo, R.E.' 2 ? 
primary 'Tung, C.C.'           3 ? 
primary 'Van Petegem, F.'      4 ? 
# 
loop_
_entity.id 
_entity.type 
_entity.src_method 
_entity.pdbx_description 
_entity.formula_weight 
_entity.pdbx_number_of_molecules 
_entity.pdbx_ec 
_entity.pdbx_mutation 
_entity.pdbx_fragment 
_entity.details 
1 polymer     man Calmodulin-1                                  17047.744 1  ? ? ? ? 
2 polymer     syn 'Sodium channel protein type 4 subunit alpha' 3534.192  1  ? ? ? ? 
3 non-polymer syn 'CALCIUM ION'                                 40.078    4  ? ? ? ? 
4 water       nat water                                         18.015    45 ? ? ? ? 
# 
_entity_name_com.entity_id   2 
_entity_name_com.name        
;Mu-1,SkM1,Sodium channel protein skeletal muscle subunit alpha,Sodium channel protein type IV subunit alpha,Voltage-gated sodium channel subunit alpha Nav1.4
;
# 
loop_
_entity_poly.entity_id 
_entity_poly.type 
_entity_poly.nstd_linkage 
_entity_poly.nstd_monomer 
_entity_poly.pdbx_seq_one_letter_code 
_entity_poly.pdbx_seq_one_letter_code_can 
_entity_poly.pdbx_strand_id 
_entity_poly.pdbx_target_identifier 
1 'polypeptide(L)' no no 
;GHMADQLTEEQIAEFKEAFSLFDKDGDGTITTKELGTVMRSLGQNPTEAELQDMINEVDADGNGTIDFPEFLTMMARKMK
DTDSEEEIREAFRVFDKDGNGYISAAELRHVMTNLGEKLTDEEVDEMIREADIDGDGQVNYEEFVQMMTAK
;
;GHMADQLTEEQIAEFKEAFSLFDKDGDGTITTKELGTVMRSLGQNPTEAELQDMINEVDADGNGTIDFPEFLTMMARKMK
DTDSEEEIREAFRVFDKDGNGYISAAELRHVMTNLGEKLTDEEVDEMIREADIDGDGQVNYEEFVQMMTAK
;
A ? 
2 'polypeptide(L)' no no KRKQEEVCAIKIQRAYRRHLLQRSVKQAS KRKQEEVCAIKIQRAYRRHLLQRSVKQAS B ? 
# 
loop_
_pdbx_entity_nonpoly.entity_id 
_pdbx_entity_nonpoly.name 
_pdbx_entity_nonpoly.comp_id 
3 'CALCIUM ION' CA  
4 water         HOH 
# 
loop_
_entity_poly_seq.entity_id 
_entity_poly_seq.num 
_entity_poly_seq.mon_id 
_entity_poly_seq.hetero 
1 1   GLY n 
1 2   HIS n 
1 3   MET n 
1 4   ALA n 
1 5   ASP n 
1 6   GLN n 
1 7   LEU n 
1 8   THR n 
1 9   GLU n 
1 10  GLU n 
1 11  GLN n 
1 12  ILE n 
1 13  ALA n 
1 14  GLU n 
1 15  PHE n 
1 16  LYS n 
1 17  GLU n 
1 18  ALA n 
1 19  PHE n 
1 20  SER n 
1 21  LEU n 
1 22  PHE n 
1 23  ASP n 
1 24  LYS n 
1 25  ASP n 
1 26  GLY n 
1 27  ASP n 
1 28  GLY n 
1 29  THR n 
1 30  ILE n 
1 31  THR n 
1 32  THR n 
1 33  LYS n 
1 34  GLU n 
1 35  LEU n 
1 36  GLY n 
1 37  THR n 
1 38  VAL n 
1 39  MET n 
1 40  ARG n 
1 41  SER n 
1 42  LEU n 
1 43  GLY n 
1 44  GLN n 
1 45  ASN n 
1 46  PRO n 
1 47  THR n 
1 48  GLU n 
1 49  ALA n 
1 50  GLU n 
1 51  LEU n 
1 52  GLN n 
1 53  ASP n 
1 54  MET n 
1 55  ILE n 
1 56  ASN n 
1 57  GLU n 
1 58  VAL n 
1 59  ASP n 
1 60  ALA n 
1 61  ASP n 
1 62  GLY n 
1 63  ASN n 
1 64  GLY n 
1 65  THR n 
1 66  ILE n 
1 67  ASP n 
1 68  PHE n 
1 69  PRO n 
1 70  GLU n 
1 71  PHE n 
1 72  LEU n 
1 73  THR n 
1 74  MET n 
1 75  MET n 
1 76  ALA n 
1 77  ARG n 
1 78  LYS n 
1 79  MET n 
1 80  LYS n 
1 81  ASP n 
1 82  THR n 
1 83  ASP n 
1 84  SER n 
1 85  GLU n 
1 86  GLU n 
1 87  GLU n 
1 88  ILE n 
1 89  ARG n 
1 90  GLU n 
1 91  ALA n 
1 92  PHE n 
1 93  ARG n 
1 94  VAL n 
1 95  PHE n 
1 96  ASP n 
1 97  LYS n 
1 98  ASP n 
1 99  GLY n 
1 100 ASN n 
1 101 GLY n 
1 102 TYR n 
1 103 ILE n 
1 104 SER n 
1 105 ALA n 
1 106 ALA n 
1 107 GLU n 
1 108 LEU n 
1 109 ARG n 
1 110 HIS n 
1 111 VAL n 
1 112 MET n 
1 113 THR n 
1 114 ASN n 
1 115 LEU n 
1 116 GLY n 
1 117 GLU n 
1 118 LYS n 
1 119 LEU n 
1 120 THR n 
1 121 ASP n 
1 122 GLU n 
1 123 GLU n 
1 124 VAL n 
1 125 ASP n 
1 126 GLU n 
1 127 MET n 
1 128 ILE n 
1 129 ARG n 
1 130 GLU n 
1 131 ALA n 
1 132 ASP n 
1 133 ILE n 
1 134 ASP n 
1 135 GLY n 
1 136 ASP n 
1 137 GLY n 
1 138 GLN n 
1 139 VAL n 
1 140 ASN n 
1 141 TYR n 
1 142 GLU n 
1 143 GLU n 
1 144 PHE n 
1 145 VAL n 
1 146 GLN n 
1 147 MET n 
1 148 MET n 
1 149 THR n 
1 150 ALA n 
1 151 LYS n 
2 1   LYS n 
2 2   ARG n 
2 3   LYS n 
2 4   GLN n 
2 5   GLU n 
2 6   GLU n 
2 7   VAL n 
2 8   CYS n 
2 9   ALA n 
2 10  ILE n 
2 11  LYS n 
2 12  ILE n 
2 13  GLN n 
2 14  ARG n 
2 15  ALA n 
2 16  TYR n 
2 17  ARG n 
2 18  ARG n 
2 19  HIS n 
2 20  LEU n 
2 21  LEU n 
2 22  GLN n 
2 23  ARG n 
2 24  SER n 
2 25  VAL n 
2 26  LYS n 
2 27  GLN n 
2 28  ALA n 
2 29  SER n 
# 
_entity_src_gen.entity_id                          1 
_entity_src_gen.pdbx_src_id                        1 
_entity_src_gen.pdbx_alt_source_flag               sample 
_entity_src_gen.pdbx_seq_type                      'Biological sequence' 
_entity_src_gen.pdbx_beg_seq_num                   1 
_entity_src_gen.pdbx_end_seq_num                   151 
_entity_src_gen.gene_src_common_name               Human 
_entity_src_gen.gene_src_genus                     ? 
_entity_src_gen.pdbx_gene_src_gene                 'CALM1, CALM, CAM, CAM1' 
_entity_src_gen.gene_src_species                   ? 
_entity_src_gen.gene_src_strain                    ? 
_entity_src_gen.gene_src_tissue                    ? 
_entity_src_gen.gene_src_tissue_fraction           ? 
_entity_src_gen.gene_src_details                   ? 
_entity_src_gen.pdbx_gene_src_fragment             ? 
_entity_src_gen.pdbx_gene_src_scientific_name      'Homo sapiens' 
_entity_src_gen.pdbx_gene_src_ncbi_taxonomy_id     9606 
_entity_src_gen.pdbx_gene_src_variant              ? 
_entity_src_gen.pdbx_gene_src_cell_line            ? 
_entity_src_gen.pdbx_gene_src_atcc                 ? 
_entity_src_gen.pdbx_gene_src_organ                ? 
_entity_src_gen.pdbx_gene_src_organelle            ? 
_entity_src_gen.pdbx_gene_src_cell                 ? 
_entity_src_gen.pdbx_gene_src_cellular_location    ? 
_entity_src_gen.host_org_common_name               ? 
_entity_src_gen.pdbx_host_org_scientific_name      'Escherichia coli' 
_entity_src_gen.pdbx_host_org_ncbi_taxonomy_id     562 
_entity_src_gen.host_org_genus                     ? 
_entity_src_gen.pdbx_host_org_gene                 ? 
_entity_src_gen.pdbx_host_org_organ                ? 
_entity_src_gen.host_org_species                   ? 
_entity_src_gen.pdbx_host_org_tissue               ? 
_entity_src_gen.pdbx_host_org_tissue_fraction      ? 
_entity_src_gen.pdbx_host_org_strain               ? 
_entity_src_gen.pdbx_host_org_variant              ? 
_entity_src_gen.pdbx_host_org_cell_line            ? 
_entity_src_gen.pdbx_host_org_atcc                 ? 
_entity_src_gen.pdbx_host_org_culture_collection   ? 
_entity_src_gen.pdbx_host_org_cell                 ? 
_entity_src_gen.pdbx_host_org_organelle            ? 
_entity_src_gen.pdbx_host_org_cellular_location    ? 
_entity_src_gen.pdbx_host_org_vector_type          ? 
_entity_src_gen.pdbx_host_org_vector               ? 
_entity_src_gen.host_org_details                   ? 
_entity_src_gen.expression_system_id               ? 
_entity_src_gen.plasmid_name                       ? 
_entity_src_gen.plasmid_details                    ? 
_entity_src_gen.pdbx_description                   ? 
# 
_pdbx_entity_src_syn.entity_id              2 
_pdbx_entity_src_syn.pdbx_src_id            1 
_pdbx_entity_src_syn.pdbx_alt_source_flag   sample 
_pdbx_entity_src_syn.pdbx_beg_seq_num       1 
_pdbx_entity_src_syn.pdbx_end_seq_num       29 
_pdbx_entity_src_syn.organism_scientific    'Rattus norvegicus' 
_pdbx_entity_src_syn.organism_common_name   Rat 
_pdbx_entity_src_syn.ncbi_taxonomy_id       10116 
_pdbx_entity_src_syn.details                ? 
# 
loop_
_chem_comp.id 
_chem_comp.type 
_chem_comp.mon_nstd_flag 
_chem_comp.name 
_chem_comp.pdbx_synonyms 
_chem_comp.formula 
_chem_comp.formula_weight 
ALA 'L-peptide linking' y ALANINE         ? 'C3 H7 N O2'     89.093  
ARG 'L-peptide linking' y ARGININE        ? 'C6 H15 N4 O2 1' 175.209 
ASN 'L-peptide linking' y ASPARAGINE      ? 'C4 H8 N2 O3'    132.118 
ASP 'L-peptide linking' y 'ASPARTIC ACID' ? 'C4 H7 N O4'     133.103 
CA  non-polymer         . 'CALCIUM ION'   ? 'Ca 2'           40.078  
CYS 'L-peptide linking' y CYSTEINE        ? 'C3 H7 N O2 S'   121.158 
GLN 'L-peptide linking' y GLUTAMINE       ? 'C5 H10 N2 O3'   146.144 
GLU 'L-peptide linking' y 'GLUTAMIC ACID' ? 'C5 H9 N O4'     147.129 
GLY 'peptide linking'   y GLYCINE         ? 'C2 H5 N O2'     75.067  
HIS 'L-peptide linking' y HISTIDINE       ? 'C6 H10 N3 O2 1' 156.162 
HOH non-polymer         . WATER           ? 'H2 O'           18.015  
ILE 'L-peptide linking' y ISOLEUCINE      ? 'C6 H13 N O2'    131.173 
LEU 'L-peptide linking' y LEUCINE         ? 'C6 H13 N O2'    131.173 
LYS 'L-peptide linking' y LYSINE          ? 'C6 H15 N2 O2 1' 147.195 
MET 'L-peptide linking' y METHIONINE      ? 'C5 H11 N O2 S'  149.211 
PHE 'L-peptide linking' y PHENYLALANINE   ? 'C9 H11 N O2'    165.189 
PRO 'L-peptide linking' y PROLINE         ? 'C5 H9 N O2'     115.130 
SER 'L-peptide linking' y SERINE          ? 'C3 H7 N O3'     105.093 
THR 'L-peptide linking' y THREONINE       ? 'C4 H9 N O3'     119.119 
TYR 'L-peptide linking' y TYROSINE        ? 'C9 H11 N O3'    181.189 
VAL 'L-peptide linking' y VALINE          ? 'C5 H11 N O2'    117.146 
# 
loop_
_pdbx_poly_seq_scheme.asym_id 
_pdbx_poly_seq_scheme.entity_id 
_pdbx_poly_seq_scheme.seq_id 
_pdbx_poly_seq_scheme.mon_id 
_pdbx_poly_seq_scheme.ndb_seq_num 
_pdbx_poly_seq_scheme.pdb_seq_num 
_pdbx_poly_seq_scheme.auth_seq_num 
_pdbx_poly_seq_scheme.pdb_mon_id 
_pdbx_poly_seq_scheme.auth_mon_id 
_pdbx_poly_seq_scheme.pdb_strand_id 
_pdbx_poly_seq_scheme.pdb_ins_code 
_pdbx_poly_seq_scheme.hetero 
A 1 1   GLY 1   -1   ?    ?   ?   A . n 
A 1 2   HIS 2   0    ?    ?   ?   A . n 
A 1 3   MET 3   1    ?    ?   ?   A . n 
A 1 4   ALA 4   2    ?    ?   ?   A . n 
A 1 5   ASP 5   3    ?    ?   ?   A . n 
A 1 6   GLN 6   4    ?    ?   ?   A . n 
A 1 7   LEU 7   5    ?    ?   ?   A . n 
A 1 8   THR 8   6    ?    ?   ?   A . n 
A 1 9   GLU 9   7    7    GLU GLU A . n 
A 1 10  GLU 10  8    8    GLU GLU A . n 
A 1 11  GLN 11  9    9    GLN GLN A . n 
A 1 12  ILE 12  10   10   ILE ILE A . n 
A 1 13  ALA 13  11   11   ALA ALA A . n 
A 1 14  GLU 14  12   12   GLU GLU A . n 
A 1 15  PHE 15  13   13   PHE PHE A . n 
A 1 16  LYS 16  14   14   LYS LYS A . n 
A 1 17  GLU 17  15   15   GLU GLU A . n 
A 1 18  ALA 18  16   16   ALA ALA A . n 
A 1 19  PHE 19  17   17   PHE PHE A . n 
A 1 20  SER 20  18   18   SER SER A . n 
A 1 21  LEU 21  19   19   LEU LEU A . n 
A 1 22  PHE 22  20   20   PHE PHE A . n 
A 1 23  ASP 23  21   21   ASP ASP A . n 
A 1 24  LYS 24  22   22   LYS LYS A . n 
A 1 25  ASP 25  23   23   ASP ASP A . n 
A 1 26  GLY 26  24   24   GLY GLY A . n 
A 1 27  ASP 27  25   25   ASP ASP A . n 
A 1 28  GLY 28  26   26   GLY GLY A . n 
A 1 29  THR 29  27   27   THR THR A . n 
A 1 30  ILE 30  28   28   ILE ILE A . n 
A 1 31  THR 31  29   29   THR THR A . n 
A 1 32  THR 32  30   30   THR THR A . n 
A 1 33  LYS 33  31   31   LYS LYS A . n 
A 1 34  GLU 34  32   32   GLU GLU A . n 
A 1 35  LEU 35  33   33   LEU LEU A . n 
A 1 36  GLY 36  34   34   GLY GLY A . n 
A 1 37  THR 37  35   35   THR THR A . n 
A 1 38  VAL 38  36   36   VAL VAL A . n 
A 1 39  MET 39  37   37   MET MET A . n 
A 1 40  ARG 40  38   38   ARG ARG A . n 
A 1 41  SER 41  39   39   SER SER A . n 
A 1 42  LEU 42  40   40   LEU LEU A . n 
A 1 43  GLY 43  41   41   GLY GLY A . n 
A 1 44  GLN 44  42   42   GLN GLN A . n 
A 1 45  ASN 45  43   43   ASN ASN A . n 
A 1 46  PRO 46  44   44   PRO PRO A . n 
A 1 47  THR 47  45   45   THR THR A . n 
A 1 48  GLU 48  46   46   GLU GLU A . n 
A 1 49  ALA 49  47   47   ALA ALA A . n 
A 1 50  GLU 50  48   48   GLU GLU A . n 
A 1 51  LEU 51  49   49   LEU LEU A . n 
A 1 52  GLN 52  50   50   GLN GLN A . n 
A 1 53  ASP 53  51   51   ASP ASP A . n 
A 1 54  MET 54  52   52   MET MET A . n 
A 1 55  ILE 55  53   53   ILE ILE A . n 
A 1 56  ASN 56  54   54   ASN ASN A . n 
A 1 57  GLU 57  55   55   GLU GLU A . n 
A 1 58  VAL 58  56   56   VAL VAL A . n 
A 1 59  ASP 59  57   57   ASP ASP A . n 
A 1 60  ALA 60  58   58   ALA ALA A . n 
A 1 61  ASP 61  59   59   ASP ASP A . n 
A 1 62  GLY 62  60   60   GLY GLY A . n 
A 1 63  ASN 63  61   61   ASN ASN A . n 
A 1 64  GLY 64  62   62   GLY GLY A . n 
A 1 65  THR 65  63   63   THR THR A . n 
A 1 66  ILE 66  64   64   ILE ILE A . n 
A 1 67  ASP 67  65   65   ASP ASP A . n 
A 1 68  PHE 68  66   66   PHE PHE A . n 
A 1 69  PRO 69  67   67   PRO PRO A . n 
A 1 70  GLU 70  68   68   GLU GLU A . n 
A 1 71  PHE 71  69   69   PHE PHE A . n 
A 1 72  LEU 72  70   70   LEU LEU A . n 
A 1 73  THR 73  71   71   THR THR A . n 
A 1 74  MET 74  72   72   MET MET A . n 
A 1 75  MET 75  73   73   MET MET A . n 
A 1 76  ALA 76  74   74   ALA ALA A . n 
A 1 77  ARG 77  75   75   ARG ARG A . n 
A 1 78  LYS 78  76   76   LYS LYS A . n 
A 1 79  MET 79  77   77   MET MET A . n 
A 1 80  LYS 80  78   78   LYS LYS A . n 
A 1 81  ASP 81  79   79   ASP ASP A . n 
A 1 82  THR 82  80   80   THR THR A . n 
A 1 83  ASP 83  81   81   ASP ASP A . n 
A 1 84  SER 84  82   82   SER SER A . n 
A 1 85  GLU 85  83   83   GLU GLU A . n 
A 1 86  GLU 86  84   84   GLU GLU A . n 
A 1 87  GLU 87  85   85   GLU GLU A . n 
A 1 88  ILE 88  86   86   ILE ILE A . n 
A 1 89  ARG 89  87   87   ARG ARG A . n 
A 1 90  GLU 90  88   88   GLU GLU A . n 
A 1 91  ALA 91  89   89   ALA ALA A . n 
A 1 92  PHE 92  90   90   PHE PHE A . n 
A 1 93  ARG 93  91   91   ARG ARG A . n 
A 1 94  VAL 94  92   92   VAL VAL A . n 
A 1 95  PHE 95  93   93   PHE PHE A . n 
A 1 96  ASP 96  94   94   ASP ASP A . n 
A 1 97  LYS 97  95   95   LYS LYS A . n 
A 1 98  ASP 98  96   96   ASP ASP A . n 
A 1 99  GLY 99  97   97   GLY GLY A . n 
A 1 100 ASN 100 98   98   ASN ASN A . n 
A 1 101 GLY 101 99   99   GLY GLY A . n 
A 1 102 TYR 102 100  100  TYR TYR A . n 
A 1 103 ILE 103 101  101  ILE ILE A . n 
A 1 104 SER 104 102  102  SER SER A . n 
A 1 105 ALA 105 103  103  ALA ALA A . n 
A 1 106 ALA 106 104  104  ALA ALA A . n 
A 1 107 GLU 107 105  105  GLU GLU A . n 
A 1 108 LEU 108 106  106  LEU LEU A . n 
A 1 109 ARG 109 107  107  ARG ARG A . n 
A 1 110 HIS 110 108  108  HIS HIS A . n 
A 1 111 VAL 111 109  109  VAL VAL A . n 
A 1 112 MET 112 110  110  MET MET A . n 
A 1 113 THR 113 111  111  THR THR A . n 
A 1 114 ASN 114 112  112  ASN ASN A . n 
A 1 115 LEU 115 113  ?    ?   ?   A . n 
A 1 116 GLY 116 114  ?    ?   ?   A . n 
A 1 117 GLU 117 115  ?    ?   ?   A . n 
A 1 118 LYS 118 116  116  LYS LYS A . n 
A 1 119 LEU 119 117  117  LEU LEU A . n 
A 1 120 THR 120 118  118  THR THR A . n 
A 1 121 ASP 121 119  119  ASP ASP A . n 
A 1 122 GLU 122 120  120  GLU GLU A . n 
A 1 123 GLU 123 121  121  GLU GLU A . n 
A 1 124 VAL 124 122  122  VAL VAL A . n 
A 1 125 ASP 125 123  123  ASP ASP A . n 
A 1 126 GLU 126 124  124  GLU GLU A . n 
A 1 127 MET 127 125  125  MET MET A . n 
A 1 128 ILE 128 126  126  ILE ILE A . n 
A 1 129 ARG 129 127  127  ARG ARG A . n 
A 1 130 GLU 130 128  128  GLU GLU A . n 
A 1 131 ALA 131 129  129  ALA ALA A . n 
A 1 132 ASP 132 130  130  ASP ASP A . n 
A 1 133 ILE 133 131  131  ILE ILE A . n 
A 1 134 ASP 134 132  132  ASP ASP A . n 
A 1 135 GLY 135 133  133  GLY GLY A . n 
A 1 136 ASP 136 134  134  ASP ASP A . n 
A 1 137 GLY 137 135  135  GLY GLY A . n 
A 1 138 GLN 138 136  136  GLN GLN A . n 
A 1 139 VAL 139 137  137  VAL VAL A . n 
A 1 140 ASN 140 138  138  ASN ASN A . n 
A 1 141 TYR 141 139  139  TYR TYR A . n 
A 1 142 GLU 142 140  140  GLU GLU A . n 
A 1 143 GLU 143 141  141  GLU GLU A . n 
A 1 144 PHE 144 142  142  PHE PHE A . n 
A 1 145 VAL 145 143  143  VAL VAL A . n 
A 1 146 GLN 146 144  144  GLN GLN A . n 
A 1 147 MET 147 145  145  MET MET A . n 
A 1 148 MET 148 146  146  MET MET A . n 
A 1 149 THR 149 147  147  THR THR A . n 
A 1 150 ALA 150 148  148  ALA ALA A . n 
A 1 151 LYS 151 149  ?    ?   ?   A . n 
B 2 1   LYS 1   1716 ?    ?   ?   B . n 
B 2 2   ARG 2   1717 ?    ?   ?   B . n 
B 2 3   LYS 3   1718 ?    ?   ?   B . n 
B 2 4   GLN 4   1719 ?    ?   ?   B . n 
B 2 5   GLU 5   1720 ?    ?   ?   B . n 
B 2 6   GLU 6   1721 1721 GLU GLU B . n 
B 2 7   VAL 7   1722 1722 VAL VAL B . n 
B 2 8   CYS 8   1723 1723 CYS CYS B . n 
B 2 9   ALA 9   1724 1724 ALA ALA B . n 
B 2 10  ILE 10  1725 1725 ILE ILE B . n 
B 2 11  LYS 11  1726 1726 LYS LYS B . n 
B 2 12  ILE 12  1727 1727 ILE ILE B . n 
B 2 13  GLN 13  1728 1728 GLN GLN B . n 
B 2 14  ARG 14  1729 1729 ARG ARG B . n 
B 2 15  ALA 15  1730 1730 ALA ALA B . n 
B 2 16  TYR 16  1731 1731 TYR TYR B . n 
B 2 17  ARG 17  1732 1732 ARG ARG B . n 
B 2 18  ARG 18  1733 1733 ARG ARG B . n 
B 2 19  HIS 19  1734 1734 HIS HIS B . n 
B 2 20  LEU 20  1735 1735 LEU LEU B . n 
B 2 21  LEU 21  1736 ?    ?   ?   B . n 
B 2 22  GLN 22  1737 ?    ?   ?   B . n 
B 2 23  ARG 23  1738 ?    ?   ?   B . n 
B 2 24  SER 24  1739 ?    ?   ?   B . n 
B 2 25  VAL 25  1740 ?    ?   ?   B . n 
B 2 26  LYS 26  1741 ?    ?   ?   B . n 
B 2 27  GLN 27  1742 ?    ?   ?   B . n 
B 2 28  ALA 28  1743 ?    ?   ?   B . n 
B 2 29  SER 29  1744 ?    ?   ?   B . n 
# 
loop_
_pdbx_nonpoly_scheme.asym_id 
_pdbx_nonpoly_scheme.entity_id 
_pdbx_nonpoly_scheme.mon_id 
_pdbx_nonpoly_scheme.ndb_seq_num 
_pdbx_nonpoly_scheme.pdb_seq_num 
_pdbx_nonpoly_scheme.auth_seq_num 
_pdbx_nonpoly_scheme.pdb_mon_id 
_pdbx_nonpoly_scheme.auth_mon_id 
_pdbx_nonpoly_scheme.pdb_strand_id 
_pdbx_nonpoly_scheme.pdb_ins_code 
C 3 CA  1  201  1  CA  CA  A . 
D 3 CA  1  202  2  CA  CA  A . 
E 3 CA  1  203  3  CA  CA  A . 
F 3 CA  1  204  4  CA  CA  A . 
G 4 HOH 1  301  13 HOH HOH A . 
G 4 HOH 2  302  46 HOH HOH A . 
G 4 HOH 3  303  42 HOH HOH A . 
G 4 HOH 4  304  24 HOH HOH A . 
G 4 HOH 5  305  44 HOH HOH A . 
G 4 HOH 6  306  21 HOH HOH A . 
G 4 HOH 7  307  40 HOH HOH A . 
G 4 HOH 8  308  9  HOH HOH A . 
G 4 HOH 9  309  39 HOH HOH A . 
G 4 HOH 10 310  45 HOH HOH A . 
G 4 HOH 11 311  15 HOH HOH A . 
G 4 HOH 12 312  18 HOH HOH A . 
G 4 HOH 13 313  3  HOH HOH A . 
G 4 HOH 14 314  2  HOH HOH A . 
G 4 HOH 15 315  5  HOH HOH A . 
G 4 HOH 16 316  1  HOH HOH A . 
G 4 HOH 17 317  20 HOH HOH A . 
G 4 HOH 18 318  41 HOH HOH A . 
G 4 HOH 19 319  6  HOH HOH A . 
G 4 HOH 20 320  4  HOH HOH A . 
G 4 HOH 21 321  17 HOH HOH A . 
G 4 HOH 22 322  38 HOH HOH A . 
G 4 HOH 23 323  32 HOH HOH A . 
G 4 HOH 24 324  10 HOH HOH A . 
G 4 HOH 25 325  29 HOH HOH A . 
G 4 HOH 26 326  19 HOH HOH A . 
G 4 HOH 27 327  7  HOH HOH A . 
G 4 HOH 28 328  11 HOH HOH A . 
G 4 HOH 29 329  14 HOH HOH A . 
G 4 HOH 30 330  23 HOH HOH A . 
G 4 HOH 31 331  33 HOH HOH A . 
G 4 HOH 32 332  26 HOH HOH A . 
G 4 HOH 33 333  28 HOH HOH A . 
G 4 HOH 34 334  12 HOH HOH A . 
G 4 HOH 35 335  36 HOH HOH A . 
G 4 HOH 36 336  8  HOH HOH A . 
G 4 HOH 37 337  22 HOH HOH A . 
G 4 HOH 38 338  16 HOH HOH A . 
G 4 HOH 39 339  25 HOH HOH A . 
G 4 HOH 40 340  47 HOH HOH A . 
G 4 HOH 41 341  34 HOH HOH A . 
G 4 HOH 42 342  31 HOH HOH A . 
G 4 HOH 43 343  30 HOH HOH A . 
H 4 HOH 1  1801 27 HOH HOH B . 
H 4 HOH 2  1802 37 HOH HOH B . 
# 
loop_
_pdbx_unobs_or_zero_occ_atoms.id 
_pdbx_unobs_or_zero_occ_atoms.PDB_model_num 
_pdbx_unobs_or_zero_occ_atoms.polymer_flag 
_pdbx_unobs_or_zero_occ_atoms.occupancy_flag 
_pdbx_unobs_or_zero_occ_atoms.auth_asym_id 
_pdbx_unobs_or_zero_occ_atoms.auth_comp_id 
_pdbx_unobs_or_zero_occ_atoms.auth_seq_id 
_pdbx_unobs_or_zero_occ_atoms.PDB_ins_code 
_pdbx_unobs_or_zero_occ_atoms.auth_atom_id 
_pdbx_unobs_or_zero_occ_atoms.label_alt_id 
_pdbx_unobs_or_zero_occ_atoms.label_asym_id 
_pdbx_unobs_or_zero_occ_atoms.label_comp_id 
_pdbx_unobs_or_zero_occ_atoms.label_seq_id 
_pdbx_unobs_or_zero_occ_atoms.label_atom_id 
1  1 Y 1 A GLU 7    ? CG  ? A GLU 9   CG  
2  1 Y 1 A GLU 7    ? CD  ? A GLU 9   CD  
3  1 Y 1 A GLU 7    ? OE1 ? A GLU 9   OE1 
4  1 Y 1 A GLU 7    ? OE2 ? A GLU 9   OE2 
5  1 Y 1 A GLU 8    ? CG  ? A GLU 10  CG  
6  1 Y 1 A GLU 8    ? CD  ? A GLU 10  CD  
7  1 Y 1 A GLU 8    ? OE1 ? A GLU 10  OE1 
8  1 Y 1 A GLU 8    ? OE2 ? A GLU 10  OE2 
9  1 Y 1 A LYS 76   ? CG  ? A LYS 78  CG  
10 1 Y 1 A LYS 76   ? CD  ? A LYS 78  CD  
11 1 Y 1 A LYS 76   ? CE  ? A LYS 78  CE  
12 1 Y 1 A LYS 76   ? NZ  ? A LYS 78  NZ  
13 1 Y 1 A LYS 116  ? CG  ? A LYS 118 CG  
14 1 Y 1 A LYS 116  ? CD  ? A LYS 118 CD  
15 1 Y 1 A LYS 116  ? CE  ? A LYS 118 CE  
16 1 Y 1 A LYS 116  ? NZ  ? A LYS 118 NZ  
17 1 Y 1 B GLU 1721 ? CG  ? B GLU 6   CG  
18 1 Y 1 B GLU 1721 ? CD  ? B GLU 6   CD  
19 1 Y 1 B GLU 1721 ? OE1 ? B GLU 6   OE1 
20 1 Y 1 B GLU 1721 ? OE2 ? B GLU 6   OE2 
21 1 Y 1 B LEU 1735 ? CG  ? B LEU 20  CG  
22 1 Y 1 B LEU 1735 ? CD1 ? B LEU 20  CD1 
23 1 Y 1 B LEU 1735 ? CD2 ? B LEU 20  CD2 
# 
loop_
_software.citation_id 
_software.classification 
_software.compiler_name 
_software.compiler_version 
_software.contact_author 
_software.contact_author_email 
_software.date 
_software.description 
_software.dependencies 
_software.hardware 
_software.language 
_software.location 
_software.mods 
_software.name 
_software.os 
_software.os_version 
_software.type 
_software.version 
_software.pdbx_ordinal 
? refinement        ? ? ? ? ? ? ? ? ? ? ? REFMAC      ? ? ? 5.8.0230           1 
? 'data extraction' ? ? ? ? ? ? ? ? ? ? ? PDB_EXTRACT ? ? ? 3.24               2 
? 'data reduction'  ? ? ? ? ? ? ? ? ? ? ? XDS         ? ? ? 'October 15, 2015' 3 
? 'data scaling'    ? ? ? ? ? ? ? ? ? ? ? XDS         ? ? ? 'October 15, 2015' 4 
? phasing           ? ? ? ? ? ? ? ? ? ? ? PHASER      ? ? ? .                  5 
# 
_cell.angle_alpha                  90.000 
_cell.angle_alpha_esd              ? 
_cell.angle_beta                   112.630 
_cell.angle_beta_esd               ? 
_cell.angle_gamma                  90.000 
_cell.angle_gamma_esd              ? 
_cell.entry_id                     6MUE 
_cell.details                      ? 
_cell.formula_units_Z              ? 
_cell.length_a                     58.580 
_cell.length_a_esd                 ? 
_cell.length_b                     24.433 
_cell.length_b_esd                 ? 
_cell.length_c                     60.720 
_cell.length_c_esd                 ? 
_cell.volume                       ? 
_cell.volume_esd                   ? 
_cell.Z_PDB                        2 
_cell.reciprocal_angle_alpha       ? 
_cell.reciprocal_angle_beta        ? 
_cell.reciprocal_angle_gamma       ? 
_cell.reciprocal_angle_alpha_esd   ? 
_cell.reciprocal_angle_beta_esd    ? 
_cell.reciprocal_angle_gamma_esd   ? 
_cell.reciprocal_length_a          ? 
_cell.reciprocal_length_b          ? 
_cell.reciprocal_length_c          ? 
_cell.reciprocal_length_a_esd      ? 
_cell.reciprocal_length_b_esd      ? 
_cell.reciprocal_length_c_esd      ? 
_cell.pdbx_unique_axis             ? 
# 
_symmetry.entry_id                         6MUE 
_symmetry.cell_setting                     ? 
_symmetry.Int_Tables_number                3 
_symmetry.space_group_name_Hall            ? 
_symmetry.space_group_name_H-M             'P 1 2 1' 
_symmetry.pdbx_full_space_group_name_H-M   ? 
# 
_exptl.absorpt_coefficient_mu     ? 
_exptl.absorpt_correction_T_max   ? 
_exptl.absorpt_correction_T_min   ? 
_exptl.absorpt_correction_type    ? 
_exptl.absorpt_process_details    ? 
_exptl.entry_id                   6MUE 
_exptl.crystals_number            1 
_exptl.details                    ? 
_exptl.method                     'X-RAY DIFFRACTION' 
_exptl.method_details             ? 
# 
_exptl_crystal.colour                      ? 
_exptl_crystal.density_diffrn              ? 
_exptl_crystal.density_Matthews            1.95 
_exptl_crystal.density_method              ? 
_exptl_crystal.density_percent_sol         36.88 
_exptl_crystal.description                 ? 
_exptl_crystal.F_000                       ? 
_exptl_crystal.id                          1 
_exptl_crystal.preparation                 ? 
_exptl_crystal.size_max                    ? 
_exptl_crystal.size_mid                    ? 
_exptl_crystal.size_min                    ? 
_exptl_crystal.size_rad                    ? 
_exptl_crystal.colour_lustre               ? 
_exptl_crystal.colour_modifier             ? 
_exptl_crystal.colour_primary              ? 
_exptl_crystal.density_meas                ? 
_exptl_crystal.density_meas_esd            ? 
_exptl_crystal.density_meas_gt             ? 
_exptl_crystal.density_meas_lt             ? 
_exptl_crystal.density_meas_temp           ? 
_exptl_crystal.density_meas_temp_esd       ? 
_exptl_crystal.density_meas_temp_gt        ? 
_exptl_crystal.density_meas_temp_lt        ? 
_exptl_crystal.pdbx_crystal_image_url      ? 
_exptl_crystal.pdbx_crystal_image_format   ? 
_exptl_crystal.pdbx_mosaicity              ? 
_exptl_crystal.pdbx_mosaicity_esd          ? 
# 
_exptl_crystal_grow.apparatus       ? 
_exptl_crystal_grow.atmosphere      ? 
_exptl_crystal_grow.crystal_id      1 
_exptl_crystal_grow.details         ? 
_exptl_crystal_grow.method          'VAPOR DIFFUSION, HANGING DROP' 
_exptl_crystal_grow.method_ref      ? 
_exptl_crystal_grow.pH              6 
_exptl_crystal_grow.pressure        ? 
_exptl_crystal_grow.pressure_esd    ? 
_exptl_crystal_grow.seeding         ? 
_exptl_crystal_grow.seeding_ref     ? 
_exptl_crystal_grow.temp            277 
_exptl_crystal_grow.temp_details    ? 
_exptl_crystal_grow.temp_esd        ? 
_exptl_crystal_grow.time            ? 
_exptl_crystal_grow.pdbx_details    '0.1 M MES pH 6.0 and 55 % (v/v) isopropanol' 
_exptl_crystal_grow.pdbx_pH_range   ? 
# 
_diffrn.ambient_environment              ? 
_diffrn.ambient_temp                     100 
_diffrn.ambient_temp_details             ? 
_diffrn.ambient_temp_esd                 ? 
_diffrn.crystal_id                       1 
_diffrn.crystal_support                  ? 
_diffrn.crystal_treatment                ? 
_diffrn.details                          ? 
_diffrn.id                               1 
_diffrn.ambient_pressure                 ? 
_diffrn.ambient_pressure_esd             ? 
_diffrn.ambient_pressure_gt              ? 
_diffrn.ambient_pressure_lt              ? 
_diffrn.ambient_temp_gt                  ? 
_diffrn.ambient_temp_lt                  ? 
_diffrn.pdbx_serial_crystal_experiment   N 
# 
_diffrn_detector.details                      ? 
_diffrn_detector.detector                     CCD 
_diffrn_detector.diffrn_id                    1 
_diffrn_detector.type                         'MARMOSAIC 300 mm CCD' 
_diffrn_detector.area_resol_mean              ? 
_diffrn_detector.dtime                        ? 
_diffrn_detector.pdbx_frames_total            ? 
_diffrn_detector.pdbx_collection_time_total   ? 
_diffrn_detector.pdbx_collection_date         2015-12-06 
_diffrn_detector.pdbx_frequency               ? 
# 
_diffrn_radiation.collimation                      ? 
_diffrn_radiation.diffrn_id                        1 
_diffrn_radiation.filter_edge                      ? 
_diffrn_radiation.inhomogeneity                    ? 
_diffrn_radiation.monochromator                    'double crystal' 
_diffrn_radiation.polarisn_norm                    ? 
_diffrn_radiation.polarisn_ratio                   ? 
_diffrn_radiation.probe                            ? 
_diffrn_radiation.type                             ? 
_diffrn_radiation.xray_symbol                      ? 
_diffrn_radiation.wavelength_id                    1 
_diffrn_radiation.pdbx_monochromatic_or_laue_m_l   M 
_diffrn_radiation.pdbx_wavelength_list             ? 
_diffrn_radiation.pdbx_wavelength                  ? 
_diffrn_radiation.pdbx_diffrn_protocol             'SINGLE WAVELENGTH' 
_diffrn_radiation.pdbx_analyzer                    ? 
_diffrn_radiation.pdbx_scattering_type             x-ray 
# 
_diffrn_radiation_wavelength.id           1 
_diffrn_radiation_wavelength.wavelength   1.0332 
_diffrn_radiation_wavelength.wt           1.0 
# 
_diffrn_source.current                     ? 
_diffrn_source.details                     ? 
_diffrn_source.diffrn_id                   1 
_diffrn_source.power                       ? 
_diffrn_source.size                        ? 
_diffrn_source.source                      SYNCHROTRON 
_diffrn_source.target                      ? 
_diffrn_source.type                        'APS BEAMLINE 23-ID-B' 
_diffrn_source.voltage                     ? 
_diffrn_source.take-off_angle              ? 
_diffrn_source.pdbx_wavelength_list        1.0332 
_diffrn_source.pdbx_wavelength             ? 
_diffrn_source.pdbx_synchrotron_beamline   23-ID-B 
_diffrn_source.pdbx_synchrotron_site       APS 
# 
_reflns.B_iso_Wilson_estimate            ? 
_reflns.entry_id                         6MUE 
_reflns.data_reduction_details           ? 
_reflns.data_reduction_method            ? 
_reflns.d_resolution_high                1.80 
_reflns.d_resolution_low                 50 
_reflns.details                          ? 
_reflns.limit_h_max                      ? 
_reflns.limit_h_min                      ? 
_reflns.limit_k_max                      ? 
_reflns.limit_k_min                      ? 
_reflns.limit_l_max                      ? 
_reflns.limit_l_min                      ? 
_reflns.number_all                       ? 
_reflns.number_obs                       14964 
_reflns.observed_criterion               ? 
_reflns.observed_criterion_F_max         ? 
_reflns.observed_criterion_F_min         ? 
_reflns.observed_criterion_I_max         ? 
_reflns.observed_criterion_I_min         ? 
_reflns.observed_criterion_sigma_F       ? 
_reflns.observed_criterion_sigma_I       ? 
_reflns.percent_possible_obs             98.3 
_reflns.R_free_details                   ? 
_reflns.Rmerge_F_all                     ? 
_reflns.Rmerge_F_obs                     ? 
_reflns.Friedel_coverage                 ? 
_reflns.number_gt                        ? 
_reflns.threshold_expression             ? 
_reflns.pdbx_redundancy                  3.81 
_reflns.pdbx_Rmerge_I_obs                ? 
_reflns.pdbx_Rmerge_I_all                ? 
_reflns.pdbx_Rsym_value                  ? 
_reflns.pdbx_netI_over_av_sigmaI         ? 
_reflns.pdbx_netI_over_sigmaI            9.66 
_reflns.pdbx_res_netI_over_av_sigmaI_2   ? 
_reflns.pdbx_res_netI_over_sigmaI_2      ? 
_reflns.pdbx_chi_squared                 ? 
_reflns.pdbx_scaling_rejects             ? 
_reflns.pdbx_d_res_high_opt              ? 
_reflns.pdbx_d_res_low_opt               ? 
_reflns.pdbx_d_res_opt_method            ? 
_reflns.phase_calculation_details        ? 
_reflns.pdbx_Rrim_I_all                  0.093 
_reflns.pdbx_Rpim_I_all                  ? 
_reflns.pdbx_d_opt                       ? 
_reflns.pdbx_number_measured_all         ? 
_reflns.pdbx_diffrn_id                   1 
_reflns.pdbx_ordinal                     1 
_reflns.pdbx_CC_half                     ? 
_reflns.pdbx_R_split                     ? 
# 
_reflns_shell.d_res_high                  1.80 
_reflns_shell.d_res_low                   1.91 
_reflns_shell.meanI_over_sigI_all         ? 
_reflns_shell.meanI_over_sigI_obs         1.68 
_reflns_shell.number_measured_all         ? 
_reflns_shell.number_measured_obs         ? 
_reflns_shell.number_possible             ? 
_reflns_shell.number_unique_all           ? 
_reflns_shell.number_unique_obs           2235 
_reflns_shell.percent_possible_all        91.4 
_reflns_shell.percent_possible_obs        ? 
_reflns_shell.Rmerge_F_all                ? 
_reflns_shell.Rmerge_F_obs                ? 
_reflns_shell.Rmerge_I_all                ? 
_reflns_shell.Rmerge_I_obs                ? 
_reflns_shell.meanI_over_sigI_gt          ? 
_reflns_shell.meanI_over_uI_all           ? 
_reflns_shell.meanI_over_uI_gt            ? 
_reflns_shell.number_measured_gt          ? 
_reflns_shell.number_unique_gt            ? 
_reflns_shell.percent_possible_gt         ? 
_reflns_shell.Rmerge_F_gt                 ? 
_reflns_shell.Rmerge_I_gt                 ? 
_reflns_shell.pdbx_redundancy             3.37 
_reflns_shell.pdbx_Rsym_value             ? 
_reflns_shell.pdbx_chi_squared            ? 
_reflns_shell.pdbx_netI_over_sigmaI_all   ? 
_reflns_shell.pdbx_netI_over_sigmaI_obs   ? 
_reflns_shell.pdbx_Rrim_I_all             0.744 
_reflns_shell.pdbx_Rpim_I_all             ? 
_reflns_shell.pdbx_rejects                ? 
_reflns_shell.pdbx_ordinal                1 
_reflns_shell.pdbx_diffrn_id              1 
_reflns_shell.pdbx_CC_half                ? 
_reflns_shell.pdbx_R_split                ? 
# 
_refine.aniso_B[1][1]                            1.7700 
_refine.aniso_B[1][2]                            0.0000 
_refine.aniso_B[1][3]                            0.7700 
_refine.aniso_B[2][2]                            -1.1900 
_refine.aniso_B[2][3]                            0.0000 
_refine.aniso_B[3][3]                            -0.9100 
_refine.B_iso_max                                87.230 
_refine.B_iso_mean                               36.9060 
_refine.B_iso_min                                19.510 
_refine.correlation_coeff_Fo_to_Fc               0.9470 
_refine.correlation_coeff_Fo_to_Fc_free          0.9320 
_refine.details                                  
'HYDROGENS HAVE BEEN ADDED IN THE RIDING POSITIONS U VALUES      : REFINED INDIVIDUALLY' 
_refine.diff_density_max                         ? 
_refine.diff_density_max_esd                     ? 
_refine.diff_density_min                         ? 
_refine.diff_density_min_esd                     ? 
_refine.diff_density_rms                         ? 
_refine.diff_density_rms_esd                     ? 
_refine.entry_id                                 6MUE 
_refine.pdbx_refine_id                           'X-RAY DIFFRACTION' 
_refine.ls_abs_structure_details                 ? 
_refine.ls_abs_structure_Flack                   ? 
_refine.ls_abs_structure_Flack_esd               ? 
_refine.ls_abs_structure_Rogers                  ? 
_refine.ls_abs_structure_Rogers_esd              ? 
_refine.ls_d_res_high                            1.9000 
_refine.ls_d_res_low                             33.0700 
_refine.ls_extinction_coef                       ? 
_refine.ls_extinction_coef_esd                   ? 
_refine.ls_extinction_expression                 ? 
_refine.ls_extinction_method                     ? 
_refine.ls_goodness_of_fit_all                   ? 
_refine.ls_goodness_of_fit_all_esd               ? 
_refine.ls_goodness_of_fit_obs                   ? 
_refine.ls_goodness_of_fit_obs_esd               ? 
_refine.ls_hydrogen_treatment                    ? 
_refine.ls_matrix_type                           ? 
_refine.ls_number_constraints                    ? 
_refine.ls_number_parameters                     ? 
_refine.ls_number_reflns_all                     ? 
_refine.ls_number_reflns_obs                     12292 
_refine.ls_number_reflns_R_free                  647 
_refine.ls_number_reflns_R_work                  ? 
_refine.ls_number_restraints                     ? 
_refine.ls_percent_reflns_obs                    99.8600 
_refine.ls_percent_reflns_R_free                 5.0000 
_refine.ls_R_factor_all                          ? 
_refine.ls_R_factor_obs                          0.2159 
_refine.ls_R_factor_R_free                       0.2603 
_refine.ls_R_factor_R_free_error                 ? 
_refine.ls_R_factor_R_free_error_details         ? 
_refine.ls_R_factor_R_work                       0.2136 
_refine.ls_R_Fsqd_factor_obs                     ? 
_refine.ls_R_I_factor_obs                        ? 
_refine.ls_redundancy_reflns_all                 ? 
_refine.ls_redundancy_reflns_obs                 ? 
_refine.ls_restrained_S_all                      ? 
_refine.ls_restrained_S_obs                      ? 
_refine.ls_shift_over_esd_max                    ? 
_refine.ls_shift_over_esd_mean                   ? 
_refine.ls_structure_factor_coef                 ? 
_refine.ls_weighting_details                     ? 
_refine.ls_weighting_scheme                      ? 
_refine.ls_wR_factor_all                         ? 
_refine.ls_wR_factor_obs                         ? 
_refine.ls_wR_factor_R_free                      ? 
_refine.ls_wR_factor_R_work                      ? 
_refine.occupancy_max                            ? 
_refine.occupancy_min                            ? 
_refine.solvent_model_details                    ? 
_refine.solvent_model_param_bsol                 ? 
_refine.solvent_model_param_ksol                 ? 
_refine.ls_R_factor_gt                           ? 
_refine.ls_goodness_of_fit_gt                    ? 
_refine.ls_goodness_of_fit_ref                   ? 
_refine.ls_shift_over_su_max                     ? 
_refine.ls_shift_over_su_max_lt                  ? 
_refine.ls_shift_over_su_mean                    ? 
_refine.ls_shift_over_su_mean_lt                 ? 
_refine.pdbx_ls_sigma_I                          ? 
_refine.pdbx_ls_sigma_F                          0.000 
_refine.pdbx_ls_sigma_Fsqd                       ? 
_refine.pdbx_data_cutoff_high_absF               ? 
_refine.pdbx_data_cutoff_high_rms_absF           ? 
_refine.pdbx_data_cutoff_low_absF                ? 
_refine.pdbx_isotropic_thermal_model             ? 
_refine.pdbx_ls_cross_valid_method               THROUGHOUT 
_refine.pdbx_method_to_determine_struct          'MOLECULAR REPLACEMENT' 
_refine.pdbx_starting_model                      4djc 
_refine.pdbx_stereochemistry_target_values       ? 
_refine.pdbx_R_Free_selection_details            RANDOM 
_refine.pdbx_stereochem_target_val_spec_case     ? 
_refine.pdbx_overall_ESU_R                       0.1790 
_refine.pdbx_overall_ESU_R_Free                  0.1650 
_refine.pdbx_solvent_vdw_probe_radii             1.2000 
_refine.pdbx_solvent_ion_probe_radii             0.8000 
_refine.pdbx_solvent_shrinkage_radii             0.8000 
_refine.pdbx_real_space_R                        ? 
_refine.pdbx_density_correlation                 ? 
_refine.pdbx_pd_number_of_powder_patterns        ? 
_refine.pdbx_pd_number_of_points                 ? 
_refine.pdbx_pd_meas_number_of_points            ? 
_refine.pdbx_pd_proc_ls_prof_R_factor            ? 
_refine.pdbx_pd_proc_ls_prof_wR_factor           ? 
_refine.pdbx_pd_Marquardt_correlation_coeff      ? 
_refine.pdbx_pd_Fsqrd_R_factor                   ? 
_refine.pdbx_pd_ls_matrix_band_width             ? 
_refine.pdbx_overall_phase_error                 ? 
_refine.pdbx_overall_SU_R_free_Cruickshank_DPI   ? 
_refine.pdbx_overall_SU_R_free_Blow_DPI          ? 
_refine.pdbx_overall_SU_R_Blow_DPI               ? 
_refine.pdbx_TLS_residual_ADP_flag               ? 
_refine.pdbx_diffrn_id                           1 
_refine.overall_SU_B                             4.8650 
_refine.overall_SU_ML                            0.1370 
_refine.overall_SU_R_Cruickshank_DPI             ? 
_refine.overall_SU_R_free                        ? 
_refine.overall_FOM_free_R_set                   ? 
_refine.overall_FOM_work_R_set                   ? 
_refine.pdbx_average_fsc_overall                 ? 
_refine.pdbx_average_fsc_work                    ? 
_refine.pdbx_average_fsc_free                    ? 
# 
_refine_hist.cycle_id                         final 
_refine_hist.pdbx_refine_id                   'X-RAY DIFFRACTION' 
_refine_hist.d_res_high                       1.9000 
_refine_hist.d_res_low                        33.0700 
_refine_hist.pdbx_number_atoms_ligand         4 
_refine_hist.number_atoms_solvent             45 
_refine_hist.number_atoms_total               1253 
_refine_hist.pdbx_number_residues_total       154 
_refine_hist.pdbx_B_iso_mean_ligand           30.49 
_refine_hist.pdbx_B_iso_mean_solvent          38.51 
_refine_hist.pdbx_number_atoms_protein        1204 
_refine_hist.pdbx_number_atoms_nucleic_acid   0 
# 
loop_
_refine_ls_restr.pdbx_refine_id 
_refine_ls_restr.criterion 
_refine_ls_restr.dev_ideal 
_refine_ls_restr.dev_ideal_target 
_refine_ls_restr.number 
_refine_ls_restr.rejects 
_refine_ls_restr.type 
_refine_ls_restr.weight 
_refine_ls_restr.pdbx_restraint_function 
'X-RAY DIFFRACTION' ? 0.010  0.014  1286 ? r_bond_refined_d       ? ? 
'X-RAY DIFFRACTION' ? 0.001  0.017  1116 ? r_bond_other_d         ? ? 
'X-RAY DIFFRACTION' ? 1.240  1.664  1738 ? r_angle_refined_deg    ? ? 
'X-RAY DIFFRACTION' ? 0.972  1.651  2624 ? r_angle_other_deg      ? ? 
'X-RAY DIFFRACTION' ? 5.564  5.000  166  ? r_dihedral_angle_1_deg ? ? 
'X-RAY DIFFRACTION' ? 30.269 23.671 79   ? r_dihedral_angle_2_deg ? ? 
'X-RAY DIFFRACTION' ? 14.942 15.000 234  ? r_dihedral_angle_3_deg ? ? 
'X-RAY DIFFRACTION' ? 7.256  15.000 9    ? r_dihedral_angle_4_deg ? ? 
'X-RAY DIFFRACTION' ? 0.067  0.200  176  ? r_chiral_restr         ? ? 
'X-RAY DIFFRACTION' ? 0.006  0.020  1506 ? r_gen_planes_refined   ? ? 
'X-RAY DIFFRACTION' ? 0.002  0.020  230  ? r_gen_planes_other     ? ? 
# 
_refine_ls_shell.pdbx_refine_id                   'X-RAY DIFFRACTION' 
_refine_ls_shell.d_res_high                       1.9000 
_refine_ls_shell.d_res_low                        1.9490 
_refine_ls_shell.number_reflns_all                925 
_refine_ls_shell.number_reflns_obs                ? 
_refine_ls_shell.number_reflns_R_free             46 
_refine_ls_shell.number_reflns_R_work             879 
_refine_ls_shell.percent_reflns_obs               99.8900 
_refine_ls_shell.percent_reflns_R_free            ? 
_refine_ls_shell.R_factor_all                     ? 
_refine_ls_shell.R_factor_obs                     ? 
_refine_ls_shell.R_factor_R_free                  0.4140 
_refine_ls_shell.R_factor_R_free_error            0.0000 
_refine_ls_shell.R_factor_R_work                  0.3290 
_refine_ls_shell.redundancy_reflns_all            ? 
_refine_ls_shell.redundancy_reflns_obs            ? 
_refine_ls_shell.wR_factor_all                    ? 
_refine_ls_shell.wR_factor_obs                    ? 
_refine_ls_shell.wR_factor_R_free                 ? 
_refine_ls_shell.wR_factor_R_work                 ? 
_refine_ls_shell.pdbx_total_number_of_bins_used   20 
_refine_ls_shell.pdbx_phase_error                 ? 
_refine_ls_shell.pdbx_fsc_work                    ? 
_refine_ls_shell.pdbx_fsc_free                    ? 
# 
_struct.entry_id                     6MUE 
_struct.title                        'Voltage-gated sodium channel NaV1.4 IQ domain in complex with Ca2+/Calmodulin' 
_struct.pdbx_model_details           ? 
_struct.pdbx_formula_weight          ? 
_struct.pdbx_formula_weight_method   ? 
_struct.pdbx_model_type_details      ? 
_struct.pdbx_CASP_flag               N 
# 
_struct_keywords.entry_id        6MUE 
_struct_keywords.text            
'voltage-gated ion channel, transport protein, IQ domain, Calcium Binding-Transport protein complex' 
_struct_keywords.pdbx_keywords   'Calcium Binding/Transport protein' 
# 
loop_
_struct_asym.id 
_struct_asym.pdbx_blank_PDB_chainid_flag 
_struct_asym.pdbx_modified 
_struct_asym.entity_id 
_struct_asym.details 
A N N 1 ? 
B N N 2 ? 
C N N 3 ? 
D N N 3 ? 
E N N 3 ? 
F N N 3 ? 
G N N 4 ? 
H N N 4 ? 
# 
loop_
_struct_ref.id 
_struct_ref.db_name 
_struct_ref.db_code 
_struct_ref.pdbx_db_accession 
_struct_ref.pdbx_db_isoform 
_struct_ref.entity_id 
_struct_ref.pdbx_seq_one_letter_code 
_struct_ref.pdbx_align_begin 
1 UNP CALM1_HUMAN P0DP23 ? 1 
;MADQLTEEQIAEFKEAFSLFDKDGDGTITTKELGTVMRSLGQNPTEAELQDMINEVDADGNGTIDFPEFLTMMARKMKDT
DSEEEIREAFRVFDKDGNGYISAAELRHVMTNLGEKLTDEEVDEMIREADIDGDGQVNYEEFVQMMTAK
;
1    
2 UNP SCN4A_RAT   P15390 ? 2 KRKQEEVCAIKIQRAYRRHLLQRSVKQAS 1716 
# 
loop_
_struct_ref_seq.align_id 
_struct_ref_seq.ref_id 
_struct_ref_seq.pdbx_PDB_id_code 
_struct_ref_seq.pdbx_strand_id 
_struct_ref_seq.seq_align_beg 
_struct_ref_seq.pdbx_seq_align_beg_ins_code 
_struct_ref_seq.seq_align_end 
_struct_ref_seq.pdbx_seq_align_end_ins_code 
_struct_ref_seq.pdbx_db_accession 
_struct_ref_seq.db_align_beg 
_struct_ref_seq.pdbx_db_align_beg_ins_code 
_struct_ref_seq.db_align_end 
_struct_ref_seq.pdbx_db_align_end_ins_code 
_struct_ref_seq.pdbx_auth_seq_align_beg 
_struct_ref_seq.pdbx_auth_seq_align_end 
1 1 6MUE A 3 ? 151 ? P0DP23 1    ? 149  ? 1    149  
2 2 6MUE B 1 ? 29  ? P15390 1716 ? 1744 ? 1716 1744 
# 
loop_
_struct_ref_seq_dif.align_id 
_struct_ref_seq_dif.pdbx_pdb_id_code 
_struct_ref_seq_dif.mon_id 
_struct_ref_seq_dif.pdbx_pdb_strand_id 
_struct_ref_seq_dif.seq_num 
_struct_ref_seq_dif.pdbx_pdb_ins_code 
_struct_ref_seq_dif.pdbx_seq_db_name 
_struct_ref_seq_dif.pdbx_seq_db_accession_code 
_struct_ref_seq_dif.db_mon_id 
_struct_ref_seq_dif.pdbx_seq_db_seq_num 
_struct_ref_seq_dif.details 
_struct_ref_seq_dif.pdbx_auth_seq_num 
_struct_ref_seq_dif.pdbx_ordinal 
1 6MUE GLY A 1 ? UNP P0DP23 ? ? 'expression tag' -1 1 
1 6MUE HIS A 2 ? UNP P0DP23 ? ? 'expression tag' 0  2 
# 
_pdbx_struct_assembly.id                   1 
_pdbx_struct_assembly.details              author_and_software_defined_assembly 
_pdbx_struct_assembly.method_details       PISA 
_pdbx_struct_assembly.oligomeric_details   dimeric 
_pdbx_struct_assembly.oligomeric_count     2 
# 
loop_
_pdbx_struct_assembly_prop.biol_id 
_pdbx_struct_assembly_prop.type 
_pdbx_struct_assembly_prop.value 
_pdbx_struct_assembly_prop.details 
1 'ABSA (A^2)' 1100 ? 
1 MORE         -42  ? 
1 'SSA (A^2)'  9970 ? 
# 
_pdbx_struct_assembly_gen.assembly_id       1 
_pdbx_struct_assembly_gen.oper_expression   1 
_pdbx_struct_assembly_gen.asym_id_list      A,B,C,D,E,F,G,H 
# 
_pdbx_struct_assembly_auth_evidence.id                     1 
_pdbx_struct_assembly_auth_evidence.assembly_id            1 
_pdbx_struct_assembly_auth_evidence.experimental_support   'isothermal titration calorimetry' 
_pdbx_struct_assembly_auth_evidence.details                ? 
# 
_pdbx_struct_oper_list.id                   1 
_pdbx_struct_oper_list.type                 'identity operation' 
_pdbx_struct_oper_list.name                 1_555 
_pdbx_struct_oper_list.symmetry_operation   x,y,z 
_pdbx_struct_oper_list.matrix[1][1]         1.0000000000 
_pdbx_struct_oper_list.matrix[1][2]         0.0000000000 
_pdbx_struct_oper_list.matrix[1][3]         0.0000000000 
_pdbx_struct_oper_list.vector[1]            0.0000000000 
_pdbx_struct_oper_list.matrix[2][1]         0.0000000000 
_pdbx_struct_oper_list.matrix[2][2]         1.0000000000 
_pdbx_struct_oper_list.matrix[2][3]         0.0000000000 
_pdbx_struct_oper_list.vector[2]            0.0000000000 
_pdbx_struct_oper_list.matrix[3][1]         0.0000000000 
_pdbx_struct_oper_list.matrix[3][2]         0.0000000000 
_pdbx_struct_oper_list.matrix[3][3]         1.0000000000 
_pdbx_struct_oper_list.vector[3]            0.0000000000 
# 
loop_
_struct_conf.conf_type_id 
_struct_conf.id 
_struct_conf.pdbx_PDB_helix_id 
_struct_conf.beg_label_comp_id 
_struct_conf.beg_label_asym_id 
_struct_conf.beg_label_seq_id 
_struct_conf.pdbx_beg_PDB_ins_code 
_struct_conf.end_label_comp_id 
_struct_conf.end_label_asym_id 
_struct_conf.end_label_seq_id 
_struct_conf.pdbx_end_PDB_ins_code 
_struct_conf.beg_auth_comp_id 
_struct_conf.beg_auth_asym_id 
_struct_conf.beg_auth_seq_id 
_struct_conf.end_auth_comp_id 
_struct_conf.end_auth_asym_id 
_struct_conf.end_auth_seq_id 
_struct_conf.pdbx_PDB_helix_class 
_struct_conf.details 
_struct_conf.pdbx_PDB_helix_length 
HELX_P HELX_P1 AA1 GLU A 10  ? ASP A 23  ? GLU A 8    ASP A 21   1 ? 14 
HELX_P HELX_P2 AA2 THR A 31  ? LEU A 42  ? THR A 29   LEU A 40   1 ? 12 
HELX_P HELX_P3 AA3 THR A 47  ? ASP A 59  ? THR A 45   ASP A 57   1 ? 13 
HELX_P HELX_P4 AA4 PHE A 68  ? ASP A 96  ? PHE A 66   ASP A 94   1 ? 29 
HELX_P HELX_P5 AA5 SER A 104 ? ASN A 114 ? SER A 102  ASN A 112  1 ? 11 
HELX_P HELX_P6 AA6 THR A 120 ? ASP A 132 ? THR A 118  ASP A 130  1 ? 13 
HELX_P HELX_P7 AA7 TYR A 141 ? THR A 149 ? TYR A 139  THR A 147  1 ? 9  
HELX_P HELX_P8 AA8 VAL B 7   ? ARG B 18  ? VAL B 1722 ARG B 1733 1 ? 12 
# 
_struct_conf_type.id          HELX_P 
_struct_conf_type.criteria    ? 
_struct_conf_type.reference   ? 
# 
loop_
_struct_conn.id 
_struct_conn.conn_type_id 
_struct_conn.pdbx_leaving_atom_flag 
_struct_conn.pdbx_PDB_id 
_struct_conn.ptnr1_label_asym_id 
_struct_conn.ptnr1_label_comp_id 
_struct_conn.ptnr1_label_seq_id 
_struct_conn.ptnr1_label_atom_id 
_struct_conn.pdbx_ptnr1_label_alt_id 
_struct_conn.pdbx_ptnr1_PDB_ins_code 
_struct_conn.pdbx_ptnr1_standard_comp_id 
_struct_conn.ptnr1_symmetry 
_struct_conn.ptnr2_label_asym_id 
_struct_conn.ptnr2_label_comp_id 
_struct_conn.ptnr2_label_seq_id 
_struct_conn.ptnr2_label_atom_id 
_struct_conn.pdbx_ptnr2_label_alt_id 
_struct_conn.pdbx_ptnr2_PDB_ins_code 
_struct_conn.ptnr1_auth_asym_id 
_struct_conn.ptnr1_auth_comp_id 
_struct_conn.ptnr1_auth_seq_id 
_struct_conn.ptnr2_auth_asym_id 
_struct_conn.ptnr2_auth_comp_id 
_struct_conn.ptnr2_auth_seq_id 
_struct_conn.ptnr2_symmetry 
_struct_conn.pdbx_ptnr3_label_atom_id 
_struct_conn.pdbx_ptnr3_label_seq_id 
_struct_conn.pdbx_ptnr3_label_comp_id 
_struct_conn.pdbx_ptnr3_label_asym_id 
_struct_conn.pdbx_ptnr3_label_alt_id 
_struct_conn.pdbx_ptnr3_PDB_ins_code 
_struct_conn.details 
_struct_conn.pdbx_dist_value 
_struct_conn.pdbx_value_order 
_struct_conn.pdbx_role 
disulf1  disulf ? ? B CYS 8   SG  ? ? ? 1_555 B CYS 8 SG ? ? B CYS 1723 B CYS 1723 2_657 ? ? ? ? ? ? ? 2.591 ? ? 
metalc1  metalc ? ? A ASP 23  OD1 ? ? ? 1_555 D CA  . CA ? ? A ASP 21   A CA  202  1_555 ? ? ? ? ? ? ? 2.315 ? ? 
metalc2  metalc ? ? A ASP 25  OD1 ? ? ? 1_555 D CA  . CA ? ? A ASP 23   A CA  202  1_555 ? ? ? ? ? ? ? 2.325 ? ? 
metalc3  metalc ? ? A ASP 27  OD1 ? ? ? 1_555 D CA  . CA ? ? A ASP 25   A CA  202  1_555 ? ? ? ? ? ? ? 2.167 ? ? 
metalc4  metalc ? ? A THR 29  O   ? ? ? 1_555 D CA  . CA ? ? A THR 27   A CA  202  1_555 ? ? ? ? ? ? ? 2.299 ? ? 
metalc5  metalc ? ? A GLU 34  OE1 ? ? ? 1_555 D CA  . CA ? ? A GLU 32   A CA  202  1_555 ? ? ? ? ? ? ? 2.546 ? ? 
metalc6  metalc ? ? A GLU 34  OE2 ? ? ? 1_555 D CA  . CA ? ? A GLU 32   A CA  202  1_555 ? ? ? ? ? ? ? 2.288 ? ? 
metalc7  metalc ? ? A ASP 59  OD1 ? ? ? 1_555 E CA  . CA ? ? A ASP 57   A CA  203  1_555 ? ? ? ? ? ? ? 2.250 ? ? 
metalc8  metalc ? ? A ASP 61  OD1 ? ? ? 1_555 E CA  . CA ? ? A ASP 59   A CA  203  1_555 ? ? ? ? ? ? ? 2.452 ? ? 
metalc9  metalc ? ? A ASN 63  OD1 ? ? ? 1_555 E CA  . CA ? ? A ASN 61   A CA  203  1_555 ? ? ? ? ? ? ? 2.392 ? ? 
metalc10 metalc ? ? A THR 65  O   ? ? ? 1_555 E CA  . CA ? ? A THR 63   A CA  203  1_555 ? ? ? ? ? ? ? 2.208 ? ? 
metalc11 metalc ? ? A GLU 70  OE1 ? ? ? 1_555 E CA  . CA ? ? A GLU 68   A CA  203  1_555 ? ? ? ? ? ? ? 2.443 ? ? 
metalc12 metalc ? ? A GLU 70  OE2 ? ? ? 1_555 E CA  . CA ? ? A GLU 68   A CA  203  1_555 ? ? ? ? ? ? ? 2.313 ? ? 
metalc13 metalc ? ? A ASP 96  OD1 ? ? ? 1_555 F CA  . CA ? ? A ASP 94   A CA  204  1_555 ? ? ? ? ? ? ? 2.330 ? ? 
metalc14 metalc ? ? A ASP 98  OD1 ? ? ? 1_555 F CA  . CA ? ? A ASP 96   A CA  204  1_555 ? ? ? ? ? ? ? 2.311 ? ? 
metalc15 metalc ? ? A ASN 100 OD1 ? ? ? 1_555 F CA  . CA ? ? A ASN 98   A CA  204  1_555 ? ? ? ? ? ? ? 2.049 ? ? 
metalc16 metalc ? ? A TYR 102 O   ? ? ? 1_555 F CA  . CA ? ? A TYR 100  A CA  204  1_555 ? ? ? ? ? ? ? 2.293 ? ? 
metalc17 metalc ? ? A GLU 107 OE1 ? ? ? 1_555 F CA  . CA ? ? A GLU 105  A CA  204  1_555 ? ? ? ? ? ? ? 2.247 ? ? 
metalc18 metalc ? ? A GLU 107 OE2 ? ? ? 1_555 F CA  . CA ? ? A GLU 105  A CA  204  1_555 ? ? ? ? ? ? ? 2.522 ? ? 
metalc19 metalc ? ? A ASP 132 OD1 ? ? ? 1_555 C CA  . CA ? ? A ASP 130  A CA  201  1_555 ? ? ? ? ? ? ? 2.332 ? ? 
metalc20 metalc ? ? A ASP 134 OD1 ? ? ? 1_555 C CA  . CA ? ? A ASP 132  A CA  201  1_555 ? ? ? ? ? ? ? 2.406 ? ? 
metalc21 metalc ? ? A ASP 136 OD1 ? ? ? 1_555 C CA  . CA ? ? A ASP 134  A CA  201  1_555 ? ? ? ? ? ? ? 2.309 ? ? 
metalc22 metalc ? ? A GLN 138 O   A ? ? 1_555 C CA  . CA ? ? A GLN 136  A CA  201  1_555 ? ? ? ? ? ? ? 2.232 ? ? 
metalc23 metalc ? ? A GLN 138 O   B ? ? 1_555 C CA  . CA ? ? A GLN 136  A CA  201  1_555 ? ? ? ? ? ? ? 2.381 ? ? 
metalc24 metalc ? ? A GLU 143 OE1 ? ? ? 1_555 C CA  . CA ? ? A GLU 141  A CA  201  1_555 ? ? ? ? ? ? ? 2.330 ? ? 
metalc25 metalc ? ? A GLU 143 OE2 ? ? ? 1_555 C CA  . CA ? ? A GLU 141  A CA  201  1_555 ? ? ? ? ? ? ? 2.601 ? ? 
metalc26 metalc ? ? C CA  .   CA  ? ? ? 1_555 G HOH . O  ? ? A CA  201  A HOH 326  1_555 ? ? ? ? ? ? ? 2.432 ? ? 
metalc27 metalc ? ? D CA  .   CA  ? ? ? 1_555 G HOH . O  ? ? A CA  202  A HOH 338  1_555 ? ? ? ? ? ? ? 2.330 ? ? 
metalc28 metalc ? ? E CA  .   CA  ? ? ? 1_555 G HOH . O  ? ? A CA  203  A HOH 308  1_555 ? ? ? ? ? ? ? 2.189 ? ? 
metalc29 metalc ? ? F CA  .   CA  ? ? ? 1_555 G HOH . O  ? ? A CA  204  A HOH 329  1_555 ? ? ? ? ? ? ? 2.480 ? ? 
# 
loop_
_struct_conn_type.id 
_struct_conn_type.criteria 
_struct_conn_type.reference 
disulf ? ? 
metalc ? ? 
# 
loop_
_pdbx_struct_conn_angle.id 
_pdbx_struct_conn_angle.ptnr1_label_atom_id 
_pdbx_struct_conn_angle.ptnr1_label_alt_id 
_pdbx_struct_conn_angle.ptnr1_label_asym_id 
_pdbx_struct_conn_angle.ptnr1_label_comp_id 
_pdbx_struct_conn_angle.ptnr1_label_seq_id 
_pdbx_struct_conn_angle.ptnr1_auth_atom_id 
_pdbx_struct_conn_angle.ptnr1_auth_asym_id 
_pdbx_struct_conn_angle.ptnr1_auth_comp_id 
_pdbx_struct_conn_angle.ptnr1_auth_seq_id 
_pdbx_struct_conn_angle.ptnr1_PDB_ins_code 
_pdbx_struct_conn_angle.ptnr1_symmetry 
_pdbx_struct_conn_angle.ptnr2_label_atom_id 
_pdbx_struct_conn_angle.ptnr2_label_alt_id 
_pdbx_struct_conn_angle.ptnr2_label_asym_id 
_pdbx_struct_conn_angle.ptnr2_label_comp_id 
_pdbx_struct_conn_angle.ptnr2_label_seq_id 
_pdbx_struct_conn_angle.ptnr2_auth_atom_id 
_pdbx_struct_conn_angle.ptnr2_auth_asym_id 
_pdbx_struct_conn_angle.ptnr2_auth_comp_id 
_pdbx_struct_conn_angle.ptnr2_auth_seq_id 
_pdbx_struct_conn_angle.ptnr2_PDB_ins_code 
_pdbx_struct_conn_angle.ptnr2_symmetry 
_pdbx_struct_conn_angle.ptnr3_label_atom_id 
_pdbx_struct_conn_angle.ptnr3_label_alt_id 
_pdbx_struct_conn_angle.ptnr3_label_asym_id 
_pdbx_struct_conn_angle.ptnr3_label_comp_id 
_pdbx_struct_conn_angle.ptnr3_label_seq_id 
_pdbx_struct_conn_angle.ptnr3_auth_atom_id 
_pdbx_struct_conn_angle.ptnr3_auth_asym_id 
_pdbx_struct_conn_angle.ptnr3_auth_comp_id 
_pdbx_struct_conn_angle.ptnr3_auth_seq_id 
_pdbx_struct_conn_angle.ptnr3_PDB_ins_code 
_pdbx_struct_conn_angle.ptnr3_symmetry 
_pdbx_struct_conn_angle.value 
_pdbx_struct_conn_angle.value_esd 
1  OD1 ? A ASP 23  ? A ASP 21  ? 1_555 CA ? D CA . ? A CA 202 ? 1_555 OD1 ? A ASP 25  ? A ASP 23  ? 1_555 82.0  ? 
2  OD1 ? A ASP 23  ? A ASP 21  ? 1_555 CA ? D CA . ? A CA 202 ? 1_555 OD1 ? A ASP 27  ? A ASP 25  ? 1_555 81.2  ? 
3  OD1 ? A ASP 25  ? A ASP 23  ? 1_555 CA ? D CA . ? A CA 202 ? 1_555 OD1 ? A ASP 27  ? A ASP 25  ? 1_555 81.8  ? 
4  OD1 ? A ASP 23  ? A ASP 21  ? 1_555 CA ? D CA . ? A CA 202 ? 1_555 O   ? A THR 29  ? A THR 27  ? 1_555 78.9  ? 
5  OD1 ? A ASP 25  ? A ASP 23  ? 1_555 CA ? D CA . ? A CA 202 ? 1_555 O   ? A THR 29  ? A THR 27  ? 1_555 154.1 ? 
6  OD1 ? A ASP 27  ? A ASP 25  ? 1_555 CA ? D CA . ? A CA 202 ? 1_555 O   ? A THR 29  ? A THR 27  ? 1_555 78.1  ? 
7  OD1 ? A ASP 23  ? A ASP 21  ? 1_555 CA ? D CA . ? A CA 202 ? 1_555 OE1 ? A GLU 34  ? A GLU 32  ? 1_555 110.4 ? 
8  OD1 ? A ASP 25  ? A ASP 23  ? 1_555 CA ? D CA . ? A CA 202 ? 1_555 OE1 ? A GLU 34  ? A GLU 32  ? 1_555 128.3 ? 
9  OD1 ? A ASP 27  ? A ASP 25  ? 1_555 CA ? D CA . ? A CA 202 ? 1_555 OE1 ? A GLU 34  ? A GLU 32  ? 1_555 148.1 ? 
10 O   ? A THR 29  ? A THR 27  ? 1_555 CA ? D CA . ? A CA 202 ? 1_555 OE1 ? A GLU 34  ? A GLU 32  ? 1_555 75.4  ? 
11 OD1 ? A ASP 23  ? A ASP 21  ? 1_555 CA ? D CA . ? A CA 202 ? 1_555 OE2 ? A GLU 34  ? A GLU 32  ? 1_555 100.6 ? 
12 OD1 ? A ASP 25  ? A ASP 23  ? 1_555 CA ? D CA . ? A CA 202 ? 1_555 OE2 ? A GLU 34  ? A GLU 32  ? 1_555 75.7  ? 
13 OD1 ? A ASP 27  ? A ASP 25  ? 1_555 CA ? D CA . ? A CA 202 ? 1_555 OE2 ? A GLU 34  ? A GLU 32  ? 1_555 156.8 ? 
14 O   ? A THR 29  ? A THR 27  ? 1_555 CA ? D CA . ? A CA 202 ? 1_555 OE2 ? A GLU 34  ? A GLU 32  ? 1_555 125.0 ? 
15 OE1 ? A GLU 34  ? A GLU 32  ? 1_555 CA ? D CA . ? A CA 202 ? 1_555 OE2 ? A GLU 34  ? A GLU 32  ? 1_555 53.0  ? 
16 OD1 ? A ASP 23  ? A ASP 21  ? 1_555 CA ? D CA . ? A CA 202 ? 1_555 O   ? G HOH .   ? A HOH 338 ? 1_555 162.0 ? 
17 OD1 ? A ASP 25  ? A ASP 23  ? 1_555 CA ? D CA . ? A CA 202 ? 1_555 O   ? G HOH .   ? A HOH 338 ? 1_555 93.9  ? 
18 OD1 ? A ASP 27  ? A ASP 25  ? 1_555 CA ? D CA . ? A CA 202 ? 1_555 O   ? G HOH .   ? A HOH 338 ? 1_555 80.9  ? 
19 O   ? A THR 29  ? A THR 27  ? 1_555 CA ? D CA . ? A CA 202 ? 1_555 O   ? G HOH .   ? A HOH 338 ? 1_555 98.9  ? 
20 OE1 ? A GLU 34  ? A GLU 32  ? 1_555 CA ? D CA . ? A CA 202 ? 1_555 O   ? G HOH .   ? A HOH 338 ? 1_555 85.9  ? 
21 OE2 ? A GLU 34  ? A GLU 32  ? 1_555 CA ? D CA . ? A CA 202 ? 1_555 O   ? G HOH .   ? A HOH 338 ? 1_555 95.3  ? 
22 OD1 ? A ASP 59  ? A ASP 57  ? 1_555 CA ? E CA . ? A CA 203 ? 1_555 OD1 ? A ASP 61  ? A ASP 59  ? 1_555 76.0  ? 
23 OD1 ? A ASP 59  ? A ASP 57  ? 1_555 CA ? E CA . ? A CA 203 ? 1_555 OD1 ? A ASN 63  ? A ASN 61  ? 1_555 88.3  ? 
24 OD1 ? A ASP 61  ? A ASP 59  ? 1_555 CA ? E CA . ? A CA 203 ? 1_555 OD1 ? A ASN 63  ? A ASN 61  ? 1_555 76.1  ? 
25 OD1 ? A ASP 59  ? A ASP 57  ? 1_555 CA ? E CA . ? A CA 203 ? 1_555 O   ? A THR 65  ? A THR 63  ? 1_555 87.1  ? 
26 OD1 ? A ASP 61  ? A ASP 59  ? 1_555 CA ? E CA . ? A CA 203 ? 1_555 O   ? A THR 65  ? A THR 63  ? 1_555 150.2 ? 
27 OD1 ? A ASN 63  ? A ASN 61  ? 1_555 CA ? E CA . ? A CA 203 ? 1_555 O   ? A THR 65  ? A THR 63  ? 1_555 79.0  ? 
28 OD1 ? A ASP 59  ? A ASP 57  ? 1_555 CA ? E CA . ? A CA 203 ? 1_555 OE1 ? A GLU 70  ? A GLU 68  ? 1_555 105.0 ? 
29 OD1 ? A ASP 61  ? A ASP 59  ? 1_555 CA ? E CA . ? A CA 203 ? 1_555 OE1 ? A GLU 70  ? A GLU 68  ? 1_555 127.9 ? 
30 OD1 ? A ASN 63  ? A ASN 61  ? 1_555 CA ? E CA . ? A CA 203 ? 1_555 OE1 ? A GLU 70  ? A GLU 68  ? 1_555 154.4 ? 
31 O   ? A THR 65  ? A THR 63  ? 1_555 CA ? E CA . ? A CA 203 ? 1_555 OE1 ? A GLU 70  ? A GLU 68  ? 1_555 79.9  ? 
32 OD1 ? A ASP 59  ? A ASP 57  ? 1_555 CA ? E CA . ? A CA 203 ? 1_555 OE2 ? A GLU 70  ? A GLU 68  ? 1_555 86.4  ? 
33 OD1 ? A ASP 61  ? A ASP 59  ? 1_555 CA ? E CA . ? A CA 203 ? 1_555 OE2 ? A GLU 70  ? A GLU 68  ? 1_555 74.2  ? 
34 OD1 ? A ASN 63  ? A ASN 61  ? 1_555 CA ? E CA . ? A CA 203 ? 1_555 OE2 ? A GLU 70  ? A GLU 68  ? 1_555 150.2 ? 
35 O   ? A THR 65  ? A THR 63  ? 1_555 CA ? E CA . ? A CA 203 ? 1_555 OE2 ? A GLU 70  ? A GLU 68  ? 1_555 129.8 ? 
36 OE1 ? A GLU 70  ? A GLU 68  ? 1_555 CA ? E CA . ? A CA 203 ? 1_555 OE2 ? A GLU 70  ? A GLU 68  ? 1_555 54.2  ? 
37 OD1 ? A ASP 59  ? A ASP 57  ? 1_555 CA ? E CA . ? A CA 203 ? 1_555 O   ? G HOH .   ? A HOH 308 ? 1_555 152.3 ? 
38 OD1 ? A ASP 61  ? A ASP 59  ? 1_555 CA ? E CA . ? A CA 203 ? 1_555 O   ? G HOH .   ? A HOH 308 ? 1_555 76.9  ? 
39 OD1 ? A ASN 63  ? A ASN 61  ? 1_555 CA ? E CA . ? A CA 203 ? 1_555 O   ? G HOH .   ? A HOH 308 ? 1_555 90.7  ? 
40 O   ? A THR 65  ? A THR 63  ? 1_555 CA ? E CA . ? A CA 203 ? 1_555 O   ? G HOH .   ? A HOH 308 ? 1_555 119.8 ? 
41 OE1 ? A GLU 70  ? A GLU 68  ? 1_555 CA ? E CA . ? A CA 203 ? 1_555 O   ? G HOH .   ? A HOH 308 ? 1_555 87.2  ? 
42 OE2 ? A GLU 70  ? A GLU 68  ? 1_555 CA ? E CA . ? A CA 203 ? 1_555 O   ? G HOH .   ? A HOH 308 ? 1_555 80.8  ? 
43 OD1 ? A ASP 96  ? A ASP 94  ? 1_555 CA ? F CA . ? A CA 204 ? 1_555 OD1 ? A ASP 98  ? A ASP 96  ? 1_555 76.2  ? 
44 OD1 ? A ASP 96  ? A ASP 94  ? 1_555 CA ? F CA . ? A CA 204 ? 1_555 OD1 ? A ASN 100 ? A ASN 98  ? 1_555 66.2  ? 
45 OD1 ? A ASP 98  ? A ASP 96  ? 1_555 CA ? F CA . ? A CA 204 ? 1_555 OD1 ? A ASN 100 ? A ASN 98  ? 1_555 67.5  ? 
46 OD1 ? A ASP 96  ? A ASP 94  ? 1_555 CA ? F CA . ? A CA 204 ? 1_555 O   ? A TYR 102 ? A TYR 100 ? 1_555 80.0  ? 
47 OD1 ? A ASP 98  ? A ASP 96  ? 1_555 CA ? F CA . ? A CA 204 ? 1_555 O   ? A TYR 102 ? A TYR 100 ? 1_555 143.4 ? 
48 OD1 ? A ASN 100 ? A ASN 98  ? 1_555 CA ? F CA . ? A CA 204 ? 1_555 O   ? A TYR 102 ? A TYR 100 ? 1_555 77.6  ? 
49 OD1 ? A ASP 96  ? A ASP 94  ? 1_555 CA ? F CA . ? A CA 204 ? 1_555 OE1 ? A GLU 107 ? A GLU 105 ? 1_555 111.0 ? 
50 OD1 ? A ASP 98  ? A ASP 96  ? 1_555 CA ? F CA . ? A CA 204 ? 1_555 OE1 ? A GLU 107 ? A GLU 105 ? 1_555 126.6 ? 
51 OD1 ? A ASN 100 ? A ASN 98  ? 1_555 CA ? F CA . ? A CA 204 ? 1_555 OE1 ? A GLU 107 ? A GLU 105 ? 1_555 165.3 ? 
52 O   ? A TYR 102 ? A TYR 100 ? 1_555 CA ? F CA . ? A CA 204 ? 1_555 OE1 ? A GLU 107 ? A GLU 105 ? 1_555 87.7  ? 
53 OD1 ? A ASP 96  ? A ASP 94  ? 1_555 CA ? F CA . ? A CA 204 ? 1_555 OE2 ? A GLU 107 ? A GLU 105 ? 1_555 101.0 ? 
54 OD1 ? A ASP 98  ? A ASP 96  ? 1_555 CA ? F CA . ? A CA 204 ? 1_555 OE2 ? A GLU 107 ? A GLU 105 ? 1_555 71.9  ? 
55 OD1 ? A ASN 100 ? A ASN 98  ? 1_555 CA ? F CA . ? A CA 204 ? 1_555 OE2 ? A GLU 107 ? A GLU 105 ? 1_555 139.3 ? 
56 O   ? A TYR 102 ? A TYR 100 ? 1_555 CA ? F CA . ? A CA 204 ? 1_555 OE2 ? A GLU 107 ? A GLU 105 ? 1_555 140.6 ? 
57 OE1 ? A GLU 107 ? A GLU 105 ? 1_555 CA ? F CA . ? A CA 204 ? 1_555 OE2 ? A GLU 107 ? A GLU 105 ? 1_555 54.7  ? 
58 OD1 ? A ASP 96  ? A ASP 94  ? 1_555 CA ? F CA . ? A CA 204 ? 1_555 O   ? G HOH .   ? A HOH 329 ? 1_555 178.0 ? 
59 OD1 ? A ASP 98  ? A ASP 96  ? 1_555 CA ? F CA . ? A CA 204 ? 1_555 O   ? G HOH .   ? A HOH 329 ? 1_555 101.8 ? 
60 OD1 ? A ASN 100 ? A ASN 98  ? 1_555 CA ? F CA . ? A CA 204 ? 1_555 O   ? G HOH .   ? A HOH 329 ? 1_555 113.3 ? 
61 O   ? A TYR 102 ? A TYR 100 ? 1_555 CA ? F CA . ? A CA 204 ? 1_555 O   ? G HOH .   ? A HOH 329 ? 1_555 101.9 ? 
62 OE1 ? A GLU 107 ? A GLU 105 ? 1_555 CA ? F CA . ? A CA 204 ? 1_555 O   ? G HOH .   ? A HOH 329 ? 1_555 70.0  ? 
63 OE2 ? A GLU 107 ? A GLU 105 ? 1_555 CA ? F CA . ? A CA 204 ? 1_555 O   ? G HOH .   ? A HOH 329 ? 1_555 78.1  ? 
64 OD1 ? A ASP 132 ? A ASP 130 ? 1_555 CA ? C CA . ? A CA 201 ? 1_555 OD1 ? A ASP 134 ? A ASP 132 ? 1_555 80.5  ? 
65 OD1 ? A ASP 132 ? A ASP 130 ? 1_555 CA ? C CA . ? A CA 201 ? 1_555 OD1 ? A ASP 136 ? A ASP 134 ? 1_555 82.8  ? 
66 OD1 ? A ASP 134 ? A ASP 132 ? 1_555 CA ? C CA . ? A CA 201 ? 1_555 OD1 ? A ASP 136 ? A ASP 134 ? 1_555 74.6  ? 
67 OD1 ? A ASP 132 ? A ASP 130 ? 1_555 CA ? C CA . ? A CA 201 ? 1_555 O   A A GLN 138 ? A GLN 136 ? 1_555 94.2  ? 
68 OD1 ? A ASP 134 ? A ASP 132 ? 1_555 CA ? C CA . ? A CA 201 ? 1_555 O   A A GLN 138 ? A GLN 136 ? 1_555 149.9 ? 
69 OD1 ? A ASP 136 ? A ASP 134 ? 1_555 CA ? C CA . ? A CA 201 ? 1_555 O   A A GLN 138 ? A GLN 136 ? 1_555 75.4  ? 
70 OD1 ? A ASP 132 ? A ASP 130 ? 1_555 CA ? C CA . ? A CA 201 ? 1_555 O   B A GLN 138 ? A GLN 136 ? 1_555 83.4  ? 
71 OD1 ? A ASP 134 ? A ASP 132 ? 1_555 CA ? C CA . ? A CA 201 ? 1_555 O   B A GLN 138 ? A GLN 136 ? 1_555 151.1 ? 
72 OD1 ? A ASP 136 ? A ASP 134 ? 1_555 CA ? C CA . ? A CA 201 ? 1_555 O   B A GLN 138 ? A GLN 136 ? 1_555 79.8  ? 
73 O   A A GLN 138 ? A GLN 136 ? 1_555 CA ? C CA . ? A CA 201 ? 1_555 O   B A GLN 138 ? A GLN 136 ? 1_555 12.3  ? 
74 OD1 ? A ASP 132 ? A ASP 130 ? 1_555 CA ? C CA . ? A CA 201 ? 1_555 OE1 ? A GLU 143 ? A GLU 141 ? 1_555 115.5 ? 
75 OD1 ? A ASP 134 ? A ASP 132 ? 1_555 CA ? C CA . ? A CA 201 ? 1_555 OE1 ? A GLU 143 ? A GLU 141 ? 1_555 124.4 ? 
76 OD1 ? A ASP 136 ? A ASP 134 ? 1_555 CA ? C CA . ? A CA 201 ? 1_555 OE1 ? A GLU 143 ? A GLU 141 ? 1_555 154.2 ? 
77 O   A A GLN 138 ? A GLN 136 ? 1_555 CA ? C CA . ? A CA 201 ? 1_555 OE1 ? A GLU 143 ? A GLU 141 ? 1_555 84.8  ? 
78 O   B A GLN 138 ? A GLN 136 ? 1_555 CA ? C CA . ? A CA 201 ? 1_555 OE1 ? A GLU 143 ? A GLU 141 ? 1_555 84.2  ? 
79 OD1 ? A ASP 132 ? A ASP 130 ? 1_555 CA ? C CA . ? A CA 201 ? 1_555 OE2 ? A GLU 143 ? A GLU 141 ? 1_555 91.7  ? 
80 OD1 ? A ASP 134 ? A ASP 132 ? 1_555 CA ? C CA . ? A CA 201 ? 1_555 OE2 ? A GLU 143 ? A GLU 141 ? 1_555 75.4  ? 
81 OD1 ? A ASP 136 ? A ASP 134 ? 1_555 CA ? C CA . ? A CA 201 ? 1_555 OE2 ? A GLU 143 ? A GLU 141 ? 1_555 150.0 ? 
82 O   A A GLN 138 ? A GLN 136 ? 1_555 CA ? C CA . ? A CA 201 ? 1_555 OE2 ? A GLU 143 ? A GLU 141 ? 1_555 134.6 ? 
83 O   B A GLN 138 ? A GLN 136 ? 1_555 CA ? C CA . ? A CA 201 ? 1_555 OE2 ? A GLU 143 ? A GLU 141 ? 1_555 129.0 ? 
84 OE1 ? A GLU 143 ? A GLU 141 ? 1_555 CA ? C CA . ? A CA 201 ? 1_555 OE2 ? A GLU 143 ? A GLU 141 ? 1_555 52.6  ? 
85 OD1 ? A ASP 132 ? A ASP 130 ? 1_555 CA ? C CA . ? A CA 201 ? 1_555 O   ? G HOH .   ? A HOH 326 ? 1_555 160.6 ? 
86 OD1 ? A ASP 134 ? A ASP 132 ? 1_555 CA ? C CA . ? A CA 201 ? 1_555 O   ? G HOH .   ? A HOH 326 ? 1_555 83.8  ? 
87 OD1 ? A ASP 136 ? A ASP 134 ? 1_555 CA ? C CA . ? A CA 201 ? 1_555 O   ? G HOH .   ? A HOH 326 ? 1_555 82.0  ? 
88 O   A A GLN 138 ? A GLN 136 ? 1_555 CA ? C CA . ? A CA 201 ? 1_555 O   ? G HOH .   ? A HOH 326 ? 1_555 93.6  ? 
89 O   B A GLN 138 ? A GLN 136 ? 1_555 CA ? C CA . ? A CA 201 ? 1_555 O   ? G HOH .   ? A HOH 326 ? 1_555 105.7 ? 
90 OE1 ? A GLU 143 ? A GLU 141 ? 1_555 CA ? C CA . ? A CA 201 ? 1_555 O   ? G HOH .   ? A HOH 326 ? 1_555 82.9  ? 
91 OE2 ? A GLU 143 ? A GLU 141 ? 1_555 CA ? C CA . ? A CA 201 ? 1_555 O   ? G HOH .   ? A HOH 326 ? 1_555 95.4  ? 
# 
_pdbx_modification_feature.ordinal                            1 
_pdbx_modification_feature.label_comp_id                      CYS 
_pdbx_modification_feature.label_asym_id                      B 
_pdbx_modification_feature.label_seq_id                       8 
_pdbx_modification_feature.label_alt_id                       ? 
_pdbx_modification_feature.modified_residue_label_comp_id     CYS 
_pdbx_modification_feature.modified_residue_label_asym_id     B 
_pdbx_modification_feature.modified_residue_label_seq_id      8 
_pdbx_modification_feature.modified_residue_label_alt_id      ? 
_pdbx_modification_feature.auth_comp_id                       CYS 
_pdbx_modification_feature.auth_asym_id                       B 
_pdbx_modification_feature.auth_seq_id                        1723 
_pdbx_modification_feature.PDB_ins_code                       ? 
_pdbx_modification_feature.symmetry                           1_555 
_pdbx_modification_feature.modified_residue_auth_comp_id      CYS 
_pdbx_modification_feature.modified_residue_auth_asym_id      B 
_pdbx_modification_feature.modified_residue_auth_seq_id       1723 
_pdbx_modification_feature.modified_residue_PDB_ins_code      ? 
_pdbx_modification_feature.modified_residue_symmetry          2_657 
_pdbx_modification_feature.comp_id_linking_atom               SG 
_pdbx_modification_feature.modified_residue_id_linking_atom   SG 
_pdbx_modification_feature.modified_residue_id                . 
_pdbx_modification_feature.ref_pcm_id                         . 
_pdbx_modification_feature.ref_comp_id                        . 
_pdbx_modification_feature.type                               None 
_pdbx_modification_feature.category                           'Disulfide bridge' 
# 
loop_
_struct_sheet.id 
_struct_sheet.type 
_struct_sheet.number_strands 
_struct_sheet.details 
AA1 ? 2 ? 
AA2 ? 2 ? 
# 
loop_
_struct_sheet_order.sheet_id 
_struct_sheet_order.range_id_1 
_struct_sheet_order.range_id_2 
_struct_sheet_order.offset 
_struct_sheet_order.sense 
AA1 1 2 ? anti-parallel 
AA2 1 2 ? anti-parallel 
# 
loop_
_struct_sheet_range.sheet_id 
_struct_sheet_range.id 
_struct_sheet_range.beg_label_comp_id 
_struct_sheet_range.beg_label_asym_id 
_struct_sheet_range.beg_label_seq_id 
_struct_sheet_range.pdbx_beg_PDB_ins_code 
_struct_sheet_range.end_label_comp_id 
_struct_sheet_range.end_label_asym_id 
_struct_sheet_range.end_label_seq_id 
_struct_sheet_range.pdbx_end_PDB_ins_code 
_struct_sheet_range.beg_auth_comp_id 
_struct_sheet_range.beg_auth_asym_id 
_struct_sheet_range.beg_auth_seq_id 
_struct_sheet_range.end_auth_comp_id 
_struct_sheet_range.end_auth_asym_id 
_struct_sheet_range.end_auth_seq_id 
AA1 1 THR A 29  ? ILE A 30  ? THR A 27  ILE A 28  
AA1 2 ILE A 66  ? ASP A 67  ? ILE A 64  ASP A 65  
AA2 1 TYR A 102 ? ILE A 103 ? TYR A 100 ILE A 101 
AA2 2 VAL A 139 ? ASN A 140 ? VAL A 137 ASN A 138 
# 
loop_
_pdbx_struct_sheet_hbond.sheet_id 
_pdbx_struct_sheet_hbond.range_id_1 
_pdbx_struct_sheet_hbond.range_id_2 
_pdbx_struct_sheet_hbond.range_1_label_atom_id 
_pdbx_struct_sheet_hbond.range_1_label_comp_id 
_pdbx_struct_sheet_hbond.range_1_label_asym_id 
_pdbx_struct_sheet_hbond.range_1_label_seq_id 
_pdbx_struct_sheet_hbond.range_1_PDB_ins_code 
_pdbx_struct_sheet_hbond.range_1_auth_atom_id 
_pdbx_struct_sheet_hbond.range_1_auth_comp_id 
_pdbx_struct_sheet_hbond.range_1_auth_asym_id 
_pdbx_struct_sheet_hbond.range_1_auth_seq_id 
_pdbx_struct_sheet_hbond.range_2_label_atom_id 
_pdbx_struct_sheet_hbond.range_2_label_comp_id 
_pdbx_struct_sheet_hbond.range_2_label_asym_id 
_pdbx_struct_sheet_hbond.range_2_label_seq_id 
_pdbx_struct_sheet_hbond.range_2_PDB_ins_code 
_pdbx_struct_sheet_hbond.range_2_auth_atom_id 
_pdbx_struct_sheet_hbond.range_2_auth_comp_id 
_pdbx_struct_sheet_hbond.range_2_auth_asym_id 
_pdbx_struct_sheet_hbond.range_2_auth_seq_id 
AA1 1 2 N ILE A 30  ? N ILE A 28  O ILE A 66  ? O ILE A 64  
AA2 1 2 N ILE A 103 ? N ILE A 101 O VAL A 139 ? O VAL A 137 
# 
loop_
_struct_site.id 
_struct_site.pdbx_evidence_code 
_struct_site.pdbx_auth_asym_id 
_struct_site.pdbx_auth_comp_id 
_struct_site.pdbx_auth_seq_id 
_struct_site.pdbx_auth_ins_code 
_struct_site.pdbx_num_residues 
_struct_site.details 
AC1 Software A CA 201 ? 6 'binding site for residue CA A 201' 
AC2 Software A CA 202 ? 6 'binding site for residue CA A 202' 
AC3 Software A CA 203 ? 6 'binding site for residue CA A 203' 
AC4 Software A CA 204 ? 6 'binding site for residue CA A 204' 
# 
loop_
_struct_site_gen.id 
_struct_site_gen.site_id 
_struct_site_gen.pdbx_num_res 
_struct_site_gen.label_comp_id 
_struct_site_gen.label_asym_id 
_struct_site_gen.label_seq_id 
_struct_site_gen.pdbx_auth_ins_code 
_struct_site_gen.auth_comp_id 
_struct_site_gen.auth_asym_id 
_struct_site_gen.auth_seq_id 
_struct_site_gen.label_atom_id 
_struct_site_gen.label_alt_id 
_struct_site_gen.symmetry 
_struct_site_gen.details 
1  AC1 6 ASP A 132 ? ASP A 130 . ? 1_555 ? 
2  AC1 6 ASP A 134 ? ASP A 132 . ? 1_555 ? 
3  AC1 6 ASP A 136 ? ASP A 134 . ? 1_555 ? 
4  AC1 6 GLN A 138 ? GLN A 136 . ? 1_555 ? 
5  AC1 6 GLU A 143 ? GLU A 141 . ? 1_555 ? 
6  AC1 6 HOH G .   ? HOH A 326 . ? 1_555 ? 
7  AC2 6 ASP A 23  ? ASP A 21  . ? 1_555 ? 
8  AC2 6 ASP A 25  ? ASP A 23  . ? 1_555 ? 
9  AC2 6 ASP A 27  ? ASP A 25  . ? 1_555 ? 
10 AC2 6 THR A 29  ? THR A 27  . ? 1_555 ? 
11 AC2 6 GLU A 34  ? GLU A 32  . ? 1_555 ? 
12 AC2 6 HOH G .   ? HOH A 338 . ? 1_555 ? 
13 AC3 6 ASP A 59  ? ASP A 57  . ? 1_555 ? 
14 AC3 6 ASP A 61  ? ASP A 59  . ? 1_555 ? 
15 AC3 6 ASN A 63  ? ASN A 61  . ? 1_555 ? 
16 AC3 6 THR A 65  ? THR A 63  . ? 1_555 ? 
17 AC3 6 GLU A 70  ? GLU A 68  . ? 1_555 ? 
18 AC3 6 HOH G .   ? HOH A 308 . ? 1_555 ? 
19 AC4 6 ASP A 96  ? ASP A 94  . ? 1_555 ? 
20 AC4 6 ASP A 98  ? ASP A 96  . ? 1_555 ? 
21 AC4 6 ASN A 100 ? ASN A 98  . ? 1_555 ? 
22 AC4 6 TYR A 102 ? TYR A 100 . ? 1_555 ? 
23 AC4 6 GLU A 107 ? GLU A 105 . ? 1_555 ? 
24 AC4 6 HOH G .   ? HOH A 329 . ? 1_555 ? 
# 
_pdbx_entry_details.entry_id                   6MUE 
_pdbx_entry_details.compound_details           ? 
_pdbx_entry_details.source_details             ? 
_pdbx_entry_details.nonpolymer_details         ? 
_pdbx_entry_details.sequence_details           ? 
_pdbx_entry_details.has_ligand_of_interest     ? 
_pdbx_entry_details.has_protein_modification   Y 
# 
_pdbx_validate_symm_contact.id                1 
_pdbx_validate_symm_contact.PDB_model_num     1 
_pdbx_validate_symm_contact.auth_atom_id_1    OD2 
_pdbx_validate_symm_contact.auth_asym_id_1    A 
_pdbx_validate_symm_contact.auth_comp_id_1    ASP 
_pdbx_validate_symm_contact.auth_seq_id_1     23 
_pdbx_validate_symm_contact.PDB_ins_code_1    ? 
_pdbx_validate_symm_contact.label_alt_id_1    ? 
_pdbx_validate_symm_contact.site_symmetry_1   1_555 
_pdbx_validate_symm_contact.auth_atom_id_2    OD2 
_pdbx_validate_symm_contact.auth_asym_id_2    A 
_pdbx_validate_symm_contact.auth_comp_id_2    ASP 
_pdbx_validate_symm_contact.auth_seq_id_2     119 
_pdbx_validate_symm_contact.PDB_ins_code_2    ? 
_pdbx_validate_symm_contact.label_alt_id_2    ? 
_pdbx_validate_symm_contact.site_symmetry_2   1_544 
_pdbx_validate_symm_contact.dist              2.09 
# 
_pdbx_validate_torsion.id              1 
_pdbx_validate_torsion.PDB_model_num   1 
_pdbx_validate_torsion.auth_comp_id    HIS 
_pdbx_validate_torsion.auth_asym_id    B 
_pdbx_validate_torsion.auth_seq_id     1734 
_pdbx_validate_torsion.PDB_ins_code    ? 
_pdbx_validate_torsion.label_alt_id    ? 
_pdbx_validate_torsion.phi             46.23 
_pdbx_validate_torsion.psi             70.48 
# 
_pdbx_distant_solvent_atoms.id                                1 
_pdbx_distant_solvent_atoms.PDB_model_num                     1 
_pdbx_distant_solvent_atoms.auth_atom_id                      O 
_pdbx_distant_solvent_atoms.label_alt_id                      ? 
_pdbx_distant_solvent_atoms.auth_asym_id                      A 
_pdbx_distant_solvent_atoms.auth_comp_id                      HOH 
_pdbx_distant_solvent_atoms.auth_seq_id                       343 
_pdbx_distant_solvent_atoms.PDB_ins_code                      ? 
_pdbx_distant_solvent_atoms.neighbor_macromolecule_distance   5.92 
_pdbx_distant_solvent_atoms.neighbor_ligand_distance          . 
# 
loop_
_pdbx_unobs_or_zero_occ_residues.id 
_pdbx_unobs_or_zero_occ_residues.PDB_model_num 
_pdbx_unobs_or_zero_occ_residues.polymer_flag 
_pdbx_unobs_or_zero_occ_residues.occupancy_flag 
_pdbx_unobs_or_zero_occ_residues.auth_asym_id 
_pdbx_unobs_or_zero_occ_residues.auth_comp_id 
_pdbx_unobs_or_zero_occ_residues.auth_seq_id 
_pdbx_unobs_or_zero_occ_residues.PDB_ins_code 
_pdbx_unobs_or_zero_occ_residues.label_asym_id 
_pdbx_unobs_or_zero_occ_residues.label_comp_id 
_pdbx_unobs_or_zero_occ_residues.label_seq_id 
1  1 Y 1 A GLY -1   ? A GLY 1   
2  1 Y 1 A HIS 0    ? A HIS 2   
3  1 Y 1 A MET 1    ? A MET 3   
4  1 Y 1 A ALA 2    ? A ALA 4   
5  1 Y 1 A ASP 3    ? A ASP 5   
6  1 Y 1 A GLN 4    ? A GLN 6   
7  1 Y 1 A LEU 5    ? A LEU 7   
8  1 Y 1 A THR 6    ? A THR 8   
9  1 Y 1 A LEU 113  ? A LEU 115 
10 1 Y 1 A GLY 114  ? A GLY 116 
11 1 Y 1 A GLU 115  ? A GLU 117 
12 1 Y 1 A LYS 149  ? A LYS 151 
13 1 Y 1 B LYS 1716 ? B LYS 1   
14 1 Y 1 B ARG 1717 ? B ARG 2   
15 1 Y 1 B LYS 1718 ? B LYS 3   
16 1 Y 1 B GLN 1719 ? B GLN 4   
17 1 Y 1 B GLU 1720 ? B GLU 5   
18 1 Y 1 B LEU 1736 ? B LEU 21  
19 1 Y 1 B GLN 1737 ? B GLN 22  
20 1 Y 1 B ARG 1738 ? B ARG 23  
21 1 Y 1 B SER 1739 ? B SER 24  
22 1 Y 1 B VAL 1740 ? B VAL 25  
23 1 Y 1 B LYS 1741 ? B LYS 26  
24 1 Y 1 B GLN 1742 ? B GLN 27  
25 1 Y 1 B ALA 1743 ? B ALA 28  
26 1 Y 1 B SER 1744 ? B SER 29  
# 
loop_
_chem_comp_atom.comp_id 
_chem_comp_atom.atom_id 
_chem_comp_atom.type_symbol 
_chem_comp_atom.pdbx_aromatic_flag 
_chem_comp_atom.pdbx_stereo_config 
_chem_comp_atom.pdbx_ordinal 
ALA N    N  N N 1   
ALA CA   C  N S 2   
ALA C    C  N N 3   
ALA O    O  N N 4   
ALA CB   C  N N 5   
ALA OXT  O  N N 6   
ALA H    H  N N 7   
ALA H2   H  N N 8   
ALA HA   H  N N 9   
ALA HB1  H  N N 10  
ALA HB2  H  N N 11  
ALA HB3  H  N N 12  
ALA HXT  H  N N 13  
ARG N    N  N N 14  
ARG CA   C  N S 15  
ARG C    C  N N 16  
ARG O    O  N N 17  
ARG CB   C  N N 18  
ARG CG   C  N N 19  
ARG CD   C  N N 20  
ARG NE   N  N N 21  
ARG CZ   C  N N 22  
ARG NH1  N  N N 23  
ARG NH2  N  N N 24  
ARG OXT  O  N N 25  
ARG H    H  N N 26  
ARG H2   H  N N 27  
ARG HA   H  N N 28  
ARG HB2  H  N N 29  
ARG HB3  H  N N 30  
ARG HG2  H  N N 31  
ARG HG3  H  N N 32  
ARG HD2  H  N N 33  
ARG HD3  H  N N 34  
ARG HE   H  N N 35  
ARG HH11 H  N N 36  
ARG HH12 H  N N 37  
ARG HH21 H  N N 38  
ARG HH22 H  N N 39  
ARG HXT  H  N N 40  
ASN N    N  N N 41  
ASN CA   C  N S 42  
ASN C    C  N N 43  
ASN O    O  N N 44  
ASN CB   C  N N 45  
ASN CG   C  N N 46  
ASN OD1  O  N N 47  
ASN ND2  N  N N 48  
ASN OXT  O  N N 49  
ASN H    H  N N 50  
ASN H2   H  N N 51  
ASN HA   H  N N 52  
ASN HB2  H  N N 53  
ASN HB3  H  N N 54  
ASN HD21 H  N N 55  
ASN HD22 H  N N 56  
ASN HXT  H  N N 57  
ASP N    N  N N 58  
ASP CA   C  N S 59  
ASP C    C  N N 60  
ASP O    O  N N 61  
ASP CB   C  N N 62  
ASP CG   C  N N 63  
ASP OD1  O  N N 64  
ASP OD2  O  N N 65  
ASP OXT  O  N N 66  
ASP H    H  N N 67  
ASP H2   H  N N 68  
ASP HA   H  N N 69  
ASP HB2  H  N N 70  
ASP HB3  H  N N 71  
ASP HD2  H  N N 72  
ASP HXT  H  N N 73  
CA  CA   CA N N 74  
CYS N    N  N N 75  
CYS CA   C  N R 76  
CYS C    C  N N 77  
CYS O    O  N N 78  
CYS CB   C  N N 79  
CYS SG   S  N N 80  
CYS OXT  O  N N 81  
CYS H    H  N N 82  
CYS H2   H  N N 83  
CYS HA   H  N N 84  
CYS HB2  H  N N 85  
CYS HB3  H  N N 86  
CYS HG   H  N N 87  
CYS HXT  H  N N 88  
GLN N    N  N N 89  
GLN CA   C  N S 90  
GLN C    C  N N 91  
GLN O    O  N N 92  
GLN CB   C  N N 93  
GLN CG   C  N N 94  
GLN CD   C  N N 95  
GLN OE1  O  N N 96  
GLN NE2  N  N N 97  
GLN OXT  O  N N 98  
GLN H    H  N N 99  
GLN H2   H  N N 100 
GLN HA   H  N N 101 
GLN HB2  H  N N 102 
GLN HB3  H  N N 103 
GLN HG2  H  N N 104 
GLN HG3  H  N N 105 
GLN HE21 H  N N 106 
GLN HE22 H  N N 107 
GLN HXT  H  N N 108 
GLU N    N  N N 109 
GLU CA   C  N S 110 
GLU C    C  N N 111 
GLU O    O  N N 112 
GLU CB   C  N N 113 
GLU CG   C  N N 114 
GLU CD   C  N N 115 
GLU OE1  O  N N 116 
GLU OE2  O  N N 117 
GLU OXT  O  N N 118 
GLU H    H  N N 119 
GLU H2   H  N N 120 
GLU HA   H  N N 121 
GLU HB2  H  N N 122 
GLU HB3  H  N N 123 
GLU HG2  H  N N 124 
GLU HG3  H  N N 125 
GLU HE2  H  N N 126 
GLU HXT  H  N N 127 
GLY N    N  N N 128 
GLY CA   C  N N 129 
GLY C    C  N N 130 
GLY O    O  N N 131 
GLY OXT  O  N N 132 
GLY H    H  N N 133 
GLY H2   H  N N 134 
GLY HA2  H  N N 135 
GLY HA3  H  N N 136 
GLY HXT  H  N N 137 
HIS N    N  N N 138 
HIS CA   C  N S 139 
HIS C    C  N N 140 
HIS O    O  N N 141 
HIS CB   C  N N 142 
HIS CG   C  Y N 143 
HIS ND1  N  Y N 144 
HIS CD2  C  Y N 145 
HIS CE1  C  Y N 146 
HIS NE2  N  Y N 147 
HIS OXT  O  N N 148 
HIS H    H  N N 149 
HIS H2   H  N N 150 
HIS HA   H  N N 151 
HIS HB2  H  N N 152 
HIS HB3  H  N N 153 
HIS HD1  H  N N 154 
HIS HD2  H  N N 155 
HIS HE1  H  N N 156 
HIS HE2  H  N N 157 
HIS HXT  H  N N 158 
HOH O    O  N N 159 
HOH H1   H  N N 160 
HOH H2   H  N N 161 
ILE N    N  N N 162 
ILE CA   C  N S 163 
ILE C    C  N N 164 
ILE O    O  N N 165 
ILE CB   C  N S 166 
ILE CG1  C  N N 167 
ILE CG2  C  N N 168 
ILE CD1  C  N N 169 
ILE OXT  O  N N 170 
ILE H    H  N N 171 
ILE H2   H  N N 172 
ILE HA   H  N N 173 
ILE HB   H  N N 174 
ILE HG12 H  N N 175 
ILE HG13 H  N N 176 
ILE HG21 H  N N 177 
ILE HG22 H  N N 178 
ILE HG23 H  N N 179 
ILE HD11 H  N N 180 
ILE HD12 H  N N 181 
ILE HD13 H  N N 182 
ILE HXT  H  N N 183 
LEU N    N  N N 184 
LEU CA   C  N S 185 
LEU C    C  N N 186 
LEU O    O  N N 187 
LEU CB   C  N N 188 
LEU CG   C  N N 189 
LEU CD1  C  N N 190 
LEU CD2  C  N N 191 
LEU OXT  O  N N 192 
LEU H    H  N N 193 
LEU H2   H  N N 194 
LEU HA   H  N N 195 
LEU HB2  H  N N 196 
LEU HB3  H  N N 197 
LEU HG   H  N N 198 
LEU HD11 H  N N 199 
LEU HD12 H  N N 200 
LEU HD13 H  N N 201 
LEU HD21 H  N N 202 
LEU HD22 H  N N 203 
LEU HD23 H  N N 204 
LEU HXT  H  N N 205 
LYS N    N  N N 206 
LYS CA   C  N S 207 
LYS C    C  N N 208 
LYS O    O  N N 209 
LYS CB   C  N N 210 
LYS CG   C  N N 211 
LYS CD   C  N N 212 
LYS CE   C  N N 213 
LYS NZ   N  N N 214 
LYS OXT  O  N N 215 
LYS H    H  N N 216 
LYS H2   H  N N 217 
LYS HA   H  N N 218 
LYS HB2  H  N N 219 
LYS HB3  H  N N 220 
LYS HG2  H  N N 221 
LYS HG3  H  N N 222 
LYS HD2  H  N N 223 
LYS HD3  H  N N 224 
LYS HE2  H  N N 225 
LYS HE3  H  N N 226 
LYS HZ1  H  N N 227 
LYS HZ2  H  N N 228 
LYS HZ3  H  N N 229 
LYS HXT  H  N N 230 
MET N    N  N N 231 
MET CA   C  N S 232 
MET C    C  N N 233 
MET O    O  N N 234 
MET CB   C  N N 235 
MET CG   C  N N 236 
MET SD   S  N N 237 
MET CE   C  N N 238 
MET OXT  O  N N 239 
MET H    H  N N 240 
MET H2   H  N N 241 
MET HA   H  N N 242 
MET HB2  H  N N 243 
MET HB3  H  N N 244 
MET HG2  H  N N 245 
MET HG3  H  N N 246 
MET HE1  H  N N 247 
MET HE2  H  N N 248 
MET HE3  H  N N 249 
MET HXT  H  N N 250 
PHE N    N  N N 251 
PHE CA   C  N S 252 
PHE C    C  N N 253 
PHE O    O  N N 254 
PHE CB   C  N N 255 
PHE CG   C  Y N 256 
PHE CD1  C  Y N 257 
PHE CD2  C  Y N 258 
PHE CE1  C  Y N 259 
PHE CE2  C  Y N 260 
PHE CZ   C  Y N 261 
PHE OXT  O  N N 262 
PHE H    H  N N 263 
PHE H2   H  N N 264 
PHE HA   H  N N 265 
PHE HB2  H  N N 266 
PHE HB3  H  N N 267 
PHE HD1  H  N N 268 
PHE HD2  H  N N 269 
PHE HE1  H  N N 270 
PHE HE2  H  N N 271 
PHE HZ   H  N N 272 
PHE HXT  H  N N 273 
PRO N    N  N N 274 
PRO CA   C  N S 275 
PRO C    C  N N 276 
PRO O    O  N N 277 
PRO CB   C  N N 278 
PRO CG   C  N N 279 
PRO CD   C  N N 280 
PRO OXT  O  N N 281 
PRO H    H  N N 282 
PRO HA   H  N N 283 
PRO HB2  H  N N 284 
PRO HB3  H  N N 285 
PRO HG2  H  N N 286 
PRO HG3  H  N N 287 
PRO HD2  H  N N 288 
PRO HD3  H  N N 289 
PRO HXT  H  N N 290 
SER N    N  N N 291 
SER CA   C  N S 292 
SER C    C  N N 293 
SER O    O  N N 294 
SER CB   C  N N 295 
SER OG   O  N N 296 
SER OXT  O  N N 297 
SER H    H  N N 298 
SER H2   H  N N 299 
SER HA   H  N N 300 
SER HB2  H  N N 301 
SER HB3  H  N N 302 
SER HG   H  N N 303 
SER HXT  H  N N 304 
THR N    N  N N 305 
THR CA   C  N S 306 
THR C    C  N N 307 
THR O    O  N N 308 
THR CB   C  N R 309 
THR OG1  O  N N 310 
THR CG2  C  N N 311 
THR OXT  O  N N 312 
THR H    H  N N 313 
THR H2   H  N N 314 
THR HA   H  N N 315 
THR HB   H  N N 316 
THR HG1  H  N N 317 
THR HG21 H  N N 318 
THR HG22 H  N N 319 
THR HG23 H  N N 320 
THR HXT  H  N N 321 
TYR N    N  N N 322 
TYR CA   C  N S 323 
TYR C    C  N N 324 
TYR O    O  N N 325 
TYR CB   C  N N 326 
TYR CG   C  Y N 327 
TYR CD1  C  Y N 328 
TYR CD2  C  Y N 329 
TYR CE1  C  Y N 330 
TYR CE2  C  Y N 331 
TYR CZ   C  Y N 332 
TYR OH   O  N N 333 
TYR OXT  O  N N 334 
TYR H    H  N N 335 
TYR H2   H  N N 336 
TYR HA   H  N N 337 
TYR HB2  H  N N 338 
TYR HB3  H  N N 339 
TYR HD1  H  N N 340 
TYR HD2  H  N N 341 
TYR HE1  H  N N 342 
TYR HE2  H  N N 343 
TYR HH   H  N N 344 
TYR HXT  H  N N 345 
VAL N    N  N N 346 
VAL CA   C  N S 347 
VAL C    C  N N 348 
VAL O    O  N N 349 
VAL CB   C  N N 350 
VAL CG1  C  N N 351 
VAL CG2  C  N N 352 
VAL OXT  O  N N 353 
VAL H    H  N N 354 
VAL H2   H  N N 355 
VAL HA   H  N N 356 
VAL HB   H  N N 357 
VAL HG11 H  N N 358 
VAL HG12 H  N N 359 
VAL HG13 H  N N 360 
VAL HG21 H  N N 361 
VAL HG22 H  N N 362 
VAL HG23 H  N N 363 
VAL HXT  H  N N 364 
# 
loop_
_chem_comp_bond.comp_id 
_chem_comp_bond.atom_id_1 
_chem_comp_bond.atom_id_2 
_chem_comp_bond.value_order 
_chem_comp_bond.pdbx_aromatic_flag 
_chem_comp_bond.pdbx_stereo_config 
_chem_comp_bond.pdbx_ordinal 
ALA N   CA   sing N N 1   
ALA N   H    sing N N 2   
ALA N   H2   sing N N 3   
ALA CA  C    sing N N 4   
ALA CA  CB   sing N N 5   
ALA CA  HA   sing N N 6   
ALA C   O    doub N N 7   
ALA C   OXT  sing N N 8   
ALA CB  HB1  sing N N 9   
ALA CB  HB2  sing N N 10  
ALA CB  HB3  sing N N 11  
ALA OXT HXT  sing N N 12  
ARG N   CA   sing N N 13  
ARG N   H    sing N N 14  
ARG N   H2   sing N N 15  
ARG CA  C    sing N N 16  
ARG CA  CB   sing N N 17  
ARG CA  HA   sing N N 18  
ARG C   O    doub N N 19  
ARG C   OXT  sing N N 20  
ARG CB  CG   sing N N 21  
ARG CB  HB2  sing N N 22  
ARG CB  HB3  sing N N 23  
ARG CG  CD   sing N N 24  
ARG CG  HG2  sing N N 25  
ARG CG  HG3  sing N N 26  
ARG CD  NE   sing N N 27  
ARG CD  HD2  sing N N 28  
ARG CD  HD3  sing N N 29  
ARG NE  CZ   sing N N 30  
ARG NE  HE   sing N N 31  
ARG CZ  NH1  sing N N 32  
ARG CZ  NH2  doub N N 33  
ARG NH1 HH11 sing N N 34  
ARG NH1 HH12 sing N N 35  
ARG NH2 HH21 sing N N 36  
ARG NH2 HH22 sing N N 37  
ARG OXT HXT  sing N N 38  
ASN N   CA   sing N N 39  
ASN N   H    sing N N 40  
ASN N   H2   sing N N 41  
ASN CA  C    sing N N 42  
ASN CA  CB   sing N N 43  
ASN CA  HA   sing N N 44  
ASN C   O    doub N N 45  
ASN C   OXT  sing N N 46  
ASN CB  CG   sing N N 47  
ASN CB  HB2  sing N N 48  
ASN CB  HB3  sing N N 49  
ASN CG  OD1  doub N N 50  
ASN CG  ND2  sing N N 51  
ASN ND2 HD21 sing N N 52  
ASN ND2 HD22 sing N N 53  
ASN OXT HXT  sing N N 54  
ASP N   CA   sing N N 55  
ASP N   H    sing N N 56  
ASP N   H2   sing N N 57  
ASP CA  C    sing N N 58  
ASP CA  CB   sing N N 59  
ASP CA  HA   sing N N 60  
ASP C   O    doub N N 61  
ASP C   OXT  sing N N 62  
ASP CB  CG   sing N N 63  
ASP CB  HB2  sing N N 64  
ASP CB  HB3  sing N N 65  
ASP CG  OD1  doub N N 66  
ASP CG  OD2  sing N N 67  
ASP OD2 HD2  sing N N 68  
ASP OXT HXT  sing N N 69  
CYS N   CA   sing N N 70  
CYS N   H    sing N N 71  
CYS N   H2   sing N N 72  
CYS CA  C    sing N N 73  
CYS CA  CB   sing N N 74  
CYS CA  HA   sing N N 75  
CYS C   O    doub N N 76  
CYS C   OXT  sing N N 77  
CYS CB  SG   sing N N 78  
CYS CB  HB2  sing N N 79  
CYS CB  HB3  sing N N 80  
CYS SG  HG   sing N N 81  
CYS OXT HXT  sing N N 82  
GLN N   CA   sing N N 83  
GLN N   H    sing N N 84  
GLN N   H2   sing N N 85  
GLN CA  C    sing N N 86  
GLN CA  CB   sing N N 87  
GLN CA  HA   sing N N 88  
GLN C   O    doub N N 89  
GLN C   OXT  sing N N 90  
GLN CB  CG   sing N N 91  
GLN CB  HB2  sing N N 92  
GLN CB  HB3  sing N N 93  
GLN CG  CD   sing N N 94  
GLN CG  HG2  sing N N 95  
GLN CG  HG3  sing N N 96  
GLN CD  OE1  doub N N 97  
GLN CD  NE2  sing N N 98  
GLN NE2 HE21 sing N N 99  
GLN NE2 HE22 sing N N 100 
GLN OXT HXT  sing N N 101 
GLU N   CA   sing N N 102 
GLU N   H    sing N N 103 
GLU N   H2   sing N N 104 
GLU CA  C    sing N N 105 
GLU CA  CB   sing N N 106 
GLU CA  HA   sing N N 107 
GLU C   O    doub N N 108 
GLU C   OXT  sing N N 109 
GLU CB  CG   sing N N 110 
GLU CB  HB2  sing N N 111 
GLU CB  HB3  sing N N 112 
GLU CG  CD   sing N N 113 
GLU CG  HG2  sing N N 114 
GLU CG  HG3  sing N N 115 
GLU CD  OE1  doub N N 116 
GLU CD  OE2  sing N N 117 
GLU OE2 HE2  sing N N 118 
GLU OXT HXT  sing N N 119 
GLY N   CA   sing N N 120 
GLY N   H    sing N N 121 
GLY N   H2   sing N N 122 
GLY CA  C    sing N N 123 
GLY CA  HA2  sing N N 124 
GLY CA  HA3  sing N N 125 
GLY C   O    doub N N 126 
GLY C   OXT  sing N N 127 
GLY OXT HXT  sing N N 128 
HIS N   CA   sing N N 129 
HIS N   H    sing N N 130 
HIS N   H2   sing N N 131 
HIS CA  C    sing N N 132 
HIS CA  CB   sing N N 133 
HIS CA  HA   sing N N 134 
HIS C   O    doub N N 135 
HIS C   OXT  sing N N 136 
HIS CB  CG   sing N N 137 
HIS CB  HB2  sing N N 138 
HIS CB  HB3  sing N N 139 
HIS CG  ND1  sing Y N 140 
HIS CG  CD2  doub Y N 141 
HIS ND1 CE1  doub Y N 142 
HIS ND1 HD1  sing N N 143 
HIS CD2 NE2  sing Y N 144 
HIS CD2 HD2  sing N N 145 
HIS CE1 NE2  sing Y N 146 
HIS CE1 HE1  sing N N 147 
HIS NE2 HE2  sing N N 148 
HIS OXT HXT  sing N N 149 
HOH O   H1   sing N N 150 
HOH O   H2   sing N N 151 
ILE N   CA   sing N N 152 
ILE N   H    sing N N 153 
ILE N   H2   sing N N 154 
ILE CA  C    sing N N 155 
ILE CA  CB   sing N N 156 
ILE CA  HA   sing N N 157 
ILE C   O    doub N N 158 
ILE C   OXT  sing N N 159 
ILE CB  CG1  sing N N 160 
ILE CB  CG2  sing N N 161 
ILE CB  HB   sing N N 162 
ILE CG1 CD1  sing N N 163 
ILE CG1 HG12 sing N N 164 
ILE CG1 HG13 sing N N 165 
ILE CG2 HG21 sing N N 166 
ILE CG2 HG22 sing N N 167 
ILE CG2 HG23 sing N N 168 
ILE CD1 HD11 sing N N 169 
ILE CD1 HD12 sing N N 170 
ILE CD1 HD13 sing N N 171 
ILE OXT HXT  sing N N 172 
LEU N   CA   sing N N 173 
LEU N   H    sing N N 174 
LEU N   H2   sing N N 175 
LEU CA  C    sing N N 176 
LEU CA  CB   sing N N 177 
LEU CA  HA   sing N N 178 
LEU C   O    doub N N 179 
LEU C   OXT  sing N N 180 
LEU CB  CG   sing N N 181 
LEU CB  HB2  sing N N 182 
LEU CB  HB3  sing N N 183 
LEU CG  CD1  sing N N 184 
LEU CG  CD2  sing N N 185 
LEU CG  HG   sing N N 186 
LEU CD1 HD11 sing N N 187 
LEU CD1 HD12 sing N N 188 
LEU CD1 HD13 sing N N 189 
LEU CD2 HD21 sing N N 190 
LEU CD2 HD22 sing N N 191 
LEU CD2 HD23 sing N N 192 
LEU OXT HXT  sing N N 193 
LYS N   CA   sing N N 194 
LYS N   H    sing N N 195 
LYS N   H2   sing N N 196 
LYS CA  C    sing N N 197 
LYS CA  CB   sing N N 198 
LYS CA  HA   sing N N 199 
LYS C   O    doub N N 200 
LYS C   OXT  sing N N 201 
LYS CB  CG   sing N N 202 
LYS CB  HB2  sing N N 203 
LYS CB  HB3  sing N N 204 
LYS CG  CD   sing N N 205 
LYS CG  HG2  sing N N 206 
LYS CG  HG3  sing N N 207 
LYS CD  CE   sing N N 208 
LYS CD  HD2  sing N N 209 
LYS CD  HD3  sing N N 210 
LYS CE  NZ   sing N N 211 
LYS CE  HE2  sing N N 212 
LYS CE  HE3  sing N N 213 
LYS NZ  HZ1  sing N N 214 
LYS NZ  HZ2  sing N N 215 
LYS NZ  HZ3  sing N N 216 
LYS OXT HXT  sing N N 217 
MET N   CA   sing N N 218 
MET N   H    sing N N 219 
MET N   H2   sing N N 220 
MET CA  C    sing N N 221 
MET CA  CB   sing N N 222 
MET CA  HA   sing N N 223 
MET C   O    doub N N 224 
MET C   OXT  sing N N 225 
MET CB  CG   sing N N 226 
MET CB  HB2  sing N N 227 
MET CB  HB3  sing N N 228 
MET CG  SD   sing N N 229 
MET CG  HG2  sing N N 230 
MET CG  HG3  sing N N 231 
MET SD  CE   sing N N 232 
MET CE  HE1  sing N N 233 
MET CE  HE2  sing N N 234 
MET CE  HE3  sing N N 235 
MET OXT HXT  sing N N 236 
PHE N   CA   sing N N 237 
PHE N   H    sing N N 238 
PHE N   H2   sing N N 239 
PHE CA  C    sing N N 240 
PHE CA  CB   sing N N 241 
PHE CA  HA   sing N N 242 
PHE C   O    doub N N 243 
PHE C   OXT  sing N N 244 
PHE CB  CG   sing N N 245 
PHE CB  HB2  sing N N 246 
PHE CB  HB3  sing N N 247 
PHE CG  CD1  doub Y N 248 
PHE CG  CD2  sing Y N 249 
PHE CD1 CE1  sing Y N 250 
PHE CD1 HD1  sing N N 251 
PHE CD2 CE2  doub Y N 252 
PHE CD2 HD2  sing N N 253 
PHE CE1 CZ   doub Y N 254 
PHE CE1 HE1  sing N N 255 
PHE CE2 CZ   sing Y N 256 
PHE CE2 HE2  sing N N 257 
PHE CZ  HZ   sing N N 258 
PHE OXT HXT  sing N N 259 
PRO N   CA   sing N N 260 
PRO N   CD   sing N N 261 
PRO N   H    sing N N 262 
PRO CA  C    sing N N 263 
PRO CA  CB   sing N N 264 
PRO CA  HA   sing N N 265 
PRO C   O    doub N N 266 
PRO C   OXT  sing N N 267 
PRO CB  CG   sing N N 268 
PRO CB  HB2  sing N N 269 
PRO CB  HB3  sing N N 270 
PRO CG  CD   sing N N 271 
PRO CG  HG2  sing N N 272 
PRO CG  HG3  sing N N 273 
PRO CD  HD2  sing N N 274 
PRO CD  HD3  sing N N 275 
PRO OXT HXT  sing N N 276 
SER N   CA   sing N N 277 
SER N   H    sing N N 278 
SER N   H2   sing N N 279 
SER CA  C    sing N N 280 
SER CA  CB   sing N N 281 
SER CA  HA   sing N N 282 
SER C   O    doub N N 283 
SER C   OXT  sing N N 284 
SER CB  OG   sing N N 285 
SER CB  HB2  sing N N 286 
SER CB  HB3  sing N N 287 
SER OG  HG   sing N N 288 
SER OXT HXT  sing N N 289 
THR N   CA   sing N N 290 
THR N   H    sing N N 291 
THR N   H2   sing N N 292 
THR CA  C    sing N N 293 
THR CA  CB   sing N N 294 
THR CA  HA   sing N N 295 
THR C   O    doub N N 296 
THR C   OXT  sing N N 297 
THR CB  OG1  sing N N 298 
THR CB  CG2  sing N N 299 
THR CB  HB   sing N N 300 
THR OG1 HG1  sing N N 301 
THR CG2 HG21 sing N N 302 
THR CG2 HG22 sing N N 303 
THR CG2 HG23 sing N N 304 
THR OXT HXT  sing N N 305 
TYR N   CA   sing N N 306 
TYR N   H    sing N N 307 
TYR N   H2   sing N N 308 
TYR CA  C    sing N N 309 
TYR CA  CB   sing N N 310 
TYR CA  HA   sing N N 311 
TYR C   O    doub N N 312 
TYR C   OXT  sing N N 313 
TYR CB  CG   sing N N 314 
TYR CB  HB2  sing N N 315 
TYR CB  HB3  sing N N 316 
TYR CG  CD1  doub Y N 317 
TYR CG  CD2  sing Y N 318 
TYR CD1 CE1  sing Y N 319 
TYR CD1 HD1  sing N N 320 
TYR CD2 CE2  doub Y N 321 
TYR CD2 HD2  sing N N 322 
TYR CE1 CZ   doub Y N 323 
TYR CE1 HE1  sing N N 324 
TYR CE2 CZ   sing Y N 325 
TYR CE2 HE2  sing N N 326 
TYR CZ  OH   sing N N 327 
TYR OH  HH   sing N N 328 
TYR OXT HXT  sing N N 329 
VAL N   CA   sing N N 330 
VAL N   H    sing N N 331 
VAL N   H2   sing N N 332 
VAL CA  C    sing N N 333 
VAL CA  CB   sing N N 334 
VAL CA  HA   sing N N 335 
VAL C   O    doub N N 336 
VAL C   OXT  sing N N 337 
VAL CB  CG1  sing N N 338 
VAL CB  CG2  sing N N 339 
VAL CB  HB   sing N N 340 
VAL CG1 HG11 sing N N 341 
VAL CG1 HG12 sing N N 342 
VAL CG1 HG13 sing N N 343 
VAL CG2 HG21 sing N N 344 
VAL CG2 HG22 sing N N 345 
VAL CG2 HG23 sing N N 346 
VAL OXT HXT  sing N N 347 
# 
_pdbx_audit_support.funding_organization   'Canadian Institutes of Health Research (CIHR)' 
_pdbx_audit_support.country                Canada 
_pdbx_audit_support.grant_number           MOP-119404 
_pdbx_audit_support.ordinal                1 
# 
_pdbx_initial_refinement_model.id               1 
_pdbx_initial_refinement_model.entity_id_list   ? 
_pdbx_initial_refinement_model.type             'experimental model' 
_pdbx_initial_refinement_model.source_name      PDB 
_pdbx_initial_refinement_model.accession_code   4DJC 
_pdbx_initial_refinement_model.details          ? 
# 
_atom_sites.entry_id                    6MUE 
_atom_sites.fract_transf_matrix[1][1]   -0.01277434 
_atom_sites.fract_transf_matrix[1][2]   0.01302018 
_atom_sites.fract_transf_matrix[1][3]   -0.00305973 
_atom_sites.fract_transf_matrix[2][1]   -0.01626324 
_atom_sites.fract_transf_matrix[2][2]   -0.02294393 
_atom_sites.fract_transf_matrix[2][3]   -0.02973524 
_atom_sites.fract_transf_matrix[3][1]   -0.01469287 
_atom_sites.fract_transf_matrix[3][2]   -0.00234801 
_atom_sites.fract_transf_matrix[3][3]   0.00984779 
_atom_sites.fract_transf_vector[1]      0.221543 
_atom_sites.fract_transf_vector[2]      -0.094512 
_atom_sites.fract_transf_vector[3]      0.697261 
# 
loop_
_atom_type.symbol 
C  
CA 
N  
O  
S  
# 
loop_
_atom_site.group_PDB 
_atom_site.id 
_atom_site.type_symbol 
_atom_site.label_atom_id 
_atom_site.label_alt_id 
_atom_site.label_comp_id 
_atom_site.label_asym_id 
_atom_site.label_entity_id 
_atom_site.label_seq_id 
_atom_site.pdbx_PDB_ins_code 
_atom_site.Cartn_x 
_atom_site.Cartn_y 
_atom_site.Cartn_z 
_atom_site.occupancy 
_atom_site.B_iso_or_equiv 
_atom_site.pdbx_formal_charge 
_atom_site.auth_seq_id 
_atom_site.auth_comp_id 
_atom_site.auth_asym_id 
_atom_site.auth_atom_id 
_atom_site.pdbx_PDB_model_num 
ATOM   1    N  N   . GLU A 1 9   ? -0.197  20.526  2.184   1.00 72.51 ? 7    GLU A N   1 
ATOM   2    C  CA  . GLU A 1 9   ? -0.256  20.993  3.606   1.00 73.17 ? 7    GLU A CA  1 
ATOM   3    C  C   . GLU A 1 9   ? 1.078   21.663  3.975   1.00 80.02 ? 7    GLU A C   1 
ATOM   4    O  O   . GLU A 1 9   ? 1.678   22.384  3.169   1.00 76.76 ? 7    GLU A O   1 
ATOM   5    C  CB  . GLU A 1 9   ? -0.592  19.814  4.527   1.00 68.25 ? 7    GLU A CB  1 
ATOM   6    N  N   . GLU A 1 10  ? 1.516   21.435  5.219   1.00 87.23 ? 8    GLU A N   1 
ATOM   7    C  CA  . GLU A 1 10  ? 2.892   21.676  5.659   1.00 82.06 ? 8    GLU A CA  1 
ATOM   8    C  C   . GLU A 1 10  ? 3.707   20.380  5.514   1.00 79.89 ? 8    GLU A C   1 
ATOM   9    O  O   . GLU A 1 10  ? 4.769   20.242  6.116   1.00 73.99 ? 8    GLU A O   1 
ATOM   10   C  CB  . GLU A 1 10  ? 2.894   22.154  7.113   1.00 84.31 ? 8    GLU A CB  1 
ATOM   11   N  N   . GLN A 1 11  ? 3.186   19.428  4.724   1.00 73.55 ? 9    GLN A N   1 
ATOM   12   C  CA  . GLN A 1 11  ? 3.858   18.163  4.425   1.00 68.62 ? 9    GLN A CA  1 
ATOM   13   C  C   . GLN A 1 11  ? 4.758   18.346  3.192   1.00 61.09 ? 9    GLN A C   1 
ATOM   14   O  O   . GLN A 1 11  ? 5.602   17.502  2.912   1.00 58.88 ? 9    GLN A O   1 
ATOM   15   C  CB  . GLN A 1 11  ? 2.856   17.037  4.153   1.00 71.40 ? 9    GLN A CB  1 
ATOM   16   C  CG  . GLN A 1 11  ? 1.621   17.040  5.045   1.00 73.99 ? 9    GLN A CG  1 
ATOM   17   C  CD  . GLN A 1 11  ? 0.555   16.118  4.506   1.00 70.12 ? 9    GLN A CD  1 
ATOM   18   O  OE1 . GLN A 1 11  ? 0.066   16.280  3.392   1.00 69.19 ? 9    GLN A OE1 1 
ATOM   19   N  NE2 . GLN A 1 11  ? 0.190   15.125  5.299   1.00 68.97 ? 9    GLN A NE2 1 
ATOM   20   N  N   . ILE A 1 12  ? 4.553   19.444  2.456   1.00 54.75 ? 10   ILE A N   1 
ATOM   21   C  CA  . ILE A 1 12  ? 5.402   19.815  1.352   1.00 54.18 ? 10   ILE A CA  1 
ATOM   22   C  C   . ILE A 1 12  ? 6.819   20.059  1.889   1.00 52.29 ? 10   ILE A C   1 
ATOM   23   O  O   . ILE A 1 12  ? 7.804   19.682  1.251   1.00 48.78 ? 10   ILE A O   1 
ATOM   24   C  CB  . ILE A 1 12  ? 4.828   21.033  0.603   1.00 57.37 ? 10   ILE A CB  1 
ATOM   25   C  CG1 . ILE A 1 12  ? 3.594   20.644  -0.221  1.00 60.28 ? 10   ILE A CG1 1 
ATOM   26   C  CG2 . ILE A 1 12  ? 5.892   21.694  -0.263  1.00 60.47 ? 10   ILE A CG2 1 
ATOM   27   C  CD1 . ILE A 1 12  ? 2.741   21.820  -0.672  1.00 62.48 ? 10   ILE A CD1 1 
ATOM   28   N  N   . ALA A 1 13  ? 6.907   20.661  3.077   1.00 47.31 ? 11   ALA A N   1 
ATOM   29   C  CA  . ALA A 1 13  ? 8.178   20.905  3.737   1.00 47.96 ? 11   ALA A CA  1 
ATOM   30   C  C   . ALA A 1 13  ? 8.906   19.576  3.947   1.00 47.11 ? 11   ALA A C   1 
ATOM   31   O  O   . ALA A 1 13  ? 10.089  19.471  3.644   1.00 47.37 ? 11   ALA A O   1 
ATOM   32   C  CB  . ALA A 1 13  ? 7.968   21.613  5.050   1.00 51.36 ? 11   ALA A CB  1 
ATOM   33   N  N   . GLU A 1 14  ? 8.177   18.568  4.438   1.00 41.83 ? 12   GLU A N   1 
ATOM   34   C  CA  . GLU A 1 14  ? 8.736   17.248  4.711   1.00 44.74 ? 12   GLU A CA  1 
ATOM   35   C  C   . GLU A 1 14  ? 9.149   16.577  3.391   1.00 39.80 ? 12   GLU A C   1 
ATOM   36   O  O   . GLU A 1 14  ? 10.155  15.903  3.341   1.00 36.79 ? 12   GLU A O   1 
ATOM   37   C  CB  . GLU A 1 14  ? 7.728   16.378  5.465   1.00 54.87 ? 12   GLU A CB  1 
ATOM   38   C  CG  . GLU A 1 14  ? 7.339   16.920  6.831   1.00 62.35 ? 12   GLU A CG  1 
ATOM   39   C  CD  . GLU A 1 14  ? 6.346   16.041  7.577   1.00 73.97 ? 12   GLU A CD  1 
ATOM   40   O  OE1 . GLU A 1 14  ? 5.177   16.475  7.743   1.00 81.43 ? 12   GLU A OE1 1 
ATOM   41   O  OE2 . GLU A 1 14  ? 6.735   14.916  7.982   1.00 79.43 ? 12   GLU A OE2 1 
ATOM   42   N  N   . PHE A 1 15  ? 8.356   16.767  2.332   1.00 40.81 ? 13   PHE A N   1 
ATOM   43   C  CA  . PHE A 1 15  ? 8.657   16.187  1.011   1.00 40.06 ? 13   PHE A CA  1 
ATOM   44   C  C   . PHE A 1 15  ? 9.900   16.851  0.399   1.00 38.36 ? 13   PHE A C   1 
ATOM   45   O  O   . PHE A 1 15  ? 10.634  16.200  -0.342  1.00 36.10 ? 13   PHE A O   1 
ATOM   46   C  CB  . PHE A 1 15  ? 7.456   16.304  0.073   1.00 41.65 ? 13   PHE A CB  1 
ATOM   47   C  CG  . PHE A 1 15  ? 6.301   15.393  0.416   1.00 45.38 ? 13   PHE A CG  1 
ATOM   48   C  CD1 . PHE A 1 15  ? 6.519   14.102  0.874   1.00 46.14 ? 13   PHE A CD1 1 
ATOM   49   C  CD2 . PHE A 1 15  ? 4.989   15.820  0.256   1.00 47.71 ? 13   PHE A CD2 1 
ATOM   50   C  CE1 . PHE A 1 15  ? 5.450   13.265  1.163   1.00 49.81 ? 13   PHE A CE1 1 
ATOM   51   C  CE2 . PHE A 1 15  ? 3.920   14.977  0.534   1.00 47.28 ? 13   PHE A CE2 1 
ATOM   52   C  CZ  . PHE A 1 15  ? 4.154   13.703  0.999   1.00 45.30 ? 13   PHE A CZ  1 
ATOM   53   N  N   . LYS A 1 16  ? 10.117  18.135  0.705   1.00 38.37 ? 14   LYS A N   1 
ATOM   54   C  CA  . LYS A 1 16  ? 11.281  18.851  0.229   1.00 39.67 ? 14   LYS A CA  1 
ATOM   55   C  C   . LYS A 1 16  ? 12.530  18.293  0.910   1.00 39.30 ? 14   LYS A C   1 
ATOM   56   O  O   . LYS A 1 16  ? 13.573  18.169  0.282   1.00 32.44 ? 14   LYS A O   1 
ATOM   57   C  CB  . LYS A 1 16  ? 11.170  20.354  0.465   1.00 44.89 ? 14   LYS A CB  1 
ATOM   58   C  CG  . LYS A 1 16  ? 10.112  21.047  -0.374  1.00 51.39 ? 14   LYS A CG  1 
ATOM   59   C  CD  . LYS A 1 16  ? 10.217  22.557  -0.409  1.00 52.72 ? 14   LYS A CD  1 
ATOM   60   C  CE  . LYS A 1 16  ? 9.027   23.182  -1.107  1.00 54.69 ? 14   LYS A CE  1 
ATOM   61   N  NZ  . LYS A 1 16  ? 9.441   24.296  -1.987  1.00 58.11 ? 14   LYS A NZ  1 
ATOM   62   N  N   . GLU A 1 17  ? 12.412  17.953  2.192   1.00 36.82 ? 15   GLU A N   1 
ATOM   63   C  CA  . GLU A 1 17  ? 13.522  17.405  2.913   1.00 37.27 ? 15   GLU A CA  1 
ATOM   64   C  C   . GLU A 1 17  ? 13.902  16.043  2.326   1.00 34.08 ? 15   GLU A C   1 
ATOM   65   O  O   . GLU A 1 17  ? 15.085  15.746  2.153   1.00 34.64 ? 15   GLU A O   1 
ATOM   66   C  CB  . GLU A 1 17  ? 13.201  17.204  4.389   1.00 42.07 ? 15   GLU A CB  1 
ATOM   67   C  CG  . GLU A 1 17  ? 13.004  18.483  5.173   1.00 49.97 ? 15   GLU A CG  1 
ATOM   68   C  CD  . GLU A 1 17  ? 12.633  18.173  6.617   1.00 55.64 ? 15   GLU A CD  1 
ATOM   69   O  OE1 . GLU A 1 17  ? 13.306  17.287  7.189   1.00 59.72 ? 15   GLU A OE1 1 
ATOM   70   O  OE2 . GLU A 1 17  ? 11.647  18.766  7.145   1.00 61.95 ? 15   GLU A OE2 1 
ATOM   71   N  N   . ALA A 1 18  ? 12.893  15.206  2.068   1.00 31.02 ? 16   ALA A N   1 
ATOM   72   C  CA  . ALA A 1 18  ? 13.125  13.881  1.510   1.00 29.10 ? 16   ALA A CA  1 
ATOM   73   C  C   . ALA A 1 18  ? 13.796  14.043  0.137   1.00 26.99 ? 16   ALA A C   1 
ATOM   74   O  O   . ALA A 1 18  ? 14.782  13.384  -0.139  1.00 28.44 ? 16   ALA A O   1 
ATOM   75   C  CB  . ALA A 1 18  ? 11.850  13.095  1.425   1.00 29.51 ? 16   ALA A CB  1 
ATOM   76   N  N   . PHE A 1 19  ? 13.282  14.972  -0.676  1.00 26.28 ? 17   PHE A N   1 
ATOM   77   C  CA  . PHE A 1 19  ? 13.838  15.252  -1.982  1.00 27.80 ? 17   PHE A CA  1 
ATOM   78   C  C   . PHE A 1 19  ? 15.324  15.624  -1.845  1.00 26.51 ? 17   PHE A C   1 
ATOM   79   O  O   . PHE A 1 19  ? 16.189  15.106  -2.581  1.00 25.49 ? 17   PHE A O   1 
ATOM   80   C  CB  . PHE A 1 19  ? 13.063  16.363  -2.711  1.00 26.16 ? 17   PHE A CB  1 
ATOM   81   C  CG  . PHE A 1 19  ? 13.605  16.638  -4.097  1.00 27.20 ? 17   PHE A CG  1 
ATOM   82   C  CD1 . PHE A 1 19  ? 13.251  15.828  -5.164  1.00 25.55 ? 17   PHE A CD1 1 
ATOM   83   C  CD2 . PHE A 1 19  ? 14.535  17.646  -4.327  1.00 26.51 ? 17   PHE A CD2 1 
ATOM   84   C  CE1 . PHE A 1 19  ? 13.747  16.058  -6.435  1.00 26.74 ? 17   PHE A CE1 1 
ATOM   85   C  CE2 . PHE A 1 19  ? 15.072  17.848  -5.596  1.00 26.75 ? 17   PHE A CE2 1 
ATOM   86   C  CZ  . PHE A 1 19  ? 14.668  17.058  -6.653  1.00 26.64 ? 17   PHE A CZ  1 
ATOM   87   N  N   . SER A 1 20  ? 15.623  16.522  -0.895  1.00 28.58 ? 18   SER A N   1 
ATOM   88   C  CA  . SER A 1 20  ? 16.969  17.022  -0.686  1.00 31.02 ? 18   SER A CA  1 
ATOM   89   C  C   . SER A 1 20  ? 17.912  15.868  -0.286  1.00 29.66 ? 18   SER A C   1 
ATOM   90   O  O   . SER A 1 20  ? 19.090  15.883  -0.645  1.00 31.84 ? 18   SER A O   1 
ATOM   91   C  CB  . SER A 1 20  ? 16.980  18.197  0.289   1.00 34.47 ? 18   SER A CB  1 
ATOM   92   O  OG  . SER A 1 20  ? 16.752  17.780  1.627   1.00 41.54 ? 18   SER A OG  1 
ATOM   93   N  N   . LEU A 1 21  ? 17.393  14.817  0.351   1.00 32.12 ? 19   LEU A N   1 
ATOM   94   C  CA  . LEU A 1 21  ? 18.222  13.621  0.665   1.00 35.12 ? 19   LEU A CA  1 
ATOM   95   C  C   . LEU A 1 21  ? 18.598  12.858  -0.618  1.00 32.56 ? 19   LEU A C   1 
ATOM   96   O  O   . LEU A 1 21  ? 19.621  12.190  -0.660  1.00 30.41 ? 19   LEU A O   1 
ATOM   97   C  CB  . LEU A 1 21  ? 17.457  12.706  1.628   1.00 43.24 ? 19   LEU A CB  1 
ATOM   98   C  CG  . LEU A 1 21  ? 18.164  11.389  1.976   1.00 53.96 ? 19   LEU A CG  1 
ATOM   99   C  CD1 . LEU A 1 21  ? 19.263  11.621  3.010   1.00 57.73 ? 19   LEU A CD1 1 
ATOM   100  C  CD2 . LEU A 1 21  ? 17.184  10.327  2.464   1.00 55.55 ? 19   LEU A CD2 1 
ATOM   101  N  N   . PHE A 1 22  ? 17.720  12.881  -1.626  1.00 32.24 ? 20   PHE A N   1 
ATOM   102  C  CA  . PHE A 1 22  ? 18.016  12.273  -2.936  1.00 32.62 ? 20   PHE A CA  1 
ATOM   103  C  C   . PHE A 1 22  ? 18.929  13.185  -3.778  1.00 29.77 ? 20   PHE A C   1 
ATOM   104  O  O   . PHE A 1 22  ? 19.827  12.740  -4.454  1.00 28.65 ? 20   PHE A O   1 
ATOM   105  C  CB  . PHE A 1 22  ? 16.723  12.000  -3.696  1.00 32.02 ? 20   PHE A CB  1 
ATOM   106  C  CG  . PHE A 1 22  ? 15.923  10.833  -3.179  1.00 33.07 ? 20   PHE A CG  1 
ATOM   107  C  CD1 . PHE A 1 22  ? 16.132  9.555   -3.664  1.00 34.02 ? 20   PHE A CD1 1 
ATOM   108  C  CD2 . PHE A 1 22  ? 14.957  11.013  -2.205  1.00 32.62 ? 20   PHE A CD2 1 
ATOM   109  C  CE1 . PHE A 1 22  ? 15.386  8.487   -3.190  1.00 35.12 ? 20   PHE A CE1 1 
ATOM   110  C  CE2 . PHE A 1 22  ? 14.240  9.939   -1.710  1.00 33.48 ? 20   PHE A CE2 1 
ATOM   111  C  CZ  . PHE A 1 22  ? 14.449  8.679   -2.205  1.00 32.13 ? 20   PHE A CZ  1 
ATOM   112  N  N   . ASP A 1 23  ? 18.638  14.484  -3.773  1.00 30.32 ? 21   ASP A N   1 
ATOM   113  C  CA  . ASP A 1 23  ? 19.340  15.425  -4.616  1.00 32.19 ? 21   ASP A CA  1 
ATOM   114  C  C   . ASP A 1 23  ? 20.659  15.811  -3.938  1.00 30.51 ? 21   ASP A C   1 
ATOM   115  O  O   . ASP A 1 23  ? 20.811  16.915  -3.422  1.00 28.84 ? 21   ASP A O   1 
ATOM   116  C  CB  . ASP A 1 23  ? 18.456  16.631  -4.914  1.00 28.58 ? 21   ASP A CB  1 
ATOM   117  C  CG  . ASP A 1 23  ? 19.123  17.646  -5.821  1.00 32.03 ? 21   ASP A CG  1 
ATOM   118  O  OD1 . ASP A 1 23  ? 20.169  17.316  -6.390  1.00 28.45 ? 21   ASP A OD1 1 
ATOM   119  O  OD2 . ASP A 1 23  ? 18.563  18.768  -5.979  1.00 33.75 ? 21   ASP A OD2 1 
ATOM   120  N  N   . LYS A 1 24  ? 21.613  14.887  -3.975  1.00 30.67 ? 22   LYS A N   1 
ATOM   121  C  CA  . LYS A 1 24  ? 22.840  14.960  -3.221  1.00 31.07 ? 22   LYS A CA  1 
ATOM   122  C  C   . LYS A 1 24  ? 23.663  16.208  -3.573  1.00 30.26 ? 22   LYS A C   1 
ATOM   123  O  O   . LYS A 1 24  ? 24.379  16.712  -2.698  1.00 33.01 ? 22   LYS A O   1 
ATOM   124  C  CB  . LYS A 1 24  ? 23.720  13.729  -3.470  1.00 33.14 ? 22   LYS A CB  1 
ATOM   125  C  CG  . LYS A 1 24  ? 23.142  12.403  -2.996  1.00 35.67 ? 22   LYS A CG  1 
ATOM   126  C  CD  . LYS A 1 24  ? 23.017  12.323  -1.497  1.00 35.99 ? 22   LYS A CD  1 
ATOM   127  C  CE  . LYS A 1 24  ? 22.536  10.973  -1.018  1.00 38.65 ? 22   LYS A CE  1 
ATOM   128  N  NZ  . LYS A 1 24  ? 21.837  11.095  0.278   1.00 37.76 ? 22   LYS A NZ  1 
ATOM   129  N  N   . ASP A 1 25  ? 23.597  16.674  -4.824  1.00 29.85 ? 23   ASP A N   1 
ATOM   130  C  CA  . ASP A 1 25  ? 24.392  17.813  -5.265  1.00 34.77 ? 23   ASP A CA  1 
ATOM   131  C  C   . ASP A 1 25  ? 23.531  19.081  -5.348  1.00 33.98 ? 23   ASP A C   1 
ATOM   132  O  O   . ASP A 1 25  ? 24.018  20.111  -5.722  1.00 35.71 ? 23   ASP A O   1 
ATOM   133  C  CB  . ASP A 1 25  ? 25.088  17.502  -6.593  1.00 35.90 ? 23   ASP A CB  1 
ATOM   134  C  CG  . ASP A 1 25  ? 24.174  17.507  -7.803  1.00 35.09 ? 23   ASP A CG  1 
ATOM   135  O  OD1 . ASP A 1 25  ? 22.940  17.486  -7.641  1.00 34.13 ? 23   ASP A OD1 1 
ATOM   136  O  OD2 . ASP A 1 25  ? 24.709  17.555  -8.904  1.00 39.32 ? 23   ASP A OD2 1 
ATOM   137  N  N   . GLY A 1 26  ? 22.250  18.994  -4.986  1.00 33.10 ? 24   GLY A N   1 
ATOM   138  C  CA  . GLY A 1 26  ? 21.432  20.170  -4.780  1.00 33.55 ? 24   GLY A CA  1 
ATOM   139  C  C   . GLY A 1 26  ? 21.186  20.959  -6.048  1.00 33.59 ? 24   GLY A C   1 
ATOM   140  O  O   . GLY A 1 26  ? 20.907  22.139  -5.974  1.00 35.90 ? 24   GLY A O   1 
ATOM   141  N  N   . ASP A 1 27  ? 21.196  20.281  -7.201  1.00 32.29 ? 25   ASP A N   1 
ATOM   142  C  CA  . ASP A 1 27  ? 20.928  20.898  -8.482  1.00 32.74 ? 25   ASP A CA  1 
ATOM   143  C  C   . ASP A 1 27  ? 19.429  20.912  -8.827  1.00 30.89 ? 25   ASP A C   1 
ATOM   144  O  O   . ASP A 1 27  ? 19.034  21.399  -9.896  1.00 30.45 ? 25   ASP A O   1 
ATOM   145  C  CB  . ASP A 1 27  ? 21.697  20.171  -9.584  1.00 34.10 ? 25   ASP A CB  1 
ATOM   146  C  CG  . ASP A 1 27  ? 20.955  18.936  -10.059 1.00 33.59 ? 25   ASP A CG  1 
ATOM   147  O  OD1 . ASP A 1 27  ? 20.510  18.113  -9.178  1.00 28.50 ? 25   ASP A OD1 1 
ATOM   148  O  OD2 . ASP A 1 27  ? 20.818  18.803  -11.293 1.00 32.38 ? 25   ASP A OD2 1 
ATOM   149  N  N   . GLY A 1 28  ? 18.585  20.383  -7.937  1.00 31.01 ? 26   GLY A N   1 
ATOM   150  C  CA  . GLY A 1 28  ? 17.126  20.394  -8.109  1.00 28.43 ? 26   GLY A CA  1 
ATOM   151  C  C   . GLY A 1 28  ? 16.630  19.239  -8.968  1.00 28.22 ? 26   GLY A C   1 
ATOM   152  O  O   . GLY A 1 28  ? 15.479  19.212  -9.354  1.00 28.89 ? 26   GLY A O   1 
ATOM   153  N  N   . THR A 1 29  ? 17.496  18.252  -9.211  1.00 25.78 ? 27   THR A N   1 
ATOM   154  C  CA  . THR A 1 29  ? 17.126  17.039  -9.919  1.00 28.29 ? 27   THR A CA  1 
ATOM   155  C  C   . THR A 1 29  ? 17.764  15.830  -9.225  1.00 26.85 ? 27   THR A C   1 
ATOM   156  O  O   . THR A 1 29  ? 18.816  15.939  -8.597  1.00 26.23 ? 27   THR A O   1 
ATOM   157  C  CB  . THR A 1 29  ? 17.509  17.110  -11.413 1.00 30.07 ? 27   THR A CB  1 
ATOM   158  O  OG1 . THR A 1 29  ? 18.906  16.855  -11.593 1.00 26.73 ? 27   THR A OG1 1 
ATOM   159  C  CG2 . THR A 1 29  ? 17.163  18.452  -12.028 1.00 31.39 ? 27   THR A CG2 1 
ATOM   160  N  N   . ILE A 1 30  ? 17.097  14.678  -9.375  1.00 26.08 ? 28   ILE A N   1 
ATOM   161  C  CA  . ILE A 1 30  ? 17.576  13.394  -8.916  1.00 24.89 ? 28   ILE A CA  1 
ATOM   162  C  C   . ILE A 1 30  ? 17.907  12.574  -10.154 1.00 24.91 ? 28   ILE A C   1 
ATOM   163  O  O   . ILE A 1 30  ? 17.056  12.362  -11.005 1.00 25.92 ? 28   ILE A O   1 
ATOM   164  C  CB  . ILE A 1 30  ? 16.549  12.655  -8.043  1.00 23.31 ? 28   ILE A CB  1 
ATOM   165  C  CG1 . ILE A 1 30  ? 16.129  13.497  -6.844  1.00 24.58 ? 28   ILE A CG1 1 
ATOM   166  C  CG2 . ILE A 1 30  ? 17.097  11.291  -7.625  1.00 21.75 ? 28   ILE A CG2 1 
ATOM   167  C  CD1 . ILE A 1 30  ? 14.865  12.989  -6.193  1.00 26.73 ? 28   ILE A CD1 1 
ATOM   168  N  N   . THR A 1 31  ? 19.148  12.113  -10.211 1.00 23.91 ? 29   THR A N   1 
ATOM   169  C  CA  . THR A 1 31  ? 19.639  11.308  -11.313 1.00 26.31 ? 29   THR A CA  1 
ATOM   170  C  C   . THR A 1 31  ? 19.650  9.853   -10.861 1.00 24.01 ? 29   THR A C   1 
ATOM   171  O  O   . THR A 1 31  ? 19.512  9.536   -9.642  1.00 22.45 ? 29   THR A O   1 
ATOM   172  C  CB  . THR A 1 31  ? 21.064  11.717  -11.737 1.00 27.11 ? 29   THR A CB  1 
ATOM   173  O  OG1 . THR A 1 31  ? 21.932  11.574  -10.598 1.00 27.60 ? 29   THR A OG1 1 
ATOM   174  C  CG2 . THR A 1 31  ? 21.153  13.128  -12.289 1.00 26.17 ? 29   THR A CG2 1 
ATOM   175  N  N   A THR A 1 32  ? 19.836  8.953   -11.828 0.39 25.10 ? 30   THR A N   1 
ATOM   176  N  N   B THR A 1 32  ? 19.800  8.971   -11.841 0.61 24.41 ? 30   THR A N   1 
ATOM   177  C  CA  A THR A 1 32  ? 20.082  7.551   -11.546 0.39 26.81 ? 30   THR A CA  1 
ATOM   178  C  CA  B THR A 1 32  ? 19.945  7.567   -11.583 0.61 26.46 ? 30   THR A CA  1 
ATOM   179  C  C   A THR A 1 32  ? 21.260  7.436   -10.570 0.39 26.99 ? 30   THR A C   1 
ATOM   180  C  C   B THR A 1 32  ? 21.079  7.372   -10.572 0.61 27.34 ? 30   THR A C   1 
ATOM   181  O  O   A THR A 1 32  ? 21.176  6.700   -9.584  0.39 27.73 ? 30   THR A O   1 
ATOM   182  O  O   B THR A 1 32  ? 20.931  6.590   -9.639  0.61 29.42 ? 30   THR A O   1 
ATOM   183  C  CB  A THR A 1 32  ? 20.295  6.742   -12.832 0.39 28.51 ? 30   THR A CB  1 
ATOM   184  C  CB  B THR A 1 32  ? 20.162  6.775   -12.877 0.61 27.44 ? 30   THR A CB  1 
ATOM   185  O  OG1 A THR A 1 32  ? 19.062  6.138   -13.219 0.39 29.84 ? 30   THR A OG1 1 
ATOM   186  O  OG1 B THR A 1 32  ? 21.439  7.132   -13.400 0.61 27.45 ? 30   THR A OG1 1 
ATOM   187  C  CG2 A THR A 1 32  ? 21.301  5.628   -12.676 0.39 29.83 ? 30   THR A CG2 1 
ATOM   188  C  CG2 B THR A 1 32  ? 19.103  7.037   -13.924 0.61 28.45 ? 30   THR A CG2 1 
ATOM   189  N  N   A LYS A 1 33  ? 22.344  8.182   -10.815 0.39 26.12 ? 31   LYS A N   1 
ATOM   190  N  N   B LYS A 1 33  ? 22.192  8.103   -10.724 0.61 27.02 ? 31   LYS A N   1 
ATOM   191  C  CA  A LYS A 1 33  ? 23.531  8.072   -9.955  0.39 26.79 ? 31   LYS A CA  1 
ATOM   192  C  CA  B LYS A 1 33  ? 23.384  7.839   -9.889  0.61 28.36 ? 31   LYS A CA  1 
ATOM   193  C  C   A LYS A 1 33  ? 23.128  8.301   -8.497  0.39 26.90 ? 31   LYS A C   1 
ATOM   194  C  C   B LYS A 1 33  ? 23.142  8.303   -8.446  0.61 28.13 ? 31   LYS A C   1 
ATOM   195  O  O   A LYS A 1 33  ? 23.493  7.524   -7.605  0.39 26.01 ? 31   LYS A O   1 
ATOM   196  O  O   B LYS A 1 33  ? 23.619  7.664   -7.494  0.61 26.28 ? 31   LYS A O   1 
ATOM   197  C  CB  A LYS A 1 33  ? 24.624  9.088   -10.301 0.39 28.04 ? 31   LYS A CB  1 
ATOM   198  C  CB  B LYS A 1 33  ? 24.640  8.448   -10.515 0.61 31.22 ? 31   LYS A CB  1 
ATOM   199  C  CG  A LYS A 1 33  ? 25.772  9.109   -9.298  0.39 28.71 ? 31   LYS A CG  1 
ATOM   200  C  CG  B LYS A 1 33  ? 25.234  7.597   -11.628 0.61 33.55 ? 31   LYS A CG  1 
ATOM   201  C  CD  A LYS A 1 33  ? 26.967  9.929   -9.719  0.39 30.02 ? 31   LYS A CD  1 
ATOM   202  C  CD  B LYS A 1 33  ? 26.386  8.233   -12.379 0.61 34.73 ? 31   LYS A CD  1 
ATOM   203  C  CE  A LYS A 1 33  ? 26.723  11.411  -9.577  0.39 30.04 ? 31   LYS A CE  1 
ATOM   204  C  CE  B LYS A 1 33  ? 26.649  7.536   -13.694 0.61 35.74 ? 31   LYS A CE  1 
ATOM   205  N  NZ  A LYS A 1 33  ? 27.970  12.172  -9.792  0.39 31.08 ? 31   LYS A NZ  1 
ATOM   206  N  NZ  B LYS A 1 33  ? 25.459  7.622   -14.574 0.61 36.55 ? 31   LYS A NZ  1 
ATOM   207  N  N   . GLU A 1 34  ? 22.402  9.400   -8.276  1.00 24.56 ? 32   GLU A N   1 
ATOM   208  C  CA  . GLU A 1 34  ? 22.016  9.858   -6.951  1.00 27.15 ? 32   GLU A CA  1 
ATOM   209  C  C   . GLU A 1 34  ? 21.050  8.866   -6.287  1.00 26.14 ? 32   GLU A C   1 
ATOM   210  O  O   . GLU A 1 34  ? 21.161  8.609   -5.084  1.00 24.02 ? 32   GLU A O   1 
ATOM   211  C  CB  . GLU A 1 34  ? 21.383  11.241  -7.030  1.00 26.53 ? 32   GLU A CB  1 
ATOM   212  C  CG  . GLU A 1 34  ? 22.412  12.356  -7.117  1.00 26.13 ? 32   GLU A CG  1 
ATOM   213  C  CD  . GLU A 1 34  ? 21.827  13.701  -7.500  1.00 26.03 ? 32   GLU A CD  1 
ATOM   214  O  OE1 . GLU A 1 34  ? 20.721  13.727  -8.056  1.00 27.34 ? 32   GLU A OE1 1 
ATOM   215  O  OE2 . GLU A 1 34  ? 22.447  14.733  -7.212  1.00 24.19 ? 32   GLU A OE2 1 
ATOM   216  N  N   . LEU A 1 35  ? 20.098  8.331   -7.070  1.00 25.49 ? 33   LEU A N   1 
ATOM   217  C  CA  . LEU A 1 35  ? 19.188  7.345   -6.552  1.00 25.71 ? 33   LEU A CA  1 
ATOM   218  C  C   . LEU A 1 35  ? 20.014  6.144   -6.098  1.00 25.45 ? 33   LEU A C   1 
ATOM   219  O  O   . LEU A 1 35  ? 19.785  5.619   -5.026  1.00 25.16 ? 33   LEU A O   1 
ATOM   220  C  CB  . LEU A 1 35  ? 18.167  6.946   -7.616  1.00 23.86 ? 33   LEU A CB  1 
ATOM   221  C  CG  . LEU A 1 35  ? 17.174  5.861   -7.192  1.00 24.54 ? 33   LEU A CG  1 
ATOM   222  C  CD1 . LEU A 1 35  ? 16.463  6.238   -5.903  1.00 25.81 ? 33   LEU A CD1 1 
ATOM   223  C  CD2 . LEU A 1 35  ? 16.171  5.589   -8.297  1.00 26.69 ? 33   LEU A CD2 1 
ATOM   224  N  N   . GLY A 1 36  ? 20.981  5.754   -6.926  1.00 26.64 ? 34   GLY A N   1 
ATOM   225  C  CA  . GLY A 1 36  ? 21.876  4.645   -6.626  1.00 26.52 ? 34   GLY A CA  1 
ATOM   226  C  C   . GLY A 1 36  ? 22.506  4.807   -5.257  1.00 28.87 ? 34   GLY A C   1 
ATOM   227  O  O   . GLY A 1 36  ? 22.427  3.905   -4.438  1.00 32.99 ? 34   GLY A O   1 
ATOM   228  N  N   . THR A 1 37  ? 23.106  5.980   -5.017  1.00 27.69 ? 35   THR A N   1 
ATOM   229  C  CA  . THR A 1 37  ? 23.736  6.321   -3.764  1.00 30.29 ? 35   THR A CA  1 
ATOM   230  C  C   . THR A 1 37  ? 22.777  6.137   -2.586  1.00 32.79 ? 35   THR A C   1 
ATOM   231  O  O   . THR A 1 37  ? 23.171  5.573   -1.541  1.00 34.29 ? 35   THR A O   1 
ATOM   232  C  CB  . THR A 1 37  ? 24.247  7.766   -3.775  1.00 29.12 ? 35   THR A CB  1 
ATOM   233  O  OG1 . THR A 1 37  ? 25.198  7.825   -4.822  1.00 29.69 ? 35   THR A OG1 1 
ATOM   234  C  CG2 . THR A 1 37  ? 24.913  8.166   -2.480  1.00 33.37 ? 35   THR A CG2 1 
ATOM   235  N  N   . VAL A 1 38  ? 21.555  6.655   -2.727  1.00 31.01 ? 36   VAL A N   1 
ATOM   236  C  CA  . VAL A 1 38  ? 20.545  6.561   -1.668  1.00 34.32 ? 36   VAL A CA  1 
ATOM   237  C  C   . VAL A 1 38  ? 20.270  5.086   -1.327  1.00 37.00 ? 36   VAL A C   1 
ATOM   238  O  O   . VAL A 1 38  ? 20.268  4.709   -0.154  1.00 37.60 ? 36   VAL A O   1 
ATOM   239  C  CB  . VAL A 1 38  ? 19.227  7.267   -2.051  1.00 34.21 ? 36   VAL A CB  1 
ATOM   240  C  CG1 . VAL A 1 38  ? 18.068  6.822   -1.155  1.00 33.62 ? 36   VAL A CG1 1 
ATOM   241  C  CG2 . VAL A 1 38  ? 19.369  8.783   -2.023  1.00 30.86 ? 36   VAL A CG2 1 
ATOM   242  N  N   A MET A 1 39  ? 19.977  4.285   -2.361  0.47 35.28 ? 37   MET A N   1 
ATOM   243  N  N   B MET A 1 39  ? 20.042  4.264   -2.350  0.53 34.43 ? 37   MET A N   1 
ATOM   244  C  CA  A MET A 1 39  ? 19.589  2.887   -2.203  0.47 35.10 ? 37   MET A CA  1 
ATOM   245  C  CA  B MET A 1 39  ? 19.596  2.903   -2.150  0.53 33.77 ? 37   MET A CA  1 
ATOM   246  C  C   A MET A 1 39  ? 20.685  2.121   -1.443  0.47 35.59 ? 37   MET A C   1 
ATOM   247  C  C   B MET A 1 39  ? 20.692  2.050   -1.497  0.53 35.21 ? 37   MET A C   1 
ATOM   248  O  O   A MET A 1 39  ? 20.376  1.361   -0.536  0.47 35.49 ? 37   MET A O   1 
ATOM   249  O  O   B MET A 1 39  ? 20.385  1.133   -0.749  0.53 36.03 ? 37   MET A O   1 
ATOM   250  C  CB  A MET A 1 39  ? 19.323  2.213   -3.556  0.47 36.15 ? 37   MET A CB  1 
ATOM   251  C  CB  B MET A 1 39  ? 19.174  2.292   -3.484  0.53 33.82 ? 37   MET A CB  1 
ATOM   252  C  CG  A MET A 1 39  ? 18.124  2.784   -4.332  0.47 37.76 ? 37   MET A CG  1 
ATOM   253  C  CG  B MET A 1 39  ? 17.943  2.978   -4.042  0.53 34.13 ? 37   MET A CG  1 
ATOM   254  S  SD  A MET A 1 39  ? 16.564  2.918   -3.397  0.47 41.31 ? 37   MET A SD  1 
ATOM   255  S  SD  B MET A 1 39  ? 17.439  2.274   -5.601  0.53 34.67 ? 37   MET A SD  1 
ATOM   256  C  CE  A MET A 1 39  ? 16.049  1.204   -3.338  0.47 39.25 ? 37   MET A CE  1 
ATOM   257  C  CE  B MET A 1 39  ? 16.826  0.681   -5.047  0.53 34.67 ? 37   MET A CE  1 
ATOM   258  N  N   . ARG A 1 40  ? 21.955  2.348   -1.801  1.00 35.26 ? 38   ARG A N   1 
ATOM   259  C  CA  . ARG A 1 40  ? 23.092  1.638   -1.204  1.00 38.10 ? 38   ARG A CA  1 
ATOM   260  C  C   . ARG A 1 40  ? 23.264  2.040   0.264   1.00 42.75 ? 38   ARG A C   1 
ATOM   261  O  O   . ARG A 1 40  ? 23.738  1.259   1.058   1.00 47.46 ? 38   ARG A O   1 
ATOM   262  C  CB  . ARG A 1 40  ? 24.363  1.879   -2.023  1.00 37.25 ? 38   ARG A CB  1 
ATOM   263  C  CG  . ARG A 1 40  ? 24.395  1.087   -3.323  1.00 33.65 ? 38   ARG A CG  1 
ATOM   264  C  CD  . ARG A 1 40  ? 25.736  1.183   -4.027  1.00 35.93 ? 38   ARG A CD  1 
ATOM   265  N  NE  . ARG A 1 40  ? 26.049  2.564   -4.377  1.00 34.29 ? 38   ARG A NE  1 
ATOM   266  C  CZ  . ARG A 1 40  ? 25.731  3.139   -5.525  1.00 33.61 ? 38   ARG A CZ  1 
ATOM   267  N  NH1 . ARG A 1 40  ? 25.044  2.451   -6.418  1.00 26.92 ? 38   ARG A NH1 1 
ATOM   268  N  NH2 . ARG A 1 40  ? 26.102  4.388   -5.772  1.00 30.14 ? 38   ARG A NH2 1 
ATOM   269  N  N   . SER A 1 41  ? 22.863  3.256   0.627   1.00 45.21 ? 39   SER A N   1 
ATOM   270  C  CA  . SER A 1 41  ? 22.897  3.669   2.036   1.00 48.02 ? 39   SER A CA  1 
ATOM   271  C  C   . SER A 1 41  ? 21.778  2.977   2.836   1.00 47.12 ? 39   SER A C   1 
ATOM   272  O  O   . SER A 1 41  ? 21.925  2.796   4.037   1.00 54.44 ? 39   SER A O   1 
ATOM   273  C  CB  . SER A 1 41  ? 22.830  5.158   2.149   1.00 44.18 ? 39   SER A CB  1 
ATOM   274  O  OG  . SER A 1 41  ? 21.518  5.602   1.876   1.00 51.09 ? 39   SER A OG  1 
ATOM   275  N  N   . LEU A 1 42  ? 20.690  2.565   2.170   1.00 44.84 ? 40   LEU A N   1 
ATOM   276  C  CA  . LEU A 1 42  ? 19.597  1.769   2.784   1.00 45.16 ? 40   LEU A CA  1 
ATOM   277  C  C   . LEU A 1 42  ? 19.898  0.261   2.741   1.00 44.49 ? 40   LEU A C   1 
ATOM   278  O  O   . LEU A 1 42  ? 19.024  -0.560  3.073   1.00 42.29 ? 40   LEU A O   1 
ATOM   279  C  CB  . LEU A 1 42  ? 18.279  2.054   2.055   1.00 45.38 ? 40   LEU A CB  1 
ATOM   280  C  CG  . LEU A 1 42  ? 17.823  3.510   2.019   1.00 51.05 ? 40   LEU A CG  1 
ATOM   281  C  CD1 . LEU A 1 42  ? 16.596  3.657   1.135   1.00 51.87 ? 40   LEU A CD1 1 
ATOM   282  C  CD2 . LEU A 1 42  ? 17.543  4.046   3.415   1.00 54.52 ? 40   LEU A CD2 1 
ATOM   283  N  N   . GLY A 1 43  ? 21.099  -0.113  2.287   1.00 45.87 ? 41   GLY A N   1 
ATOM   284  C  CA  . GLY A 1 43  ? 21.549  -1.515  2.245   1.00 47.54 ? 41   GLY A CA  1 
ATOM   285  C  C   . GLY A 1 43  ? 21.070  -2.297  1.024   1.00 51.04 ? 41   GLY A C   1 
ATOM   286  O  O   . GLY A 1 43  ? 21.192  -3.521  0.987   1.00 53.94 ? 41   GLY A O   1 
ATOM   287  N  N   . GLN A 1 44  ? 20.538  -1.619  -0.002  1.00 49.73 ? 42   GLN A N   1 
ATOM   288  C  CA  . GLN A 1 44  ? 20.248  -2.293  -1.259  1.00 48.14 ? 42   GLN A CA  1 
ATOM   289  C  C   . GLN A 1 44  ? 21.438  -2.084  -2.206  1.00 44.68 ? 42   GLN A C   1 
ATOM   290  O  O   . GLN A 1 44  ? 22.337  -1.309  -1.922  1.00 43.93 ? 42   GLN A O   1 
ATOM   291  C  CB  . GLN A 1 44  ? 18.913  -1.796  -1.799  1.00 53.62 ? 42   GLN A CB  1 
ATOM   292  C  CG  . GLN A 1 44  ? 17.763  -2.054  -0.834  1.00 59.50 ? 42   GLN A CG  1 
ATOM   293  C  CD  . GLN A 1 44  ? 16.462  -1.485  -1.347  1.00 69.85 ? 42   GLN A CD  1 
ATOM   294  O  OE1 . GLN A 1 44  ? 15.738  -0.790  -0.634  1.00 82.13 ? 42   GLN A OE1 1 
ATOM   295  N  NE2 . GLN A 1 44  ? 16.157  -1.768  -2.603  1.00 76.27 ? 42   GLN A NE2 1 
ATOM   296  N  N   . ASN A 1 45  ? 21.465  -2.819  -3.318  1.00 40.49 ? 43   ASN A N   1 
ATOM   297  C  CA  . ASN A 1 45  ? 22.558  -2.702  -4.258  1.00 37.08 ? 43   ASN A CA  1 
ATOM   298  C  C   . ASN A 1 45  ? 22.020  -2.816  -5.680  1.00 35.85 ? 43   ASN A C   1 
ATOM   299  O  O   . ASN A 1 45  ? 22.359  -3.716  -6.449  1.00 33.22 ? 43   ASN A O   1 
ATOM   300  C  CB  . ASN A 1 45  ? 23.671  -3.701  -3.947  1.00 40.57 ? 43   ASN A CB  1 
ATOM   301  C  CG  . ASN A 1 45  ? 24.920  -3.433  -4.764  1.00 43.14 ? 43   ASN A CG  1 
ATOM   302  O  OD1 . ASN A 1 45  ? 25.224  -2.286  -5.101  1.00 42.18 ? 43   ASN A OD1 1 
ATOM   303  N  ND2 . ASN A 1 45  ? 25.633  -4.490  -5.111  1.00 44.24 ? 43   ASN A ND2 1 
ATOM   304  N  N   . PRO A 1 46  ? 21.189  -1.854  -6.116  1.00 34.02 ? 44   PRO A N   1 
ATOM   305  C  CA  . PRO A 1 46  ? 20.489  -2.003  -7.383  1.00 31.98 ? 44   PRO A CA  1 
ATOM   306  C  C   . PRO A 1 46  ? 21.472  -1.903  -8.537  1.00 33.09 ? 44   PRO A C   1 
ATOM   307  O  O   . PRO A 1 46  ? 22.533  -1.289  -8.394  1.00 35.14 ? 44   PRO A O   1 
ATOM   308  C  CB  . PRO A 1 46  ? 19.500  -0.837  -7.395  1.00 35.02 ? 44   PRO A CB  1 
ATOM   309  C  CG  . PRO A 1 46  ? 20.222  0.208   -6.563  1.00 36.80 ? 44   PRO A CG  1 
ATOM   310  C  CD  . PRO A 1 46  ? 20.892  -0.582  -5.448  1.00 36.44 ? 44   PRO A CD  1 
ATOM   311  N  N   A THR A 1 47  ? 21.089  -2.525  -9.659  0.82 31.56 ? 45   THR A N   1 
ATOM   312  N  N   B THR A 1 47  ? 21.125  -2.523  -9.666  0.18 33.48 ? 45   THR A N   1 
ATOM   313  C  CA  A THR A 1 47  ? 21.765  -2.393  -10.928 0.82 32.10 ? 45   THR A CA  1 
ATOM   314  C  CA  B THR A 1 47  ? 21.879  -2.370  -10.888 0.18 34.06 ? 45   THR A CA  1 
ATOM   315  C  C   A THR A 1 47  ? 21.429  -1.034  -11.550 0.82 33.88 ? 45   THR A C   1 
ATOM   316  C  C   B THR A 1 47  ? 21.445  -1.063  -11.561 0.18 34.40 ? 45   THR A C   1 
ATOM   317  O  O   A THR A 1 47  ? 20.472  -0.345  -11.099 0.82 31.73 ? 45   THR A O   1 
ATOM   318  O  O   B THR A 1 47  ? 20.463  -0.435  -11.146 0.18 34.05 ? 45   THR A O   1 
ATOM   319  C  CB  A THR A 1 47  ? 21.385  -3.510  -11.904 0.82 30.90 ? 45   THR A CB  1 
ATOM   320  C  CB  B THR A 1 47  ? 21.699  -3.584  -11.806 0.18 34.06 ? 45   THR A CB  1 
ATOM   321  O  OG1 A THR A 1 47  ? 20.010  -3.385  -12.253 0.82 31.58 ? 45   THR A OG1 1 
ATOM   322  O  OG1 B THR A 1 47  ? 22.728  -3.568  -12.795 0.18 35.01 ? 45   THR A OG1 1 
ATOM   323  C  CG2 A THR A 1 47  ? 21.611  -4.902  -11.360 0.82 31.22 ? 45   THR A CG2 1 
ATOM   324  C  CG2 B THR A 1 47  ? 20.349  -3.600  -12.483 0.18 34.18 ? 45   THR A CG2 1 
ATOM   325  N  N   . GLU A 1 48  ? 22.193  -0.677  -12.598 1.00 33.90 ? 46   GLU A N   1 
ATOM   326  C  CA  . GLU A 1 48  ? 21.954  0.546   -13.357 1.00 35.69 ? 46   GLU A CA  1 
ATOM   327  C  C   . GLU A 1 48  ? 20.606  0.457   -14.077 1.00 31.00 ? 46   GLU A C   1 
ATOM   328  O  O   . GLU A 1 48  ? 19.917  1.453   -14.208 1.00 30.80 ? 46   GLU A O   1 
ATOM   329  C  CB  . GLU A 1 48  ? 23.078  0.826   -14.356 1.00 40.03 ? 46   GLU A CB  1 
ATOM   330  C  CG  . GLU A 1 48  ? 23.941  2.024   -13.989 1.00 49.18 ? 46   GLU A CG  1 
ATOM   331  C  CD  . GLU A 1 48  ? 23.269  3.389   -14.126 1.00 54.24 ? 46   GLU A CD  1 
ATOM   332  O  OE1 . GLU A 1 48  ? 22.365  3.526   -14.979 1.00 60.80 ? 46   GLU A OE1 1 
ATOM   333  O  OE2 . GLU A 1 48  ? 23.649  4.326   -13.379 1.00 62.26 ? 46   GLU A OE2 1 
ATOM   334  N  N   . ALA A 1 49  ? 20.228  -0.737  -14.538 1.00 30.88 ? 47   ALA A N   1 
ATOM   335  C  CA  . ALA A 1 49  ? 18.933  -0.951  -15.184 1.00 28.07 ? 47   ALA A CA  1 
ATOM   336  C  C   . ALA A 1 49  ? 17.773  -0.781  -14.183 1.00 28.21 ? 47   ALA A C   1 
ATOM   337  O  O   . ALA A 1 49  ? 16.763  -0.156  -14.474 1.00 28.91 ? 47   ALA A O   1 
ATOM   338  C  CB  . ALA A 1 49  ? 18.880  -2.309  -15.827 1.00 30.72 ? 47   ALA A CB  1 
ATOM   339  N  N   . GLU A 1 50  ? 17.945  -1.282  -12.977 1.00 28.52 ? 48   GLU A N   1 
ATOM   340  C  CA  . GLU A 1 50  ? 16.920  -1.158  -11.940 1.00 30.06 ? 48   GLU A CA  1 
ATOM   341  C  C   . GLU A 1 50  ? 16.733  0.322   -11.591 1.00 28.37 ? 48   GLU A C   1 
ATOM   342  O  O   . GLU A 1 50  ? 15.598  0.782   -11.465 1.00 27.06 ? 48   GLU A O   1 
ATOM   343  C  CB  . GLU A 1 50  ? 17.321  -1.990  -10.732 1.00 31.58 ? 48   GLU A CB  1 
ATOM   344  C  CG  . GLU A 1 50  ? 17.090  -3.464  -11.007 1.00 35.23 ? 48   GLU A CG  1 
ATOM   345  C  CD  . GLU A 1 50  ? 17.714  -4.425  -10.019 1.00 37.60 ? 48   GLU A CD  1 
ATOM   346  O  OE1 . GLU A 1 50  ? 18.577  -3.997  -9.195  1.00 39.32 ? 48   GLU A OE1 1 
ATOM   347  O  OE2 . GLU A 1 50  ? 17.324  -5.603  -10.075 1.00 42.54 ? 48   GLU A OE2 1 
ATOM   348  N  N   . LEU A 1 51  ? 17.852  1.057   -11.526 1.00 27.28 ? 49   LEU A N   1 
ATOM   349  C  CA  . LEU A 1 51  ? 17.820  2.463   -11.189 1.00 27.17 ? 49   LEU A CA  1 
ATOM   350  C  C   . LEU A 1 51  ? 17.107  3.251   -12.285 1.00 26.98 ? 49   LEU A C   1 
ATOM   351  O  O   . LEU A 1 51  ? 16.272  4.113   -11.995 1.00 29.46 ? 49   LEU A O   1 
ATOM   352  C  CB  . LEU A 1 51  ? 19.249  2.960   -10.981 1.00 28.30 ? 49   LEU A CB  1 
ATOM   353  C  CG  . LEU A 1 51  ? 19.918  2.453   -9.712  1.00 28.08 ? 49   LEU A CG  1 
ATOM   354  C  CD1 . LEU A 1 51  ? 21.400  2.796   -9.726  1.00 29.76 ? 49   LEU A CD1 1 
ATOM   355  C  CD2 . LEU A 1 51  ? 19.244  3.013   -8.475  1.00 31.22 ? 49   LEU A CD2 1 
ATOM   356  N  N   . GLN A 1 52  ? 17.431  2.952   -13.542 1.00 26.91 ? 50   GLN A N   1 
ATOM   357  C  CA  . GLN A 1 52  ? 16.809  3.612   -14.651 1.00 25.03 ? 50   GLN A CA  1 
ATOM   358  C  C   . GLN A 1 52  ? 15.301  3.382   -14.619 1.00 26.17 ? 50   GLN A C   1 
ATOM   359  O  O   . GLN A 1 52  ? 14.549  4.310   -14.920 1.00 24.72 ? 50   GLN A O   1 
ATOM   360  C  CB  . GLN A 1 52  ? 17.388  3.172   -16.002 1.00 26.06 ? 50   GLN A CB  1 
ATOM   361  C  CG  . GLN A 1 52  ? 16.989  4.101   -17.140 1.00 27.52 ? 50   GLN A CG  1 
ATOM   362  C  CD  . GLN A 1 52  ? 17.544  5.486   -16.901 1.00 31.10 ? 50   GLN A CD  1 
ATOM   363  O  OE1 . GLN A 1 52  ? 18.733  5.658   -16.660 1.00 33.61 ? 50   GLN A OE1 1 
ATOM   364  N  NE2 . GLN A 1 52  ? 16.680  6.481   -16.889 1.00 27.18 ? 50   GLN A NE2 1 
ATOM   365  N  N   . ASP A 1 53  ? 14.869  2.143   -14.348 1.00 26.61 ? 51   ASP A N   1 
ATOM   366  C  CA  . ASP A 1 53  ? 13.439  1.820   -14.275 1.00 27.72 ? 51   ASP A CA  1 
ATOM   367  C  C   . ASP A 1 53  ? 12.751  2.677   -13.201 1.00 27.07 ? 51   ASP A C   1 
ATOM   368  O  O   . ASP A 1 53  ? 11.610  3.151   -13.387 1.00 23.02 ? 51   ASP A O   1 
ATOM   369  C  CB  . ASP A 1 53  ? 13.204  0.340   -13.985 1.00 28.40 ? 51   ASP A CB  1 
ATOM   370  C  CG  . ASP A 1 53  ? 13.389  -0.562  -15.193 1.00 31.48 ? 51   ASP A CG  1 
ATOM   371  O  OD1 . ASP A 1 53  ? 13.355  -0.050  -16.336 1.00 33.12 ? 51   ASP A OD1 1 
ATOM   372  O  OD2 . ASP A 1 53  ? 13.584  -1.777  -14.979 1.00 35.01 ? 51   ASP A OD2 1 
ATOM   373  N  N   . MET A 1 54  ? 13.426  2.875   -12.064 1.00 25.33 ? 52   MET A N   1 
ATOM   374  C  CA  . MET A 1 54  ? 12.786  3.585   -10.984 1.00 26.11 ? 52   MET A CA  1 
ATOM   375  C  C   . MET A 1 54  ? 12.673  5.061   -11.357 1.00 25.78 ? 52   MET A C   1 
ATOM   376  O  O   . MET A 1 54  ? 11.687  5.676   -11.043 1.00 24.14 ? 52   MET A O   1 
ATOM   377  C  CB  . MET A 1 54  ? 13.548  3.442   -9.672  1.00 26.85 ? 52   MET A CB  1 
ATOM   378  C  CG  . MET A 1 54  ? 13.624  2.023   -9.218  1.00 31.97 ? 52   MET A CG  1 
ATOM   379  S  SD  . MET A 1 54  ? 14.779  1.838   -7.861  1.00 35.65 ? 52   MET A SD  1 
ATOM   380  C  CE  . MET A 1 54  ? 13.970  2.839   -6.612  1.00 40.05 ? 52   MET A CE  1 
ATOM   381  N  N   . ILE A 1 55  ? 13.686  5.606   -12.035 1.00 25.97 ? 53   ILE A N   1 
ATOM   382  C  CA  . ILE A 1 55  ? 13.641  6.998   -12.458 1.00 26.10 ? 53   ILE A CA  1 
ATOM   383  C  C   . ILE A 1 55  ? 12.525  7.148   -13.497 1.00 25.88 ? 53   ILE A C   1 
ATOM   384  O  O   . ILE A 1 55  ? 11.719  8.066   -13.423 1.00 26.53 ? 53   ILE A O   1 
ATOM   385  C  CB  . ILE A 1 55  ? 14.990  7.470   -13.028 1.00 28.62 ? 53   ILE A CB  1 
ATOM   386  C  CG1 . ILE A 1 55  ? 16.087  7.513   -11.964 1.00 28.56 ? 53   ILE A CG1 1 
ATOM   387  C  CG2 . ILE A 1 55  ? 14.836  8.790   -13.762 1.00 29.71 ? 53   ILE A CG2 1 
ATOM   388  C  CD1 . ILE A 1 55  ? 15.919  8.547   -10.895 1.00 27.81 ? 53   ILE A CD1 1 
ATOM   389  N  N   . ASN A 1 56  ? 12.513  6.257   -14.494 1.00 24.90 ? 54   ASN A N   1 
ATOM   390  C  CA  . ASN A 1 56  ? 11.573  6.325   -15.587 1.00 26.63 ? 54   ASN A CA  1 
ATOM   391  C  C   . ASN A 1 56  ? 10.124  6.310   -15.085 1.00 27.27 ? 54   ASN A C   1 
ATOM   392  O  O   . ASN A 1 56  ? 9.268   6.933   -15.671 1.00 30.08 ? 54   ASN A O   1 
ATOM   393  C  CB  . ASN A 1 56  ? 11.784  5.182   -16.576 1.00 27.92 ? 54   ASN A CB  1 
ATOM   394  C  CG  . ASN A 1 56  ? 13.039  5.335   -17.402 1.00 27.19 ? 54   ASN A CG  1 
ATOM   395  O  OD1 . ASN A 1 56  ? 13.744  6.338   -17.304 1.00 30.20 ? 54   ASN A OD1 1 
ATOM   396  N  ND2 . ASN A 1 56  ? 13.333  4.330   -18.198 1.00 28.48 ? 54   ASN A ND2 1 
ATOM   397  N  N   . GLU A 1 57  ? 9.856   5.553   -14.027 1.00 27.87 ? 55   GLU A N   1 
ATOM   398  C  CA  . GLU A 1 57  ? 8.531   5.423   -13.438 1.00 31.70 ? 55   GLU A CA  1 
ATOM   399  C  C   . GLU A 1 57  ? 8.014   6.767   -12.884 1.00 31.73 ? 55   GLU A C   1 
ATOM   400  O  O   . GLU A 1 57  ? 6.834   6.972   -12.760 1.00 29.81 ? 55   GLU A O   1 
ATOM   401  C  CB  . GLU A 1 57  ? 8.640   4.413   -12.299 1.00 35.38 ? 55   GLU A CB  1 
ATOM   402  C  CG  . GLU A 1 57  ? 7.378   3.653   -12.007 1.00 46.45 ? 55   GLU A CG  1 
ATOM   403  C  CD  . GLU A 1 57  ? 7.647   2.356   -11.262 1.00 52.13 ? 55   GLU A CD  1 
ATOM   404  O  OE1 . GLU A 1 57  ? 8.835   1.997   -11.127 1.00 48.80 ? 55   GLU A OE1 1 
ATOM   405  O  OE2 . GLU A 1 57  ? 6.667   1.716   -10.828 1.00 66.08 ? 55   GLU A OE2 1 
ATOM   406  N  N   . VAL A 1 58  ? 8.916   7.671   -12.505 1.00 30.92 ? 56   VAL A N   1 
ATOM   407  C  CA  A VAL A 1 58  ? 8.606   8.920   -11.795 0.76 28.13 ? 56   VAL A CA  1 
ATOM   408  C  CA  B VAL A 1 58  ? 8.488   8.903   -11.861 0.24 28.99 ? 56   VAL A CA  1 
ATOM   409  C  C   . VAL A 1 58  ? 8.803   10.114  -12.746 1.00 27.50 ? 56   VAL A C   1 
ATOM   410  O  O   . VAL A 1 58  ? 8.347   11.209  -12.459 1.00 28.22 ? 56   VAL A O   1 
ATOM   411  C  CB  A VAL A 1 58  ? 9.503   9.086   -10.554 0.76 26.78 ? 56   VAL A CB  1 
ATOM   412  C  CB  B VAL A 1 58  ? 9.087   9.027   -10.451 0.24 28.18 ? 56   VAL A CB  1 
ATOM   413  C  CG1 A VAL A 1 58  ? 9.115   10.290  -9.712  0.76 27.56 ? 56   VAL A CG1 1 
ATOM   414  C  CG1 B VAL A 1 58  ? 8.296   8.184   -9.480  0.24 28.56 ? 56   VAL A CG1 1 
ATOM   415  C  CG2 A VAL A 1 58  ? 9.581   7.844   -9.685  0.76 28.21 ? 56   VAL A CG2 1 
ATOM   416  C  CG2 B VAL A 1 58  ? 10.557  8.649   -10.384 0.24 28.88 ? 56   VAL A CG2 1 
ATOM   417  N  N   . ASP A 1 59  ? 9.537   9.905   -13.842 1.00 28.33 ? 57   ASP A N   1 
ATOM   418  C  CA  . ASP A 1 59  ? 9.969   10.972  -14.723 1.00 30.86 ? 57   ASP A CA  1 
ATOM   419  C  C   . ASP A 1 59  ? 8.841   11.362  -15.695 1.00 34.33 ? 57   ASP A C   1 
ATOM   420  O  O   . ASP A 1 59  ? 8.833   10.964  -16.865 1.00 32.00 ? 57   ASP A O   1 
ATOM   421  C  CB  . ASP A 1 59  ? 11.253  10.561  -15.436 1.00 31.38 ? 57   ASP A CB  1 
ATOM   422  C  CG  . ASP A 1 59  ? 11.815  11.614  -16.365 1.00 31.89 ? 57   ASP A CG  1 
ATOM   423  O  OD1 . ASP A 1 59  ? 11.445  12.824  -16.216 1.00 28.66 ? 57   ASP A OD1 1 
ATOM   424  O  OD2 . ASP A 1 59  ? 12.619  11.222  -17.243 1.00 31.90 ? 57   ASP A OD2 1 
ATOM   425  N  N   . ALA A 1 60  ? 7.912   12.195  -15.211 1.00 34.42 ? 58   ALA A N   1 
ATOM   426  C  CA  . ALA A 1 60  ? 6.696   12.586  -15.969 1.00 35.41 ? 58   ALA A CA  1 
ATOM   427  C  C   . ALA A 1 60  ? 7.043   13.193  -17.336 1.00 36.81 ? 58   ALA A C   1 
ATOM   428  O  O   . ALA A 1 60  ? 6.391   12.848  -18.323 1.00 39.78 ? 58   ALA A O   1 
ATOM   429  C  CB  . ALA A 1 60  ? 5.841   13.530  -15.161 1.00 35.99 ? 58   ALA A CB  1 
ATOM   430  N  N   . ASP A 1 61  ? 8.077   14.036  -17.423 1.00 36.56 ? 59   ASP A N   1 
ATOM   431  C  CA  . ASP A 1 61  ? 8.358   14.768  -18.682 1.00 39.90 ? 59   ASP A CA  1 
ATOM   432  C  C   . ASP A 1 61  ? 9.402   14.052  -19.549 1.00 39.63 ? 59   ASP A C   1 
ATOM   433  O  O   . ASP A 1 61  ? 9.747   14.539  -20.610 1.00 43.59 ? 59   ASP A O   1 
ATOM   434  C  CB  . ASP A 1 61  ? 8.786   16.214  -18.421 1.00 39.78 ? 59   ASP A CB  1 
ATOM   435  C  CG  . ASP A 1 61  ? 10.070  16.382  -17.645 1.00 35.95 ? 59   ASP A CG  1 
ATOM   436  O  OD1 . ASP A 1 61  ? 10.758  15.375  -17.412 1.00 38.30 ? 59   ASP A OD1 1 
ATOM   437  O  OD2 . ASP A 1 61  ? 10.356  17.519  -17.241 1.00 39.25 ? 59   ASP A OD2 1 
ATOM   438  N  N   . GLY A 1 62  ? 9.941   12.928  -19.072 1.00 39.23 ? 60   GLY A N   1 
ATOM   439  C  CA  . GLY A 1 62  ? 10.834  12.112  -19.853 1.00 36.61 ? 60   GLY A CA  1 
ATOM   440  C  C   . GLY A 1 62  ? 12.195  12.746  -20.098 1.00 37.84 ? 60   GLY A C   1 
ATOM   441  O  O   . GLY A 1 62  ? 12.894  12.283  -20.956 1.00 36.93 ? 60   GLY A O   1 
ATOM   442  N  N   . ASN A 1 63  ? 12.611  13.745  -19.302 1.00 35.57 ? 61   ASN A N   1 
ATOM   443  C  CA  . ASN A 1 63  ? 13.897  14.419  -19.522 1.00 33.31 ? 61   ASN A CA  1 
ATOM   444  C  C   . ASN A 1 63  ? 15.058  13.632  -18.898 1.00 32.67 ? 61   ASN A C   1 
ATOM   445  O  O   . ASN A 1 63  ? 16.169  14.098  -18.984 1.00 32.14 ? 61   ASN A O   1 
ATOM   446  C  CB  . ASN A 1 63  ? 13.890  15.881  -19.047 1.00 33.54 ? 61   ASN A CB  1 
ATOM   447  C  CG  . ASN A 1 63  ? 13.966  16.033  -17.543 1.00 31.14 ? 61   ASN A CG  1 
ATOM   448  O  OD1 . ASN A 1 63  ? 13.667  15.102  -16.803 1.00 32.48 ? 61   ASN A OD1 1 
ATOM   449  N  ND2 . ASN A 1 63  ? 14.376  17.191  -17.068 1.00 32.37 ? 61   ASN A ND2 1 
ATOM   450  N  N   . GLY A 1 64  ? 14.774  12.504  -18.226 1.00 31.10 ? 62   GLY A N   1 
ATOM   451  C  CA  . GLY A 1 64  ? 15.770  11.611  -17.677 1.00 29.99 ? 62   GLY A CA  1 
ATOM   452  C  C   . GLY A 1 64  ? 16.112  11.868  -16.216 1.00 31.64 ? 62   GLY A C   1 
ATOM   453  O  O   . GLY A 1 64  ? 16.872  11.096  -15.610 1.00 27.63 ? 62   GLY A O   1 
ATOM   454  N  N   . THR A 1 65  ? 15.561  12.931  -15.621 1.00 28.67 ? 63   THR A N   1 
ATOM   455  C  CA  . THR A 1 65  ? 15.788  13.194  -14.217 1.00 29.05 ? 63   THR A CA  1 
ATOM   456  C  C   . THR A 1 65  ? 14.471  13.544  -13.515 1.00 28.03 ? 63   THR A C   1 
ATOM   457  O  O   . THR A 1 65  ? 13.474  13.860  -14.156 1.00 28.27 ? 63   THR A O   1 
ATOM   458  C  CB  . THR A 1 65  ? 16.806  14.315  -13.983 1.00 28.36 ? 63   THR A CB  1 
ATOM   459  O  OG1 . THR A 1 65  ? 16.241  15.526  -14.485 1.00 28.17 ? 63   THR A OG1 1 
ATOM   460  C  CG2 . THR A 1 65  ? 18.142  14.052  -14.635 1.00 30.74 ? 63   THR A CG2 1 
ATOM   461  N  N   A ILE A 1 66  ? 14.508  13.493  -12.184 0.91 25.43 ? 64   ILE A N   1 
ATOM   462  N  N   B ILE A 1 66  ? 14.498  13.452  -12.179 0.09 27.07 ? 64   ILE A N   1 
ATOM   463  C  CA  A ILE A 1 66  ? 13.375  13.765  -11.338 0.91 24.92 ? 64   ILE A CA  1 
ATOM   464  C  CA  B ILE A 1 66  ? 13.357  13.735  -11.310 0.09 26.38 ? 64   ILE A CA  1 
ATOM   465  C  C   A ILE A 1 66  ? 13.529  15.150  -10.721 0.91 23.70 ? 64   ILE A C   1 
ATOM   466  C  C   B ILE A 1 66  ? 13.520  15.137  -10.715 0.09 25.80 ? 64   ILE A C   1 
ATOM   467  O  O   A ILE A 1 66  ? 14.421  15.365  -9.905  0.91 22.94 ? 64   ILE A O   1 
ATOM   468  O  O   B ILE A 1 66  ? 14.441  15.368  -9.936  0.09 25.69 ? 64   ILE A O   1 
ATOM   469  C  CB  A ILE A 1 66  ? 13.247  12.698  -10.247 0.91 24.60 ? 64   ILE A CB  1 
ATOM   470  C  CB  B ILE A 1 66  ? 13.244  12.692  -10.181 0.09 26.26 ? 64   ILE A CB  1 
ATOM   471  C  CG1 A ILE A 1 66  ? 13.149  11.304  -10.861 0.91 28.15 ? 64   ILE A CG1 1 
ATOM   472  C  CG1 B ILE A 1 66  ? 13.388  11.258  -10.693 0.09 26.46 ? 64   ILE A CG1 1 
ATOM   473  C  CG2 A ILE A 1 66  ? 12.046  12.978  -9.353  0.91 24.16 ? 64   ILE A CG2 1 
ATOM   474  C  CG2 B ILE A 1 66  ? 11.955  12.886  -9.400  0.09 26.22 ? 64   ILE A CG2 1 
ATOM   475  C  CD1 A ILE A 1 66  ? 12.086  11.238  -11.943 0.91 28.00 ? 64   ILE A CD1 1 
ATOM   476  C  CD1 B ILE A 1 66  ? 13.229  10.215  -9.614  0.09 26.46 ? 64   ILE A CD1 1 
ATOM   477  N  N   . ASP A 1 67  ? 12.607  16.049  -11.068 1.00 25.01 ? 65   ASP A N   1 
ATOM   478  C  CA  . ASP A 1 67  ? 12.533  17.361  -10.442 1.00 26.04 ? 65   ASP A CA  1 
ATOM   479  C  C   . ASP A 1 67  ? 11.580  17.288  -9.238  1.00 27.59 ? 65   ASP A C   1 
ATOM   480  O  O   . ASP A 1 67  ? 10.892  16.296  -9.020  1.00 28.63 ? 65   ASP A O   1 
ATOM   481  C  CB  . ASP A 1 67  ? 12.107  18.434  -11.458 1.00 31.80 ? 65   ASP A CB  1 
ATOM   482  C  CG  . ASP A 1 67  ? 10.723  18.250  -12.038 1.00 33.05 ? 65   ASP A CG  1 
ATOM   483  O  OD1 . ASP A 1 67  ? 9.928   17.508  -11.438 1.00 38.68 ? 65   ASP A OD1 1 
ATOM   484  O  OD2 . ASP A 1 67  ? 10.441  18.873  -13.093 1.00 38.29 ? 65   ASP A OD2 1 
ATOM   485  N  N   . PHE A 1 68  ? 11.514  18.366  -8.458  1.00 25.08 ? 66   PHE A N   1 
ATOM   486  C  CA  . PHE A 1 68  ? 10.743  18.333  -7.254  1.00 27.53 ? 66   PHE A CA  1 
ATOM   487  C  C   . PHE A 1 68  ? 9.263   18.154  -7.568  1.00 29.14 ? 66   PHE A C   1 
ATOM   488  O  O   . PHE A 1 68  ? 8.595   17.390  -6.876  1.00 30.36 ? 66   PHE A O   1 
ATOM   489  C  CB  . PHE A 1 68  ? 10.975  19.552  -6.367  1.00 30.04 ? 66   PHE A CB  1 
ATOM   490  C  CG  . PHE A 1 68  ? 10.189  19.478  -5.082  1.00 30.56 ? 66   PHE A CG  1 
ATOM   491  C  CD1 . PHE A 1 68  ? 10.342  18.405  -4.225  1.00 33.55 ? 66   PHE A CD1 1 
ATOM   492  C  CD2 . PHE A 1 68  ? 9.233   20.428  -4.780  1.00 34.82 ? 66   PHE A CD2 1 
ATOM   493  C  CE1 . PHE A 1 68  ? 9.599   18.312  -3.060  1.00 35.35 ? 66   PHE A CE1 1 
ATOM   494  C  CE2 . PHE A 1 68  ? 8.487   20.337  -3.618  1.00 38.45 ? 66   PHE A CE2 1 
ATOM   495  C  CZ  . PHE A 1 68  ? 8.672   19.277  -2.757  1.00 34.54 ? 66   PHE A CZ  1 
ATOM   496  N  N   . PRO A 1 69  ? 8.665   18.829  -8.573  1.00 28.80 ? 67   PRO A N   1 
ATOM   497  C  CA  . PRO A 1 69  ? 7.273   18.529  -8.916  1.00 30.94 ? 67   PRO A CA  1 
ATOM   498  C  C   . PRO A 1 69  ? 6.993   17.041  -9.239  1.00 28.22 ? 67   PRO A C   1 
ATOM   499  O  O   . PRO A 1 69  ? 5.991   16.490  -8.791  1.00 26.80 ? 67   PRO A O   1 
ATOM   500  C  CB  . PRO A 1 69  ? 7.014   19.460  -10.118 1.00 32.26 ? 67   PRO A CB  1 
ATOM   501  C  CG  . PRO A 1 69  ? 7.964   20.627  -9.893  1.00 31.69 ? 67   PRO A CG  1 
ATOM   502  C  CD  . PRO A 1 69  ? 9.207   19.985  -9.310  1.00 31.94 ? 67   PRO A CD  1 
ATOM   503  N  N   . GLU A 1 70  ? 7.864   16.397  -10.013 1.00 27.13 ? 68   GLU A N   1 
ATOM   504  C  CA  . GLU A 1 70  ? 7.715   14.991  -10.309 1.00 26.99 ? 68   GLU A CA  1 
ATOM   505  C  C   . GLU A 1 70  ? 7.748   14.157  -9.017  1.00 25.59 ? 68   GLU A C   1 
ATOM   506  O  O   . GLU A 1 70  ? 6.957   13.215  -8.857  1.00 23.33 ? 68   GLU A O   1 
ATOM   507  C  CB  . GLU A 1 70  ? 8.786   14.534  -11.282 1.00 27.61 ? 68   GLU A CB  1 
ATOM   508  C  CG  . GLU A 1 70  ? 8.514   14.971  -12.707 1.00 29.71 ? 68   GLU A CG  1 
ATOM   509  C  CD  . GLU A 1 70  ? 9.730   14.861  -13.601 1.00 28.24 ? 68   GLU A CD  1 
ATOM   510  O  OE1 . GLU A 1 70  ? 10.820  14.711  -13.065 1.00 26.99 ? 68   GLU A OE1 1 
ATOM   511  O  OE2 . GLU A 1 70  ? 9.574   14.907  -14.832 1.00 29.85 ? 68   GLU A OE2 1 
ATOM   512  N  N   . PHE A 1 71  ? 8.672   14.502  -8.129  1.00 24.97 ? 69   PHE A N   1 
ATOM   513  C  CA  . PHE A 1 71  ? 8.902   13.789  -6.890  1.00 25.82 ? 69   PHE A CA  1 
ATOM   514  C  C   . PHE A 1 71  ? 7.680   13.941  -5.967  1.00 30.36 ? 69   PHE A C   1 
ATOM   515  O  O   . PHE A 1 71  ? 7.242   12.989  -5.321  1.00 27.73 ? 69   PHE A O   1 
ATOM   516  C  CB  . PHE A 1 71  ? 10.143  14.332  -6.187  1.00 24.45 ? 69   PHE A CB  1 
ATOM   517  C  CG  . PHE A 1 71  ? 10.489  13.626  -4.901  1.00 24.82 ? 69   PHE A CG  1 
ATOM   518  C  CD1 . PHE A 1 71  ? 11.236  12.457  -4.916  1.00 28.18 ? 69   PHE A CD1 1 
ATOM   519  C  CD2 . PHE A 1 71  ? 10.081  14.130  -3.680  1.00 26.47 ? 69   PHE A CD2 1 
ATOM   520  C  CE1 . PHE A 1 71  ? 11.599  11.830  -3.734  1.00 25.92 ? 69   PHE A CE1 1 
ATOM   521  C  CE2 . PHE A 1 71  ? 10.452  13.509  -2.496  1.00 26.71 ? 69   PHE A CE2 1 
ATOM   522  C  CZ  . PHE A 1 71  ? 11.168  12.330  -2.531  1.00 26.24 ? 69   PHE A CZ  1 
ATOM   523  N  N   . LEU A 1 72  ? 7.168   15.175  -5.898  1.00 30.64 ? 70   LEU A N   1 
ATOM   524  C  CA  . LEU A 1 72  ? 6.021   15.509  -5.099  1.00 30.33 ? 70   LEU A CA  1 
ATOM   525  C  C   . LEU A 1 72  ? 4.802   14.735  -5.593  1.00 27.83 ? 70   LEU A C   1 
ATOM   526  O  O   . LEU A 1 72  ? 4.057   14.203  -4.779  1.00 27.86 ? 70   LEU A O   1 
ATOM   527  C  CB  . LEU A 1 72  ? 5.757   17.012  -5.172  1.00 32.62 ? 70   LEU A CB  1 
ATOM   528  C  CG  . LEU A 1 72  ? 4.756   17.519  -4.143  1.00 37.87 ? 70   LEU A CG  1 
ATOM   529  C  CD1 . LEU A 1 72  ? 5.351   17.447  -2.745  1.00 39.14 ? 70   LEU A CD1 1 
ATOM   530  C  CD2 . LEU A 1 72  ? 4.310   18.936  -4.480  1.00 40.43 ? 70   LEU A CD2 1 
ATOM   531  N  N   . THR A 1 73  ? 4.606   14.662  -6.913  1.00 26.51 ? 71   THR A N   1 
ATOM   532  C  CA  . THR A 1 73  ? 3.491   13.916  -7.455  1.00 27.54 ? 71   THR A CA  1 
ATOM   533  C  C   . THR A 1 73  ? 3.621   12.457  -7.004  1.00 28.75 ? 71   THR A C   1 
ATOM   534  O  O   . THR A 1 73  ? 2.686   11.883  -6.480  1.00 28.76 ? 71   THR A O   1 
ATOM   535  C  CB  . THR A 1 73  ? 3.384   14.097  -8.969  1.00 29.02 ? 71   THR A CB  1 
ATOM   536  O  OG1 . THR A 1 73  ? 3.076   15.470  -9.175  1.00 30.96 ? 71   THR A OG1 1 
ATOM   537  C  CG2 . THR A 1 73  ? 2.303   13.267  -9.616  1.00 28.25 ? 71   THR A CG2 1 
ATOM   538  N  N   . MET A 1 74  ? 4.798   11.874  -7.208  1.00 28.54 ? 72   MET A N   1 
ATOM   539  C  CA  . MET A 1 74  ? 5.053   10.500  -6.820  1.00 30.11 ? 72   MET A CA  1 
ATOM   540  C  C   . MET A 1 74  ? 4.790   10.306  -5.318  1.00 30.30 ? 72   MET A C   1 
ATOM   541  O  O   . MET A 1 74  ? 4.132   9.352   -4.937  1.00 28.88 ? 72   MET A O   1 
ATOM   542  C  CB  . MET A 1 74  ? 6.491   10.103  -7.152  1.00 34.06 ? 72   MET A CB  1 
ATOM   543  C  CG  . MET A 1 74  ? 6.826   8.670   -6.761  1.00 36.73 ? 72   MET A CG  1 
ATOM   544  S  SD  . MET A 1 74  ? 7.681   8.634   -5.186  1.00 41.76 ? 72   MET A SD  1 
ATOM   545  C  CE  . MET A 1 74  ? 9.196   9.483   -5.622  1.00 37.68 ? 72   MET A CE  1 
ATOM   546  N  N   . MET A 1 75  ? 5.266   11.222  -4.465  1.00 31.15 ? 73   MET A N   1 
ATOM   547  C  CA  . MET A 1 75  ? 5.126   11.043  -3.016  1.00 32.12 ? 73   MET A CA  1 
ATOM   548  C  C   . MET A 1 75  ? 3.647   11.116  -2.600  1.00 33.41 ? 73   MET A C   1 
ATOM   549  O  O   . MET A 1 75  ? 3.228   10.352  -1.774  1.00 30.85 ? 73   MET A O   1 
ATOM   550  C  CB  . MET A 1 75  ? 5.943   12.071  -2.229  1.00 34.43 ? 73   MET A CB  1 
ATOM   551  C  CG  . MET A 1 75  ? 7.422   11.824  -2.311  1.00 38.93 ? 73   MET A CG  1 
ATOM   552  S  SD  . MET A 1 75  ? 7.987   10.429  -1.305  1.00 43.63 ? 73   MET A SD  1 
ATOM   553  C  CE  . MET A 1 75  ? 8.074   9.070   -2.457  1.00 45.70 ? 73   MET A CE  1 
ATOM   554  N  N   . ALA A 1 76  ? 2.858   12.021  -3.187  1.00 31.19 ? 74   ALA A N   1 
ATOM   555  C  CA  . ALA A 1 76  ? 1.478   12.137  -2.843  1.00 31.24 ? 74   ALA A CA  1 
ATOM   556  C  C   . ALA A 1 76  ? 0.710   10.856  -3.214  1.00 34.18 ? 74   ALA A C   1 
ATOM   557  O  O   . ALA A 1 76  ? -0.108  10.412  -2.435  1.00 34.61 ? 74   ALA A O   1 
ATOM   558  C  CB  . ALA A 1 76  ? 0.872   13.347  -3.496  1.00 33.24 ? 74   ALA A CB  1 
ATOM   559  N  N   . ARG A 1 77  ? 0.990   10.250  -4.375  1.00 32.40 ? 75   ARG A N   1 
ATOM   560  C  CA  . ARG A 1 77  ? 0.349   8.984   -4.764  1.00 34.14 ? 75   ARG A CA  1 
ATOM   561  C  C   . ARG A 1 77  ? 0.777   7.834   -3.831  1.00 29.00 ? 75   ARG A C   1 
ATOM   562  O  O   . ARG A 1 77  ? -0.067  7.011   -3.415  1.00 31.53 ? 75   ARG A O   1 
ATOM   563  C  CB  . ARG A 1 77  ? 0.657   8.670   -6.231  1.00 39.99 ? 75   ARG A CB  1 
ATOM   564  C  CG  . ARG A 1 77  ? -0.174  7.539   -6.823  1.00 50.33 ? 75   ARG A CG  1 
ATOM   565  C  CD  . ARG A 1 77  ? 0.282   7.092   -8.210  1.00 58.56 ? 75   ARG A CD  1 
ATOM   566  N  NE  . ARG A 1 77  ? 0.483   8.196   -9.151  1.00 62.72 ? 75   ARG A NE  1 
ATOM   567  C  CZ  . ARG A 1 77  ? 1.669   8.642   -9.567  1.00 69.12 ? 75   ARG A CZ  1 
ATOM   568  N  NH1 . ARG A 1 77  ? 2.784   8.031   -9.198  1.00 76.15 ? 75   ARG A NH1 1 
ATOM   569  N  NH2 . ARG A 1 77  ? 1.739   9.700   -10.357 1.00 70.98 ? 75   ARG A NH2 1 
ATOM   570  N  N   . LYS A 1 78  ? 2.072   7.739   -3.522  1.00 28.19 ? 76   LYS A N   1 
ATOM   571  C  CA  . LYS A 1 78  ? 2.607   6.735   -2.603  1.00 31.03 ? 76   LYS A CA  1 
ATOM   572  C  C   . LYS A 1 78  ? 1.946   6.877   -1.222  1.00 34.45 ? 76   LYS A C   1 
ATOM   573  O  O   . LYS A 1 78  ? 1.538   5.871   -0.649  1.00 32.80 ? 76   LYS A O   1 
ATOM   574  C  CB  . LYS A 1 78  ? 4.126   6.830   -2.437  1.00 31.09 ? 76   LYS A CB  1 
ATOM   575  N  N   . MET A 1 79  ? 1.845   8.109   -0.697  1.00 31.40 ? 77   MET A N   1 
ATOM   576  C  CA  . MET A 1 79  ? 1.189   8.364   0.595   1.00 36.29 ? 77   MET A CA  1 
ATOM   577  C  C   . MET A 1 79  ? -0.298  7.965   0.547   1.00 34.04 ? 77   MET A C   1 
ATOM   578  O  O   . MET A 1 79  ? -0.784  7.358   1.487   1.00 33.46 ? 77   MET A O   1 
ATOM   579  C  CB  . MET A 1 79  ? 1.318   9.837   0.981   1.00 40.72 ? 77   MET A CB  1 
ATOM   580  C  CG  . MET A 1 79  ? 0.814   10.185  2.356   1.00 47.69 ? 77   MET A CG  1 
ATOM   581  S  SD  . MET A 1 79  ? 0.752   11.995  2.562   1.00 57.52 ? 77   MET A SD  1 
ATOM   582  C  CE  . MET A 1 79  ? -0.584  12.435  1.448   1.00 58.13 ? 77   MET A CE  1 
ATOM   583  N  N   . LYS A 1 80  ? -1.030  8.282   -0.526  1.00 32.31 ? 78   LYS A N   1 
ATOM   584  C  CA  . LYS A 1 80  ? -2.449  7.855   -0.601  1.00 36.94 ? 78   LYS A CA  1 
ATOM   585  C  C   . LYS A 1 80  ? -2.539  6.322   -0.597  1.00 36.61 ? 78   LYS A C   1 
ATOM   586  O  O   . LYS A 1 80  ? -3.408  5.753   0.037   1.00 32.22 ? 78   LYS A O   1 
ATOM   587  C  CB  . LYS A 1 80  ? -3.170  8.359   -1.854  1.00 40.93 ? 78   LYS A CB  1 
ATOM   588  C  CG  . LYS A 1 80  ? -3.302  9.872   -1.966  1.00 51.50 ? 78   LYS A CG  1 
ATOM   589  C  CD  . LYS A 1 80  ? -3.628  10.377  -3.378  1.00 58.79 ? 78   LYS A CD  1 
ATOM   590  C  CE  . LYS A 1 80  ? -2.991  11.712  -3.726  1.00 59.34 ? 78   LYS A CE  1 
ATOM   591  N  NZ  . LYS A 1 80  ? -2.670  11.802  -5.171  1.00 59.88 ? 78   LYS A NZ  1 
ATOM   592  N  N   . ASP A 1 81  ? -1.643  5.668   -1.343  1.00 36.65 ? 79   ASP A N   1 
ATOM   593  C  CA  . ASP A 1 81  ? -1.629  4.219   -1.513  1.00 39.78 ? 79   ASP A CA  1 
ATOM   594  C  C   . ASP A 1 81  ? -1.185  3.568   -0.190  1.00 38.47 ? 79   ASP A C   1 
ATOM   595  O  O   . ASP A 1 81  ? -1.715  2.543   0.209   1.00 35.00 ? 79   ASP A O   1 
ATOM   596  C  CB  . ASP A 1 81  ? -0.843  3.844   -2.779  1.00 45.33 ? 79   ASP A CB  1 
ATOM   597  C  CG  . ASP A 1 81  ? -1.684  3.981   -4.055  1.00 47.60 ? 79   ASP A CG  1 
ATOM   598  O  OD1 . ASP A 1 81  ? -2.396  3.030   -4.385  1.00 58.74 ? 79   ASP A OD1 1 
ATOM   599  O  OD2 . ASP A 1 81  ? -1.674  5.055   -4.687  1.00 56.20 ? 79   ASP A OD2 1 
ATOM   600  N  N   . THR A 1 82  ? -0.273  4.213   0.535   1.00 35.52 ? 80   THR A N   1 
ATOM   601  C  CA  . THR A 1 82  ? 0.167   3.760   1.865   1.00 37.03 ? 80   THR A CA  1 
ATOM   602  C  C   . THR A 1 82  ? -0.959  3.889   2.900   1.00 33.51 ? 80   THR A C   1 
ATOM   603  O  O   . THR A 1 82  ? -1.158  2.999   3.753   1.00 30.22 ? 80   THR A O   1 
ATOM   604  C  CB  . THR A 1 82  ? 1.399   4.536   2.333   1.00 38.86 ? 80   THR A CB  1 
ATOM   605  O  OG1 . THR A 1 82  ? 2.435   4.092   1.466   1.00 43.97 ? 80   THR A OG1 1 
ATOM   606  C  CG2 . THR A 1 82  ? 1.785   4.250   3.764   1.00 42.99 ? 80   THR A CG2 1 
ATOM   607  N  N   . ASP A 1 83  ? -1.687  5.008   2.835   1.00 29.69 ? 81   ASP A N   1 
ATOM   608  C  CA  . ASP A 1 83  ? -2.799  5.239   3.727   1.00 32.22 ? 81   ASP A CA  1 
ATOM   609  C  C   . ASP A 1 83  ? -3.867  4.158   3.481   1.00 31.00 ? 81   ASP A C   1 
ATOM   610  O  O   . ASP A 1 83  ? -4.406  3.617   4.439   1.00 29.76 ? 81   ASP A O   1 
ATOM   611  C  CB  . ASP A 1 83  ? -3.346  6.661   3.594   1.00 32.08 ? 81   ASP A CB  1 
ATOM   612  C  CG  . ASP A 1 83  ? -2.449  7.763   4.154   1.00 34.22 ? 81   ASP A CG  1 
ATOM   613  O  OD1 . ASP A 1 83  ? -1.535  7.457   4.919   1.00 32.06 ? 81   ASP A OD1 1 
ATOM   614  O  OD2 . ASP A 1 83  ? -2.686  8.938   3.817   1.00 38.07 ? 81   ASP A OD2 1 
ATOM   615  N  N   . SER A 1 84  ? -4.152  3.844   2.209   1.00 29.99 ? 82   SER A N   1 
ATOM   616  C  CA  . SER A 1 84  ? -5.140  2.838   1.838   1.00 29.73 ? 82   SER A CA  1 
ATOM   617  C  C   . SER A 1 84  ? -4.742  1.453   2.350   1.00 29.25 ? 82   SER A C   1 
ATOM   618  O  O   . SER A 1 84  ? -5.530  0.765   2.968   1.00 34.81 ? 82   SER A O   1 
ATOM   619  C  CB  . SER A 1 84  ? -5.353  2.804   0.358   1.00 33.12 ? 82   SER A CB  1 
ATOM   620  O  OG  . SER A 1 84  ? -6.018  3.977   -0.058  1.00 39.10 ? 82   SER A OG  1 
ATOM   621  N  N   . GLU A 1 85  ? -3.529  1.026   2.031   1.00 30.75 ? 83   GLU A N   1 
ATOM   622  C  CA  . GLU A 1 85  ? -2.977  -0.234  2.522   1.00 32.34 ? 83   GLU A CA  1 
ATOM   623  C  C   . GLU A 1 85  ? -3.228  -0.355  4.041   1.00 33.00 ? 83   GLU A C   1 
ATOM   624  O  O   . GLU A 1 85  ? -3.647  -1.388  4.553   1.00 30.38 ? 83   GLU A O   1 
ATOM   625  C  CB  . GLU A 1 85  ? -1.477  -0.273  2.227   1.00 37.83 ? 83   GLU A CB  1 
ATOM   626  C  CG  . GLU A 1 85  ? -0.803  -1.591  2.571   1.00 44.39 ? 83   GLU A CG  1 
ATOM   627  C  CD  . GLU A 1 85  ? -1.152  -2.747  1.643   1.00 49.69 ? 83   GLU A CD  1 
ATOM   628  O  OE1 . GLU A 1 85  ? -0.769  -3.913  1.949   1.00 52.00 ? 83   GLU A OE1 1 
ATOM   629  O  OE2 . GLU A 1 85  ? -1.809  -2.489  0.620   1.00 53.31 ? 83   GLU A OE2 1 
ATOM   630  N  N   . GLU A 1 86  ? -2.964  0.719   4.775   1.00 28.35 ? 84   GLU A N   1 
ATOM   631  C  CA  . GLU A 1 86  ? -3.043  0.685   6.224   1.00 32.33 ? 84   GLU A CA  1 
ATOM   632  C  C   . GLU A 1 86  ? -4.501  0.566   6.689   1.00 29.46 ? 84   GLU A C   1 
ATOM   633  O  O   . GLU A 1 86  ? -4.796  -0.070  7.664   1.00 23.92 ? 84   GLU A O   1 
ATOM   634  C  CB  . GLU A 1 86  ? -2.407  1.938   6.816   1.00 34.19 ? 84   GLU A CB  1 
ATOM   635  C  CG  . GLU A 1 86  ? -2.425  1.951   8.332   1.00 40.55 ? 84   GLU A CG  1 
ATOM   636  C  CD  . GLU A 1 86  ? -1.769  0.745   8.997   1.00 41.88 ? 84   GLU A CD  1 
ATOM   637  O  OE1 . GLU A 1 86  ? -0.867  0.130   8.385   1.00 48.66 ? 84   GLU A OE1 1 
ATOM   638  O  OE2 . GLU A 1 86  ? -2.166  0.417   10.124  1.00 39.39 ? 84   GLU A OE2 1 
ATOM   639  N  N   . GLU A 1 87  ? -5.408  1.267   6.015   1.00 29.14 ? 85   GLU A N   1 
ATOM   640  C  CA  . GLU A 1 87  ? -6.800  1.161   6.304   1.00 30.15 ? 85   GLU A CA  1 
ATOM   641  C  C   . GLU A 1 87  ? -7.275  -0.291  6.089   1.00 27.86 ? 85   GLU A C   1 
ATOM   642  O  O   . GLU A 1 87  ? -8.036  -0.810  6.879   1.00 25.89 ? 85   GLU A O   1 
ATOM   643  C  CB  . GLU A 1 87  ? -7.550  2.151   5.411   1.00 35.99 ? 85   GLU A CB  1 
ATOM   644  C  CG  . GLU A 1 87  ? -9.051  2.090   5.547   1.00 44.28 ? 85   GLU A CG  1 
ATOM   645  C  CD  . GLU A 1 87  ? -9.601  2.800   6.766   1.00 52.61 ? 85   GLU A CD  1 
ATOM   646  O  OE1 . GLU A 1 87  ? -10.853 2.870   6.895   1.00 56.68 ? 85   GLU A OE1 1 
ATOM   647  O  OE2 . GLU A 1 87  ? -8.779  3.277   7.588   1.00 59.57 ? 85   GLU A OE2 1 
ATOM   648  N  N   . ILE A 1 88  ? -6.859  -0.937  4.997   1.00 28.67 ? 86   ILE A N   1 
ATOM   649  C  CA  . ILE A 1 88  ? -7.302  -2.298  4.701   1.00 28.60 ? 86   ILE A CA  1 
ATOM   650  C  C   . ILE A 1 88  ? -6.648  -3.274  5.684   1.00 25.95 ? 86   ILE A C   1 
ATOM   651  O  O   . ILE A 1 88  ? -7.249  -4.291  6.012   1.00 23.81 ? 86   ILE A O   1 
ATOM   652  C  CB  . ILE A 1 88  ? -6.995  -2.707  3.249   1.00 31.23 ? 86   ILE A CB  1 
ATOM   653  C  CG1 . ILE A 1 88  ? -7.753  -1.829  2.253   1.00 35.99 ? 86   ILE A CG1 1 
ATOM   654  C  CG2 . ILE A 1 88  ? -7.306  -4.183  3.031   1.00 30.12 ? 86   ILE A CG2 1 
ATOM   655  C  CD1 . ILE A 1 88  ? -7.217  -1.909  0.842   1.00 36.80 ? 86   ILE A CD1 1 
ATOM   656  N  N   . ARG A 1 89  ? -5.388  -3.028  6.055   1.00 22.21 ? 87   ARG A N   1 
ATOM   657  C  CA  . ARG A 1 89  ? -4.724  -3.873  7.030   1.00 23.56 ? 87   ARG A CA  1 
ATOM   658  C  C   . ARG A 1 89  ? -5.397  -3.770  8.407   1.00 21.67 ? 87   ARG A C   1 
ATOM   659  O  O   . ARG A 1 89  ? -5.492  -4.757  9.124   1.00 21.36 ? 87   ARG A O   1 
ATOM   660  C  CB  . ARG A 1 89  ? -3.238  -3.548  7.137   1.00 24.99 ? 87   ARG A CB  1 
ATOM   661  C  CG  . ARG A 1 89  ? -2.468  -4.102  5.953   1.00 31.38 ? 87   ARG A CG  1 
ATOM   662  C  CD  . ARG A 1 89  ? -1.015  -4.420  6.198   1.00 30.86 ? 87   ARG A CD  1 
ATOM   663  N  NE  . ARG A 1 89  ? -0.349  -4.563  4.902   1.00 34.87 ? 87   ARG A NE  1 
ATOM   664  C  CZ  . ARG A 1 89  ? 0.920   -4.924  4.748   1.00 34.42 ? 87   ARG A CZ  1 
ATOM   665  N  NH1 . ARG A 1 89  ? 1.454   -4.966  3.541   1.00 35.90 ? 87   ARG A NH1 1 
ATOM   666  N  NH2 . ARG A 1 89  ? 1.647   -5.258  5.799   1.00 35.30 ? 87   ARG A NH2 1 
ATOM   667  N  N   . GLU A 1 90  ? -5.848  -2.582  8.790   1.00 22.93 ? 88   GLU A N   1 
ATOM   668  C  CA  . GLU A 1 90  ? -6.543  -2.408  10.051  1.00 24.56 ? 88   GLU A CA  1 
ATOM   669  C  C   . GLU A 1 90  ? -7.879  -3.162  10.037  1.00 24.46 ? 88   GLU A C   1 
ATOM   670  O  O   . GLU A 1 90  ? -8.162  -3.854  10.975  1.00 25.66 ? 88   GLU A O   1 
ATOM   671  C  CB  . GLU A 1 90  ? -6.768  -0.941  10.375  1.00 25.73 ? 88   GLU A CB  1 
ATOM   672  C  CG  . GLU A 1 90  ? -5.483  -0.246  10.727  1.00 28.47 ? 88   GLU A CG  1 
ATOM   673  C  CD  . GLU A 1 90  ? -5.625  1.236   10.999  1.00 32.88 ? 88   GLU A CD  1 
ATOM   674  O  OE1 . GLU A 1 90  ? -6.772  1.696   11.255  1.00 38.12 ? 88   GLU A OE1 1 
ATOM   675  O  OE2 . GLU A 1 90  ? -4.584  1.921   10.952  1.00 40.60 ? 88   GLU A OE2 1 
ATOM   676  N  N   . ALA A 1 91  ? -8.657  -3.031  8.956   1.00 23.32 ? 89   ALA A N   1 
ATOM   677  C  CA  . ALA A 1 91  ? -9.910  -3.736  8.805   1.00 23.09 ? 89   ALA A CA  1 
ATOM   678  C  C   . ALA A 1 91  ? -9.656  -5.242  8.919   1.00 22.79 ? 89   ALA A C   1 
ATOM   679  O  O   . ALA A 1 91  ? -10.404 -5.974  9.581   1.00 21.91 ? 89   ALA A O   1 
ATOM   680  C  CB  . ALA A 1 91  ? -10.523 -3.404  7.476   1.00 23.14 ? 89   ALA A CB  1 
ATOM   681  N  N   . PHE A 1 92  ? -8.594  -5.701  8.259   1.00 21.11 ? 90   PHE A N   1 
ATOM   682  C  CA  . PHE A 1 92  ? -8.309  -7.098  8.268   1.00 21.02 ? 90   PHE A CA  1 
ATOM   683  C  C   . PHE A 1 92  ? -8.028  -7.543  9.712   1.00 19.51 ? 90   PHE A C   1 
ATOM   684  O  O   . PHE A 1 92  ? -8.556  -8.542  10.165  1.00 20.61 ? 90   PHE A O   1 
ATOM   685  C  CB  . PHE A 1 92  ? -7.161  -7.419  7.318   1.00 21.33 ? 90   PHE A CB  1 
ATOM   686  C  CG  . PHE A 1 92  ? -6.785  -8.863  7.340   1.00 20.53 ? 90   PHE A CG  1 
ATOM   687  C  CD1 . PHE A 1 92  ? -7.433  -9.780  6.522   1.00 22.81 ? 90   PHE A CD1 1 
ATOM   688  C  CD2 . PHE A 1 92  ? -5.844  -9.317  8.242   1.00 23.59 ? 90   PHE A CD2 1 
ATOM   689  C  CE1 . PHE A 1 92  ? -7.101  -11.122 6.565   1.00 21.39 ? 90   PHE A CE1 1 
ATOM   690  C  CE2 . PHE A 1 92  ? -5.523  -10.662 8.288   1.00 24.72 ? 90   PHE A CE2 1 
ATOM   691  C  CZ  . PHE A 1 92  ? -6.159  -11.557 7.450   1.00 25.29 ? 90   PHE A CZ  1 
ATOM   692  N  N   . ARG A 1 93  ? -7.227  -6.774  10.441  1.00 20.97 ? 91   ARG A N   1 
ATOM   693  C  CA  . ARG A 1 93  ? -6.931  -7.146  11.815  1.00 22.23 ? 91   ARG A CA  1 
ATOM   694  C  C   . ARG A 1 93  ? -8.203  -7.179  12.675  1.00 20.92 ? 91   ARG A C   1 
ATOM   695  O  O   . ARG A 1 93  ? -8.306  -8.002  13.553  1.00 24.20 ? 91   ARG A O   1 
ATOM   696  C  CB  . ARG A 1 93  ? -5.876  -6.230  12.424  1.00 22.78 ? 91   ARG A CB  1 
ATOM   697  C  CG  . ARG A 1 93  ? -4.500  -6.394  11.798  1.00 23.62 ? 91   ARG A CG  1 
ATOM   698  C  CD  . ARG A 1 93  ? -3.449  -5.803  12.723  1.00 24.46 ? 91   ARG A CD  1 
ATOM   699  N  NE  . ARG A 1 93  ? -3.560  -4.363  12.622  1.00 23.93 ? 91   ARG A NE  1 
ATOM   700  C  CZ  . ARG A 1 93  ? -2.860  -3.614  11.780  1.00 24.87 ? 91   ARG A CZ  1 
ATOM   701  N  NH1 . ARG A 1 93  ? -2.065  -4.185  10.889  1.00 24.43 ? 91   ARG A NH1 1 
ATOM   702  N  NH2 . ARG A 1 93  ? -2.981  -2.303  11.823  1.00 25.56 ? 91   ARG A NH2 1 
ATOM   703  N  N   . VAL A 1 94  ? -9.149  -6.271  12.439  1.00 22.65 ? 92   VAL A N   1 
ATOM   704  C  CA  . VAL A 1 94  ? -10.409 -6.283  13.193  1.00 24.58 ? 92   VAL A CA  1 
ATOM   705  C  C   . VAL A 1 94  ? -11.164 -7.609  12.972  1.00 24.67 ? 92   VAL A C   1 
ATOM   706  O  O   . VAL A 1 94  ? -11.545 -8.253  13.947  1.00 27.46 ? 92   VAL A O   1 
ATOM   707  C  CB  . VAL A 1 94  ? -11.222 -5.018  12.875  1.00 27.97 ? 92   VAL A CB  1 
ATOM   708  C  CG1 . VAL A 1 94  ? -12.608 -5.059  13.493  1.00 30.61 ? 92   VAL A CG1 1 
ATOM   709  C  CG2 . VAL A 1 94  ? -10.457 -3.782  13.332  1.00 29.44 ? 92   VAL A CG2 1 
ATOM   710  N  N   . PHE A 1 95  ? -11.219 -8.111  11.733  1.00 23.08 ? 93   PHE A N   1 
ATOM   711  C  CA  . PHE A 1 95  ? -11.903 -9.380  11.406  1.00 26.23 ? 93   PHE A CA  1 
ATOM   712  C  C   . PHE A 1 95  ? -11.150 -10.570 11.990  1.00 26.76 ? 93   PHE A C   1 
ATOM   713  O  O   . PHE A 1 95  ? -11.756 -11.508 12.485  1.00 32.23 ? 93   PHE A O   1 
ATOM   714  C  CB  . PHE A 1 95  ? -11.996 -9.614  9.895   1.00 30.14 ? 93   PHE A CB  1 
ATOM   715  C  CG  . PHE A 1 95  ? -13.092 -8.855  9.199   1.00 31.11 ? 93   PHE A CG  1 
ATOM   716  C  CD1 . PHE A 1 95  ? -14.377 -9.375  9.128   1.00 36.49 ? 93   PHE A CD1 1 
ATOM   717  C  CD2 . PHE A 1 95  ? -12.838 -7.639  8.611   1.00 32.96 ? 93   PHE A CD2 1 
ATOM   718  C  CE1 . PHE A 1 95  ? -15.386 -8.689  8.473   1.00 37.85 ? 93   PHE A CE1 1 
ATOM   719  C  CE2 . PHE A 1 95  ? -13.846 -6.954  7.960   1.00 37.45 ? 93   PHE A CE2 1 
ATOM   720  C  CZ  . PHE A 1 95  ? -15.119 -7.474  7.901   1.00 37.39 ? 93   PHE A CZ  1 
ATOM   721  N  N   . ASP A 1 96  ? -9.830  -10.537 11.882  1.00 25.12 ? 94   ASP A N   1 
ATOM   722  C  CA  . ASP A 1 96  ? -9.022  -11.638 12.271  1.00 26.14 ? 94   ASP A CA  1 
ATOM   723  C  C   . ASP A 1 96  ? -8.844  -11.606 13.799  1.00 29.89 ? 94   ASP A C   1 
ATOM   724  O  O   . ASP A 1 96  ? -7.774  -11.317 14.286  1.00 29.44 ? 94   ASP A O   1 
ATOM   725  C  CB  . ASP A 1 96  ? -7.693  -11.596 11.551  1.00 25.84 ? 94   ASP A CB  1 
ATOM   726  C  CG  . ASP A 1 96  ? -6.841  -12.780 11.944  1.00 26.83 ? 94   ASP A CG  1 
ATOM   727  O  OD1 . ASP A 1 96  ? -7.410  -13.791 12.413  1.00 27.26 ? 94   ASP A OD1 1 
ATOM   728  O  OD2 . ASP A 1 96  ? -5.643  -12.678 11.749  1.00 28.99 ? 94   ASP A OD2 1 
ATOM   729  N  N   . LYS A 1 97  ? -9.929  -11.926 14.506  1.00 34.33 ? 95   LYS A N   1 
ATOM   730  C  CA  . LYS A 1 97  ? -10.056 -11.812 15.962  1.00 39.93 ? 95   LYS A CA  1 
ATOM   731  C  C   . LYS A 1 97  ? -8.918  -12.550 16.662  1.00 42.91 ? 95   LYS A C   1 
ATOM   732  O  O   . LYS A 1 97  ? -8.307  -12.025 17.603  1.00 41.74 ? 95   LYS A O   1 
ATOM   733  C  CB  . LYS A 1 97  ? -11.425 -12.345 16.406  1.00 43.52 ? 95   LYS A CB  1 
ATOM   734  C  CG  . LYS A 1 97  ? -11.671 -12.405 17.911  1.00 48.47 ? 95   LYS A CG  1 
ATOM   735  C  CD  . LYS A 1 97  ? -13.140 -12.269 18.291  1.00 52.48 ? 95   LYS A CD  1 
ATOM   736  C  CE  . LYS A 1 97  ? -13.429 -12.500 19.766  1.00 57.94 ? 95   LYS A CE  1 
ATOM   737  N  NZ  . LYS A 1 97  ? -12.608 -11.636 20.656  1.00 57.57 ? 95   LYS A NZ  1 
ATOM   738  N  N   . ASP A 1 98  ? -8.607  -13.761 16.191  1.00 42.48 ? 96   ASP A N   1 
ATOM   739  C  CA  . ASP A 1 98  ? -7.613  -14.591 16.885  1.00 41.37 ? 96   ASP A CA  1 
ATOM   740  C  C   . ASP A 1 98  ? -6.198  -14.301 16.375  1.00 39.85 ? 96   ASP A C   1 
ATOM   741  O  O   . ASP A 1 98  ? -5.268  -14.911 16.856  1.00 42.38 ? 96   ASP A O   1 
ATOM   742  C  CB  . ASP A 1 98  ? -7.975  -16.076 16.795  1.00 43.86 ? 96   ASP A CB  1 
ATOM   743  C  CG  . ASP A 1 98  ? -8.019  -16.574 15.365  1.00 46.79 ? 96   ASP A CG  1 
ATOM   744  O  OD1 . ASP A 1 98  ? -7.674  -15.766 14.469  1.00 43.38 ? 96   ASP A OD1 1 
ATOM   745  O  OD2 . ASP A 1 98  ? -8.412  -17.744 15.158  1.00 47.28 ? 96   ASP A OD2 1 
ATOM   746  N  N   . GLY A 1 99  ? -6.043  -13.417 15.375  1.00 37.78 ? 97   GLY A N   1 
ATOM   747  C  CA  . GLY A 1 99  ? -4.715  -12.932 14.948  1.00 36.23 ? 97   GLY A CA  1 
ATOM   748  C  C   . GLY A 1 99  ? -3.903  -13.968 14.173  1.00 38.83 ? 97   GLY A C   1 
ATOM   749  O  O   . GLY A 1 99  ? -2.686  -13.781 13.988  1.00 41.54 ? 97   GLY A O   1 
ATOM   750  N  N   . ASN A 1 100 ? -4.574  -15.023 13.682  1.00 39.30 ? 98   ASN A N   1 
ATOM   751  C  CA  . ASN A 1 100 ? -3.929  -16.181 13.005  1.00 40.92 ? 98   ASN A CA  1 
ATOM   752  C  C   . ASN A 1 100 ? -3.603  -15.899 11.536  1.00 38.63 ? 98   ASN A C   1 
ATOM   753  O  O   . ASN A 1 100 ? -2.922  -16.684 10.921  1.00 44.82 ? 98   ASN A O   1 
ATOM   754  C  CB  . ASN A 1 100 ? -4.802  -17.437 13.016  1.00 42.01 ? 98   ASN A CB  1 
ATOM   755  C  CG  . ASN A 1 100 ? -6.203  -17.213 12.480  1.00 41.89 ? 98   ASN A CG  1 
ATOM   756  O  OD1 . ASN A 1 100 ? -6.669  -16.073 12.274  1.00 32.16 ? 98   ASN A OD1 1 
ATOM   757  N  ND2 . ASN A 1 100 ? -6.922  -18.307 12.341  1.00 43.41 ? 98   ASN A ND2 1 
ATOM   758  N  N   . GLY A 1 101 ? -4.106  -14.797 10.969  1.00 32.48 ? 99   GLY A N   1 
ATOM   759  C  CA  . GLY A 1 101 ? -3.690  -14.342 9.647   1.00 31.19 ? 99   GLY A CA  1 
ATOM   760  C  C   . GLY A 1 101 ? -4.691  -14.757 8.595   1.00 28.00 ? 99   GLY A C   1 
ATOM   761  O  O   . GLY A 1 101 ? -4.502  -14.479 7.425   1.00 35.46 ? 99   GLY A O   1 
ATOM   762  N  N   . TYR A 1 102 ? -5.782  -15.355 9.060   1.00 31.24 ? 100  TYR A N   1 
ATOM   763  C  CA  . TYR A 1 102 ? -6.897  -15.798 8.255   1.00 32.82 ? 100  TYR A CA  1 
ATOM   764  C  C   . TYR A 1 102 ? -8.180  -15.384 8.958   1.00 35.85 ? 100  TYR A C   1 
ATOM   765  O  O   . TYR A 1 102 ? -8.280  -15.504 10.148  1.00 39.53 ? 100  TYR A O   1 
ATOM   766  C  CB  . TYR A 1 102 ? -6.884  -17.319 8.126   1.00 35.46 ? 100  TYR A CB  1 
ATOM   767  C  CG  . TYR A 1 102 ? -5.575  -17.842 7.604   1.00 39.04 ? 100  TYR A CG  1 
ATOM   768  C  CD1 . TYR A 1 102 ? -5.357  -17.936 6.240   1.00 38.68 ? 100  TYR A CD1 1 
ATOM   769  C  CD2 . TYR A 1 102 ? -4.548  -18.196 8.459   1.00 38.92 ? 100  TYR A CD2 1 
ATOM   770  C  CE1 . TYR A 1 102 ? -4.160  -18.391 5.729   1.00 37.97 ? 100  TYR A CE1 1 
ATOM   771  C  CE2 . TYR A 1 102 ? -3.338  -18.654 7.963   1.00 38.89 ? 100  TYR A CE2 1 
ATOM   772  C  CZ  . TYR A 1 102 ? -3.152  -18.757 6.595   1.00 39.71 ? 100  TYR A CZ  1 
ATOM   773  O  OH  . TYR A 1 102 ? -1.988  -19.195 6.063   1.00 41.06 ? 100  TYR A OH  1 
ATOM   774  N  N   . ILE A 1 103 ? -9.167  -14.956 8.192   1.00 31.30 ? 101  ILE A N   1 
ATOM   775  C  CA  . ILE A 1 103 ? -10.477 -14.760 8.694   1.00 31.42 ? 101  ILE A CA  1 
ATOM   776  C  C   . ILE A 1 103 ? -11.280 -16.043 8.456   1.00 33.95 ? 101  ILE A C   1 
ATOM   777  O  O   . ILE A 1 103 ? -11.409 -16.501 7.313   1.00 29.71 ? 101  ILE A O   1 
ATOM   778  C  CB  . ILE A 1 103 ? -11.116 -13.544 8.011   1.00 30.29 ? 101  ILE A CB  1 
ATOM   779  C  CG1 . ILE A 1 103 ? -10.205 -12.316 8.116   1.00 28.15 ? 101  ILE A CG1 1 
ATOM   780  C  CG2 . ILE A 1 103 ? -12.520 -13.281 8.534   1.00 30.16 ? 101  ILE A CG2 1 
ATOM   781  C  CD1 . ILE A 1 103 ? -10.547 -11.260 7.071   1.00 27.71 ? 101  ILE A CD1 1 
ATOM   782  N  N   . SER A 1 104 ? -11.801 -16.613 9.552   1.00 36.55 ? 102  SER A N   1 
ATOM   783  C  CA  . SER A 1 104 ? -12.670 -17.781 9.528   1.00 35.81 ? 102  SER A CA  1 
ATOM   784  C  C   . SER A 1 104 ? -14.103 -17.338 9.264   1.00 38.27 ? 102  SER A C   1 
ATOM   785  O  O   . SER A 1 104 ? -14.456 -16.153 9.427   1.00 39.86 ? 102  SER A O   1 
ATOM   786  C  CB  . SER A 1 104 ? -12.607 -18.519 10.805  1.00 41.81 ? 102  SER A CB  1 
ATOM   787  O  OG  . SER A 1 104 ? -13.186 -17.724 11.829  1.00 42.10 ? 102  SER A OG  1 
ATOM   788  N  N   . ALA A 1 105 ? -14.932 -18.313 8.881   1.00 36.15 ? 103  ALA A N   1 
ATOM   789  C  CA  . ALA A 1 105 ? -16.374 -18.131 8.759   1.00 34.81 ? 103  ALA A CA  1 
ATOM   790  C  C   . ALA A 1 105 ? -16.913 -17.605 10.101  1.00 33.72 ? 103  ALA A C   1 
ATOM   791  O  O   . ALA A 1 105 ? -17.844 -16.762 10.130  1.00 30.81 ? 103  ALA A O   1 
ATOM   792  C  CB  . ALA A 1 105 ? -17.042 -19.437 8.377   1.00 35.57 ? 103  ALA A CB  1 
ATOM   793  N  N   . ALA A 1 106 ? -16.326 -18.102 11.188  1.00 28.72 ? 104  ALA A N   1 
ATOM   794  C  CA  . ALA A 1 106 ? -16.797 -17.774 12.575  1.00 36.21 ? 104  ALA A CA  1 
ATOM   795  C  C   . ALA A 1 106 ? -16.509 -16.298 12.910  1.00 36.22 ? 104  ALA A C   1 
ATOM   796  O  O   . ALA A 1 106 ? -17.349 -15.607 13.511  1.00 42.65 ? 104  ALA A O   1 
ATOM   797  C  CB  . ALA A 1 106 ? -16.166 -18.715 13.582  1.00 34.62 ? 104  ALA A CB  1 
ATOM   798  N  N   . GLU A 1 107 ? -15.359 -15.790 12.450  1.00 38.53 ? 105  GLU A N   1 
ATOM   799  C  CA  . GLU A 1 107 ? -14.963 -14.403 12.708  1.00 34.52 ? 105  GLU A CA  1 
ATOM   800  C  C   . GLU A 1 107 ? -15.787 -13.473 11.820  1.00 39.83 ? 105  GLU A C   1 
ATOM   801  O  O   . GLU A 1 107 ? -16.286 -12.417 12.259  1.00 37.44 ? 105  GLU A O   1 
ATOM   802  C  CB  . GLU A 1 107 ? -13.474 -14.262 12.488  1.00 32.35 ? 105  GLU A CB  1 
ATOM   803  C  CG  . GLU A 1 107 ? -12.688 -15.095 13.453  1.00 29.48 ? 105  GLU A CG  1 
ATOM   804  C  CD  . GLU A 1 107 ? -11.215 -15.194 13.163  1.00 32.45 ? 105  GLU A CD  1 
ATOM   805  O  OE1 . GLU A 1 107 ? -10.845 -15.284 11.958  1.00 34.83 ? 105  GLU A OE1 1 
ATOM   806  O  OE2 . GLU A 1 107 ? -10.436 -15.188 14.124  1.00 31.20 ? 105  GLU A OE2 1 
ATOM   807  N  N   . LEU A 1 108 ? -15.965 -13.875 10.571  1.00 32.46 ? 106  LEU A N   1 
ATOM   808  C  CA  . LEU A 1 108 ? -16.736 -13.056 9.674   1.00 38.45 ? 106  LEU A CA  1 
ATOM   809  C  C   . LEU A 1 108 ? -18.181 -12.947 10.209  1.00 42.81 ? 106  LEU A C   1 
ATOM   810  O  O   . LEU A 1 108 ? -18.784 -11.846 10.203  1.00 43.21 ? 106  LEU A O   1 
ATOM   811  C  CB  . LEU A 1 108 ? -16.643 -13.649 8.265   1.00 35.58 ? 106  LEU A CB  1 
ATOM   812  C  CG  . LEU A 1 108 ? -17.578 -13.047 7.219   1.00 40.04 ? 106  LEU A CG  1 
ATOM   813  C  CD1 . LEU A 1 108 ? -17.456 -11.527 7.182   1.00 42.36 ? 106  LEU A CD1 1 
ATOM   814  C  CD2 . LEU A 1 108 ? -17.267 -13.634 5.845   1.00 41.33 ? 106  LEU A CD2 1 
ATOM   815  N  N   . ARG A 1 109 ? -18.718 -14.065 10.724  1.00 44.29 ? 107  ARG A N   1 
ATOM   816  C  CA  . ARG A 1 109 ? -20.092 -14.114 11.243  1.00 43.16 ? 107  ARG A CA  1 
ATOM   817  C  C   . ARG A 1 109 ? -20.236 -13.163 12.445  1.00 41.64 ? 107  ARG A C   1 
ATOM   818  O  O   . ARG A 1 109 ? -21.144 -12.338 12.467  1.00 40.93 ? 107  ARG A O   1 
ATOM   819  C  CB  . ARG A 1 109 ? -20.522 -15.532 11.646  1.00 42.57 ? 107  ARG A CB  1 
ATOM   820  C  CG  . ARG A 1 109 ? -22.016 -15.623 11.946  1.00 42.95 ? 107  ARG A CG  1 
ATOM   821  C  CD  . ARG A 1 109 ? -22.585 -17.022 12.083  1.00 41.28 ? 107  ARG A CD  1 
ATOM   822  N  NE  . ARG A 1 109 ? -21.683 -17.924 12.777  1.00 39.32 ? 107  ARG A NE  1 
ATOM   823  C  CZ  . ARG A 1 109 ? -21.631 -18.075 14.093  1.00 44.63 ? 107  ARG A CZ  1 
ATOM   824  N  NH1 . ARG A 1 109 ? -22.453 -17.380 14.869  1.00 40.63 ? 107  ARG A NH1 1 
ATOM   825  N  NH2 . ARG A 1 109 ? -20.764 -18.927 14.615  1.00 41.38 ? 107  ARG A NH2 1 
ATOM   826  N  N   A HIS A 1 110 ? -19.377 -13.335 13.447  0.59 37.33 ? 108  HIS A N   1 
ATOM   827  N  N   B HIS A 1 110 ? -19.355 -13.335 13.441  0.41 39.50 ? 108  HIS A N   1 
ATOM   828  C  CA  A HIS A 1 110 ? -19.329 -12.442 14.581  0.59 43.19 ? 108  HIS A CA  1 
ATOM   829  C  CA  B HIS A 1 110 ? -19.242 -12.460 14.612  0.41 44.18 ? 108  HIS A CA  1 
ATOM   830  C  C   A HIS A 1 110 ? -19.423 -10.995 14.092  0.59 46.89 ? 108  HIS A C   1 
ATOM   831  C  C   B HIS A 1 110 ? -19.346 -10.995 14.181  0.41 47.12 ? 108  HIS A C   1 
ATOM   832  O  O   A HIS A 1 110 ? -20.401 -10.295 14.371  0.59 47.14 ? 108  HIS A O   1 
ATOM   833  O  O   B HIS A 1 110 ? -20.235 -10.273 14.630  0.41 48.31 ? 108  HIS A O   1 
ATOM   834  C  CB  A HIS A 1 110 ? -18.058 -12.673 15.409  0.59 43.11 ? 108  HIS A CB  1 
ATOM   835  C  CB  B HIS A 1 110 ? -17.915 -12.695 15.357  0.41 43.86 ? 108  HIS A CB  1 
ATOM   836  C  CG  A HIS A 1 110 ? -18.075 -11.918 16.688  0.59 42.04 ? 108  HIS A CG  1 
ATOM   837  C  CG  B HIS A 1 110 ? -17.803 -14.014 16.049  0.41 42.66 ? 108  HIS A CG  1 
ATOM   838  N  ND1 A HIS A 1 110 ? -18.634 -12.443 17.839  0.59 43.77 ? 108  HIS A ND1 1 
ATOM   839  N  ND1 B HIS A 1 110 ? -18.610 -15.091 15.734  0.41 47.98 ? 108  HIS A ND1 1 
ATOM   840  C  CD2 A HIS A 1 110 ? -17.647 -10.676 16.997  0.59 45.18 ? 108  HIS A CD2 1 
ATOM   841  C  CD2 B HIS A 1 110 ? -16.969 -14.438 17.023  0.41 43.04 ? 108  HIS A CD2 1 
ATOM   842  C  CE1 A HIS A 1 110 ? -18.538 -11.560 18.811  0.59 44.82 ? 108  HIS A CE1 1 
ATOM   843  C  CE1 B HIS A 1 110 ? -18.290 -16.119 16.495  0.41 44.78 ? 108  HIS A CE1 1 
ATOM   844  N  NE2 A HIS A 1 110 ? -17.931 -10.466 18.320  0.59 45.61 ? 108  HIS A NE2 1 
ATOM   845  N  NE2 B HIS A 1 110 ? -17.278 -15.746 17.289  0.41 45.26 ? 108  HIS A NE2 1 
ATOM   846  N  N   . VAL A 1 111 ? -18.426 -10.586 13.299  1.00 47.20 ? 109  VAL A N   1 
ATOM   847  C  CA  . VAL A 1 111 ? -18.289 -9.213  12.880  1.00 55.70 ? 109  VAL A CA  1 
ATOM   848  C  C   . VAL A 1 111 ? -19.560 -8.787  12.129  1.00 61.21 ? 109  VAL A C   1 
ATOM   849  O  O   . VAL A 1 111 ? -20.079 -7.697  12.363  1.00 63.76 ? 109  VAL A O   1 
ATOM   850  C  CB  . VAL A 1 111 ? -17.018 -9.012  12.026  1.00 61.47 ? 109  VAL A CB  1 
ATOM   851  C  CG1 . VAL A 1 111 ? -17.026 -7.671  11.304  1.00 63.48 ? 109  VAL A CG1 1 
ATOM   852  C  CG2 . VAL A 1 111 ? -15.743 -9.162  12.854  1.00 58.39 ? 109  VAL A CG2 1 
ATOM   853  N  N   . MET A 1 112 ? -20.068 -9.663  11.258  1.00 60.46 ? 110  MET A N   1 
ATOM   854  C  CA  . MET A 1 112 ? -21.073 -9.290  10.269  1.00 64.62 ? 110  MET A CA  1 
ATOM   855  C  C   . MET A 1 112 ? -22.429 -8.971  10.921  1.00 67.95 ? 110  MET A C   1 
ATOM   856  O  O   . MET A 1 112 ? -23.260 -8.270  10.336  1.00 64.66 ? 110  MET A O   1 
ATOM   857  C  CB  . MET A 1 112 ? -21.256 -10.418 9.255   1.00 71.43 ? 110  MET A CB  1 
ATOM   858  C  CG  . MET A 1 112 ? -21.913 -9.970  7.980   1.00 74.28 ? 110  MET A CG  1 
ATOM   859  S  SD  . MET A 1 112 ? -20.830 -8.968  6.935   1.00 73.87 ? 110  MET A SD  1 
ATOM   860  C  CE  . MET A 1 112 ? -21.937 -8.668  5.553   1.00 70.19 ? 110  MET A CE  1 
ATOM   861  N  N   . THR A 1 113 ? -22.673 -9.485  12.127  1.00 66.66 ? 111  THR A N   1 
ATOM   862  C  CA  . THR A 1 113 ? -23.900 -9.160  12.844  1.00 68.22 ? 111  THR A CA  1 
ATOM   863  C  C   . THR A 1 113 ? -23.809 -7.731  13.417  1.00 66.80 ? 111  THR A C   1 
ATOM   864  O  O   . THR A 1 113 ? -24.781 -6.954  13.356  1.00 62.95 ? 111  THR A O   1 
ATOM   865  C  CB  . THR A 1 113 ? -24.176 -10.229 13.909  1.00 69.55 ? 111  THR A CB  1 
ATOM   866  O  OG1 . THR A 1 113 ? -23.160 -10.141 14.907  1.00 69.86 ? 111  THR A OG1 1 
ATOM   867  C  CG2 . THR A 1 113 ? -24.203 -11.630 13.337  1.00 69.51 ? 111  THR A CG2 1 
ATOM   868  N  N   . ASN A 1 114 ? -22.628 -7.385  13.951  1.00 66.47 ? 112  ASN A N   1 
ATOM   869  C  CA  . ASN A 1 114 ? -22.417 -6.223  14.845  1.00 54.49 ? 112  ASN A CA  1 
ATOM   870  C  C   . ASN A 1 114 ? -22.524 -4.922  14.051  1.00 50.88 ? 112  ASN A C   1 
ATOM   871  O  O   . ASN A 1 114 ? -22.632 -4.937  12.829  1.00 55.50 ? 112  ASN A O   1 
ATOM   872  C  CB  . ASN A 1 114 ? -21.078 -6.331  15.585  1.00 55.22 ? 112  ASN A CB  1 
ATOM   873  C  CG  . ASN A 1 114 ? -20.948 -7.610  16.389  1.00 58.25 ? 112  ASN A CG  1 
ATOM   874  O  OD1 . ASN A 1 114 ? -21.790 -8.506  16.280  1.00 54.04 ? 112  ASN A OD1 1 
ATOM   875  N  ND2 . ASN A 1 114 ? -19.887 -7.729  17.176  1.00 57.91 ? 112  ASN A ND2 1 
ATOM   876  N  N   . LYS A 1 118 ? -26.696 -10.601 11.499  1.00 82.85 ? 116  LYS A N   1 
ATOM   877  C  CA  . LYS A 1 118 ? -27.399 -11.849 11.801  1.00 73.70 ? 116  LYS A CA  1 
ATOM   878  C  C   . LYS A 1 118 ? -27.375 -12.737 10.553  1.00 67.58 ? 116  LYS A C   1 
ATOM   879  O  O   . LYS A 1 118 ? -28.335 -12.746 9.776   1.00 69.01 ? 116  LYS A O   1 
ATOM   880  C  CB  . LYS A 1 118 ? -28.836 -11.571 12.256  1.00 72.54 ? 116  LYS A CB  1 
ATOM   881  N  N   . LEU A 1 119 ? -26.263 -13.464 10.376  1.00 58.25 ? 117  LEU A N   1 
ATOM   882  C  CA  . LEU A 1 119 ? -26.074 -14.384 9.254   1.00 51.45 ? 117  LEU A CA  1 
ATOM   883  C  C   . LEU A 1 119 ? -25.820 -15.813 9.763   1.00 44.35 ? 117  LEU A C   1 
ATOM   884  O  O   . LEU A 1 119 ? -25.204 -16.029 10.815  1.00 37.95 ? 117  LEU A O   1 
ATOM   885  C  CB  . LEU A 1 119 ? -24.906 -13.897 8.393   1.00 52.25 ? 117  LEU A CB  1 
ATOM   886  C  CG  . LEU A 1 119 ? -25.146 -12.609 7.607   1.00 54.09 ? 117  LEU A CG  1 
ATOM   887  C  CD1 . LEU A 1 119 ? -23.985 -12.364 6.669   1.00 56.10 ? 117  LEU A CD1 1 
ATOM   888  C  CD2 . LEU A 1 119 ? -26.455 -12.647 6.813   1.00 57.62 ? 117  LEU A CD2 1 
ATOM   889  N  N   . THR A 1 120 ? -26.302 -16.783 8.977   1.00 41.39 ? 118  THR A N   1 
ATOM   890  C  CA  . THR A 1 120 ? -26.180 -18.207 9.279   1.00 39.97 ? 118  THR A CA  1 
ATOM   891  C  C   . THR A 1 120 ? -24.830 -18.721 8.790   1.00 38.59 ? 118  THR A C   1 
ATOM   892  O  O   . THR A 1 120 ? -24.237 -18.117 7.904   1.00 48.33 ? 118  THR A O   1 
ATOM   893  C  CB  . THR A 1 120 ? -27.319 -18.993 8.631   1.00 39.05 ? 118  THR A CB  1 
ATOM   894  O  OG1 . THR A 1 120 ? -27.222 -18.900 7.207   1.00 38.11 ? 118  THR A OG1 1 
ATOM   895  C  CG2 . THR A 1 120 ? -28.668 -18.476 9.072   1.00 40.97 ? 118  THR A CG2 1 
ATOM   896  N  N   . ASP A 1 121 ? -24.369 -19.844 9.361   1.00 36.61 ? 119  ASP A N   1 
ATOM   897  C  CA  . ASP A 1 121 ? -23.073 -20.482 8.983   1.00 35.30 ? 119  ASP A CA  1 
ATOM   898  C  C   . ASP A 1 121 ? -22.980 -20.641 7.456   1.00 31.80 ? 119  ASP A C   1 
ATOM   899  O  O   . ASP A 1 121 ? -21.965 -20.319 6.897   1.00 36.93 ? 119  ASP A O   1 
ATOM   900  C  CB  . ASP A 1 121 ? -22.836 -21.817 9.698   1.00 35.34 ? 119  ASP A CB  1 
ATOM   901  C  CG  . ASP A 1 121 ? -22.249 -21.657 11.092  1.00 39.74 ? 119  ASP A CG  1 
ATOM   902  O  OD1 . ASP A 1 121 ? -21.938 -20.509 11.474  1.00 40.60 ? 119  ASP A OD1 1 
ATOM   903  O  OD2 . ASP A 1 121 ? -22.123 -22.678 11.797  1.00 43.05 ? 119  ASP A OD2 1 
ATOM   904  N  N   . GLU A 1 122 ? -24.060 -21.109 6.837   1.00 34.29 ? 120  GLU A N   1 
ATOM   905  C  CA  . GLU A 1 122 ? -24.203 -21.328 5.407   1.00 40.44 ? 120  GLU A CA  1 
ATOM   906  C  C   . GLU A 1 122 ? -23.979 -20.020 4.634   1.00 41.63 ? 120  GLU A C   1 
ATOM   907  O  O   . GLU A 1 122 ? -23.251 -20.019 3.662   1.00 35.79 ? 120  GLU A O   1 
ATOM   908  C  CB  . GLU A 1 122 ? -25.584 -21.934 5.142   1.00 45.68 ? 120  GLU A CB  1 
ATOM   909  C  CG  . GLU A 1 122 ? -26.065 -21.846 3.706   1.00 53.13 ? 120  GLU A CG  1 
ATOM   910  C  CD  . GLU A 1 122 ? -27.150 -22.865 3.400   1.00 63.85 ? 120  GLU A CD  1 
ATOM   911  O  OE1 . GLU A 1 122 ? -28.343 -22.471 3.246   1.00 62.49 ? 120  GLU A OE1 1 
ATOM   912  O  OE2 . GLU A 1 122 ? -26.803 -24.066 3.349   1.00 77.28 ? 120  GLU A OE2 1 
ATOM   913  N  N   . GLU A 1 123 ? -24.614 -18.923 5.079   1.00 43.69 ? 121  GLU A N   1 
ATOM   914  C  CA  . GLU A 1 123 ? -24.499 -17.602 4.425   1.00 44.64 ? 121  GLU A CA  1 
ATOM   915  C  C   . GLU A 1 123 ? -23.058 -17.088 4.508   1.00 36.86 ? 121  GLU A C   1 
ATOM   916  O  O   . GLU A 1 123 ? -22.547 -16.556 3.564   1.00 38.27 ? 121  GLU A O   1 
ATOM   917  C  CB  . GLU A 1 123 ? -25.430 -16.564 5.060   1.00 48.21 ? 121  GLU A CB  1 
ATOM   918  C  CG  . GLU A 1 123 ? -26.893 -16.748 4.714   1.00 49.95 ? 121  GLU A CG  1 
ATOM   919  C  CD  . GLU A 1 123 ? -27.827 -15.837 5.509   1.00 54.69 ? 121  GLU A CD  1 
ATOM   920  O  OE1 . GLU A 1 123 ? -28.641 -15.139 4.876   1.00 51.99 ? 121  GLU A OE1 1 
ATOM   921  O  OE2 . GLU A 1 123 ? -27.728 -15.816 6.763   1.00 51.97 ? 121  GLU A OE2 1 
ATOM   922  N  N   . VAL A 1 124 ? -22.415 -17.240 5.660   1.00 39.90 ? 122  VAL A N   1 
ATOM   923  C  CA  . VAL A 1 124 ? -21.063 -16.744 5.826   1.00 41.93 ? 122  VAL A CA  1 
ATOM   924  C  C   . VAL A 1 124 ? -20.060 -17.671 5.101   1.00 39.48 ? 122  VAL A C   1 
ATOM   925  O  O   . VAL A 1 124 ? -19.025 -17.179 4.617   1.00 37.87 ? 122  VAL A O   1 
ATOM   926  C  CB  . VAL A 1 124 ? -20.709 -16.539 7.313   1.00 49.31 ? 122  VAL A CB  1 
ATOM   927  C  CG1 . VAL A 1 124 ? -20.830 -17.806 8.142   1.00 56.30 ? 122  VAL A CG1 1 
ATOM   928  C  CG2 . VAL A 1 124 ? -19.322 -15.961 7.480   1.00 53.93 ? 122  VAL A CG2 1 
ATOM   929  N  N   . ASP A 1 125 ? -20.317 -18.992 5.072   1.00 33.76 ? 123  ASP A N   1 
ATOM   930  C  CA  . ASP A 1 125 ? -19.491 -19.933 4.277   1.00 33.50 ? 123  ASP A CA  1 
ATOM   931  C  C   . ASP A 1 125 ? -19.479 -19.466 2.813   1.00 30.74 ? 123  ASP A C   1 
ATOM   932  O  O   . ASP A 1 125 ? -18.443 -19.465 2.167   1.00 26.94 ? 123  ASP A O   1 
ATOM   933  C  CB  . ASP A 1 125 ? -19.960 -21.388 4.404   1.00 34.33 ? 123  ASP A CB  1 
ATOM   934  C  CG  . ASP A 1 125 ? -19.675 -22.012 5.766   1.00 41.03 ? 123  ASP A CG  1 
ATOM   935  O  OD1 . ASP A 1 125 ? -18.996 -21.359 6.592   1.00 46.04 ? 123  ASP A OD1 1 
ATOM   936  O  OD2 . ASP A 1 125 ? -20.136 -23.146 5.999   1.00 48.32 ? 123  ASP A OD2 1 
ATOM   937  N  N   . GLU A 1 126 ? -20.625 -18.974 2.342   1.00 32.15 ? 124  GLU A N   1 
ATOM   938  C  CA  . GLU A 1 126 ? -20.788 -18.532 0.977   1.00 35.44 ? 124  GLU A CA  1 
ATOM   939  C  C   . GLU A 1 126 ? -19.889 -17.309 0.712   1.00 33.46 ? 124  GLU A C   1 
ATOM   940  O  O   . GLU A 1 126 ? -19.231 -17.202 -0.352  1.00 27.77 ? 124  GLU A O   1 
ATOM   941  C  CB  . GLU A 1 126 ? -22.270 -18.264 0.724   1.00 42.34 ? 124  GLU A CB  1 
ATOM   942  C  CG  . GLU A 1 126 ? -22.643 -18.260 -0.742  1.00 51.14 ? 124  GLU A CG  1 
ATOM   943  C  CD  . GLU A 1 126 ? -23.988 -17.636 -1.091  1.00 59.08 ? 124  GLU A CD  1 
ATOM   944  O  OE1 . GLU A 1 126 ? -25.028 -18.312 -0.911  1.00 62.49 ? 124  GLU A OE1 1 
ATOM   945  O  OE2 . GLU A 1 126 ? -23.989 -16.474 -1.558  1.00 66.63 ? 124  GLU A OE2 1 
ATOM   946  N  N   . MET A 1 127 ? -19.840 -16.402 1.694   1.00 30.14 ? 125  MET A N   1 
ATOM   947  C  CA  . MET A 1 127 ? -19.044 -15.193 1.629   1.00 30.83 ? 125  MET A CA  1 
ATOM   948  C  C   . MET A 1 127 ? -17.564 -15.553 1.612   1.00 27.10 ? 125  MET A C   1 
ATOM   949  O  O   . MET A 1 127 ? -16.785 -14.989 0.844   1.00 27.98 ? 125  MET A O   1 
ATOM   950  C  CB  . MET A 1 127 ? -19.339 -14.269 2.814   1.00 38.02 ? 125  MET A CB  1 
ATOM   951  C  CG  . MET A 1 127 ? -20.660 -13.532 2.643   1.00 47.45 ? 125  MET A CG  1 
ATOM   952  S  SD  . MET A 1 127 ? -21.262 -12.695 4.147   1.00 52.34 ? 125  MET A SD  1 
ATOM   953  C  CE  . MET A 1 127 ? -19.931 -11.533 4.436   1.00 51.59 ? 125  MET A CE  1 
ATOM   954  N  N   . ILE A 1 128 ? -17.177 -16.505 2.461   1.00 24.59 ? 126  ILE A N   1 
ATOM   955  C  CA  . ILE A 1 128 ? -15.824 -16.933 2.504   1.00 24.96 ? 126  ILE A CA  1 
ATOM   956  C  C   . ILE A 1 128 ? -15.442 -17.513 1.138   1.00 23.44 ? 126  ILE A C   1 
ATOM   957  O  O   . ILE A 1 128 ? -14.408 -17.147 0.579   1.00 21.23 ? 126  ILE A O   1 
ATOM   958  C  CB  . ILE A 1 128 ? -15.614 -17.949 3.630   1.00 28.36 ? 126  ILE A CB  1 
ATOM   959  C  CG1 . ILE A 1 128 ? -15.884 -17.336 5.009   1.00 30.02 ? 126  ILE A CG1 1 
ATOM   960  C  CG2 . ILE A 1 128 ? -14.232 -18.556 3.532   1.00 28.72 ? 126  ILE A CG2 1 
ATOM   961  C  CD1 . ILE A 1 128 ? -14.855 -16.341 5.435   1.00 30.77 ? 126  ILE A CD1 1 
ATOM   962  N  N   . ARG A 1 129 ? -16.273 -18.420 0.613   1.00 25.37 ? 127  ARG A N   1 
ATOM   963  C  CA  . ARG A 1 129 ? -15.917 -19.158 -0.635  1.00 27.61 ? 127  ARG A CA  1 
ATOM   964  C  C   . ARG A 1 129 ? -15.704 -18.156 -1.765  1.00 25.18 ? 127  ARG A C   1 
ATOM   965  O  O   . ARG A 1 129 ? -14.834 -18.320 -2.604  1.00 26.12 ? 127  ARG A O   1 
ATOM   966  C  CB  . ARG A 1 129 ? -17.001 -20.159 -1.054  1.00 27.40 ? 127  ARG A CB  1 
ATOM   967  C  CG  . ARG A 1 129 ? -16.961 -21.476 -0.300  1.00 30.46 ? 127  ARG A CG  1 
ATOM   968  C  CD  . ARG A 1 129 ? -17.842 -22.519 -0.979  1.00 31.23 ? 127  ARG A CD  1 
ATOM   969  N  NE  . ARG A 1 129 ? -19.163 -22.049 -1.416  1.00 32.23 ? 127  ARG A NE  1 
ATOM   970  C  CZ  . ARG A 1 129 ? -20.255 -21.953 -0.633  1.00 34.72 ? 127  ARG A CZ  1 
ATOM   971  N  NH1 . ARG A 1 129 ? -20.194 -22.212 0.667   1.00 30.18 ? 127  ARG A NH1 1 
ATOM   972  N  NH2 . ARG A 1 129 ? -21.413 -21.581 -1.158  1.00 32.64 ? 127  ARG A NH2 1 
ATOM   973  N  N   . GLU A 1 130 ? -16.543 -17.124 -1.805  1.00 24.53 ? 128  GLU A N   1 
ATOM   974  C  CA  . GLU A 1 130 ? -16.473 -16.160 -2.863  1.00 26.31 ? 128  GLU A CA  1 
ATOM   975  C  C   . GLU A 1 130 ? -15.076 -15.511 -2.841  1.00 28.24 ? 128  GLU A C   1 
ATOM   976  O  O   . GLU A 1 130 ? -14.478 -15.262 -3.889  1.00 29.33 ? 128  GLU A O   1 
ATOM   977  C  CB  . GLU A 1 130 ? -17.588 -15.123 -2.710  1.00 26.98 ? 128  GLU A CB  1 
ATOM   978  C  CG  . GLU A 1 130 ? -17.633 -14.140 -3.838  1.00 33.09 ? 128  GLU A CG  1 
ATOM   979  C  CD  . GLU A 1 130 ? -18.669 -13.035 -3.645  1.00 40.38 ? 128  GLU A CD  1 
ATOM   980  O  OE1 . GLU A 1 130 ? -19.054 -12.777 -2.482  1.00 45.32 ? 128  GLU A OE1 1 
ATOM   981  O  OE2 . GLU A 1 130 ? -19.111 -12.457 -4.655  1.00 36.91 ? 128  GLU A OE2 1 
ATOM   982  N  N   . ALA A 1 131 ? -14.561 -15.247 -1.638  1.00 25.31 ? 129  ALA A N   1 
ATOM   983  C  CA  . ALA A 1 131 ? -13.308 -14.552 -1.482  1.00 25.64 ? 129  ALA A CA  1 
ATOM   984  C  C   . ALA A 1 131 ? -12.112 -15.521 -1.503  1.00 25.02 ? 129  ALA A C   1 
ATOM   985  O  O   . ALA A 1 131 ? -10.965 -15.055 -1.672  1.00 25.18 ? 129  ALA A O   1 
ATOM   986  C  CB  . ALA A 1 131 ? -13.315 -13.749 -0.212  1.00 24.40 ? 129  ALA A CB  1 
ATOM   987  N  N   . ASP A 1 132 ? -12.377 -16.817 -1.332  1.00 27.17 ? 130  ASP A N   1 
ATOM   988  C  CA  . ASP A 1 132 ? -11.341 -17.828 -0.950  1.00 27.43 ? 130  ASP A CA  1 
ATOM   989  C  C   . ASP A 1 132 ? -10.630 -18.363 -2.194  1.00 27.25 ? 130  ASP A C   1 
ATOM   990  O  O   . ASP A 1 132 ? -10.865 -19.510 -2.606  1.00 31.26 ? 130  ASP A O   1 
ATOM   991  C  CB  . ASP A 1 132 ? -11.988 -18.961 -0.155  1.00 27.65 ? 130  ASP A CB  1 
ATOM   992  C  CG  . ASP A 1 132 ? -11.032 -20.022 0.352   1.00 27.28 ? 130  ASP A CG  1 
ATOM   993  O  OD1 . ASP A 1 132 ? -9.831  -19.769 0.343   1.00 26.25 ? 130  ASP A OD1 1 
ATOM   994  O  OD2 . ASP A 1 132 ? -11.522 -21.105 0.695   1.00 31.26 ? 130  ASP A OD2 1 
ATOM   995  N  N   . ILE A 1 133 ? -9.730  -17.554 -2.740  1.00 25.53 ? 131  ILE A N   1 
ATOM   996  C  CA  . ILE A 1 133 ? -9.084  -17.835 -3.995  1.00 29.69 ? 131  ILE A CA  1 
ATOM   997  C  C   . ILE A 1 133 ? -8.325  -19.167 -3.879  1.00 34.78 ? 131  ILE A C   1 
ATOM   998  O  O   . ILE A 1 133 ? -8.349  -19.950 -4.818  1.00 35.34 ? 131  ILE A O   1 
ATOM   999  C  CB  . ILE A 1 133 ? -8.182  -16.659 -4.418  1.00 30.34 ? 131  ILE A CB  1 
ATOM   1000 C  CG1 . ILE A 1 133 ? -9.005  -15.424 -4.795  1.00 29.74 ? 131  ILE A CG1 1 
ATOM   1001 C  CG2 . ILE A 1 133 ? -7.224  -17.034 -5.545  1.00 29.43 ? 131  ILE A CG2 1 
ATOM   1002 C  CD1 . ILE A 1 133 ? -8.204  -14.156 -4.790  1.00 31.31 ? 131  ILE A CD1 1 
ATOM   1003 N  N   . ASP A 1 134 ? -7.690  -19.436 -2.725  1.00 36.31 ? 132  ASP A N   1 
ATOM   1004 C  CA  . ASP A 1 134 ? -6.755  -20.566 -2.617  1.00 36.27 ? 132  ASP A CA  1 
ATOM   1005 C  C   . ASP A 1 134 ? -7.462  -21.818 -2.090  1.00 37.29 ? 132  ASP A C   1 
ATOM   1006 O  O   . ASP A 1 134 ? -6.851  -22.868 -2.003  1.00 43.83 ? 132  ASP A O   1 
ATOM   1007 C  CB  . ASP A 1 134 ? -5.511  -20.156 -1.825  1.00 39.24 ? 132  ASP A CB  1 
ATOM   1008 C  CG  . ASP A 1 134 ? -5.767  -19.846 -0.355  1.00 39.07 ? 132  ASP A CG  1 
ATOM   1009 O  OD1 . ASP A 1 134 ? -6.816  -20.258 0.141   1.00 34.07 ? 132  ASP A OD1 1 
ATOM   1010 O  OD2 . ASP A 1 134 ? -4.894  -19.216 0.275   1.00 43.55 ? 132  ASP A OD2 1 
ATOM   1011 N  N   . GLY A 1 135 ? -8.737  -21.700 -1.712  1.00 33.58 ? 133  GLY A N   1 
ATOM   1012 C  CA  . GLY A 1 135 ? -9.573  -22.859 -1.396  1.00 36.29 ? 133  GLY A CA  1 
ATOM   1013 C  C   . GLY A 1 135 ? -9.308  -23.481 -0.026  1.00 37.75 ? 133  GLY A C   1 
ATOM   1014 O  O   . GLY A 1 135 ? -9.791  -24.564 0.226   1.00 43.54 ? 133  GLY A O   1 
ATOM   1015 N  N   . ASP A 1 136 ? -8.632  -22.779 0.890   1.00 38.00 ? 134  ASP A N   1 
ATOM   1016 C  CA  . ASP A 1 136 ? -8.379  -23.332 2.238   1.00 36.41 ? 134  ASP A CA  1 
ATOM   1017 C  C   . ASP A 1 136 ? -9.566  -23.078 3.188   1.00 35.92 ? 134  ASP A C   1 
ATOM   1018 O  O   . ASP A 1 136 ? -9.500  -23.405 4.357   1.00 34.84 ? 134  ASP A O   1 
ATOM   1019 C  CB  . ASP A 1 136 ? -7.081  -22.788 2.833   1.00 35.16 ? 134  ASP A CB  1 
ATOM   1020 C  CG  . ASP A 1 136 ? -7.089  -21.301 3.118   1.00 36.75 ? 134  ASP A CG  1 
ATOM   1021 O  OD1 . ASP A 1 136 ? -8.050  -20.628 2.691   1.00 37.90 ? 134  ASP A OD1 1 
ATOM   1022 O  OD2 . ASP A 1 136 ? -6.124  -20.818 3.734   1.00 35.95 ? 134  ASP A OD2 1 
ATOM   1023 N  N   . GLY A 1 137 ? -10.653 -22.488 2.694   1.00 33.44 ? 135  GLY A N   1 
ATOM   1024 C  CA  . GLY A 1 137 ? -11.832 -22.260 3.511   1.00 30.49 ? 135  GLY A CA  1 
ATOM   1025 C  C   . GLY A 1 137 ? -11.687 -21.088 4.491   1.00 30.48 ? 135  GLY A C   1 
ATOM   1026 O  O   . GLY A 1 137 ? -12.538 -20.933 5.330   1.00 29.14 ? 135  GLY A O   1 
ATOM   1027 N  N   A GLN A 1 138 ? -10.657 -20.250 4.330   0.36 29.73 ? 136  GLN A N   1 
ATOM   1028 N  N   B GLN A 1 138 ? -10.608 -20.299 4.370   0.64 29.74 ? 136  GLN A N   1 
ATOM   1029 C  CA  A GLN A 1 138 ? -10.471 -19.049 5.162   0.36 30.90 ? 136  GLN A CA  1 
ATOM   1030 C  CA  B GLN A 1 138 ? -10.375 -19.070 5.174   0.64 32.26 ? 136  GLN A CA  1 
ATOM   1031 C  C   A GLN A 1 138 ? -9.893  -17.938 4.282   0.36 30.16 ? 136  GLN A C   1 
ATOM   1032 C  C   B GLN A 1 138 ? -10.043 -17.928 4.212   0.64 30.81 ? 136  GLN A C   1 
ATOM   1033 O  O   A GLN A 1 138 ? -9.301  -18.215 3.257   0.36 28.79 ? 136  GLN A O   1 
ATOM   1034 O  O   B GLN A 1 138 ? -9.773  -18.187 3.050   0.64 28.18 ? 136  GLN A O   1 
ATOM   1035 C  CB  A GLN A 1 138 ? -9.561  -19.367 6.351   0.36 31.07 ? 136  GLN A CB  1 
ATOM   1036 C  CB  B GLN A 1 138 ? -9.206  -19.226 6.153   0.64 32.81 ? 136  GLN A CB  1 
ATOM   1037 C  CG  A GLN A 1 138 ? -8.371  -20.237 5.969   0.36 31.78 ? 136  GLN A CG  1 
ATOM   1038 C  CG  B GLN A 1 138 ? -9.154  -20.561 6.897   0.64 34.60 ? 136  GLN A CG  1 
ATOM   1039 C  CD  A GLN A 1 138 ? -7.669  -20.872 7.145   0.36 31.28 ? 136  GLN A CD  1 
ATOM   1040 C  CD  B GLN A 1 138 ? -9.689  -20.507 8.310   0.64 38.19 ? 136  GLN A CD  1 
ATOM   1041 O  OE1 A GLN A 1 138 ? -8.016  -20.654 8.305   0.36 30.30 ? 136  GLN A OE1 1 
ATOM   1042 O  OE1 B GLN A 1 138 ? -9.720  -19.458 8.959   0.64 37.88 ? 136  GLN A OE1 1 
ATOM   1043 N  NE2 A GLN A 1 138 ? -6.665  -21.677 6.840   0.36 31.52 ? 136  GLN A NE2 1 
ATOM   1044 N  NE2 B GLN A 1 138 ? -10.103 -21.657 8.810   0.64 37.11 ? 136  GLN A NE2 1 
ATOM   1045 N  N   . VAL A 1 139 ? -10.066 -16.683 4.704   1.00 29.36 ? 137  VAL A N   1 
ATOM   1046 C  CA  . VAL A 1 139 ? -9.643  -15.542 3.913   1.00 26.88 ? 137  VAL A CA  1 
ATOM   1047 C  C   . VAL A 1 139 ? -8.361  -14.952 4.488   1.00 26.00 ? 137  VAL A C   1 
ATOM   1048 O  O   . VAL A 1 139 ? -8.313  -14.491 5.635   1.00 25.32 ? 137  VAL A O   1 
ATOM   1049 C  CB  . VAL A 1 139 ? -10.744 -14.479 3.781   1.00 28.34 ? 137  VAL A CB  1 
ATOM   1050 C  CG1 . VAL A 1 139 ? -10.281 -13.322 2.906   1.00 27.39 ? 137  VAL A CG1 1 
ATOM   1051 C  CG2 . VAL A 1 139 ? -12.035 -15.090 3.281   1.00 28.77 ? 137  VAL A CG2 1 
ATOM   1052 N  N   . ASN A 1 140 ? -7.316  -14.940 3.663   1.00 25.18 ? 138  ASN A N   1 
ATOM   1053 C  CA  . ASN A 1 140 ? -6.084  -14.343 4.075   1.00 25.02 ? 138  ASN A CA  1 
ATOM   1054 C  C   . ASN A 1 140 ? -6.076  -12.879 3.676   1.00 25.06 ? 138  ASN A C   1 
ATOM   1055 O  O   . ASN A 1 140 ? -7.042  -12.372 3.084   1.00 24.80 ? 138  ASN A O   1 
ATOM   1056 C  CB  . ASN A 1 140 ? -4.848  -15.111 3.608   1.00 26.69 ? 138  ASN A CB  1 
ATOM   1057 C  CG  . ASN A 1 140 ? -4.641  -15.193 2.106   1.00 29.66 ? 138  ASN A CG  1 
ATOM   1058 O  OD1 . ASN A 1 140 ? -5.165  -14.405 1.318   1.00 24.33 ? 138  ASN A OD1 1 
ATOM   1059 N  ND2 . ASN A 1 140 ? -3.863  -16.183 1.716   1.00 29.46 ? 138  ASN A ND2 1 
ATOM   1060 N  N   . TYR A 1 141 ? -4.982  -12.196 4.023   1.00 23.87 ? 139  TYR A N   1 
ATOM   1061 C  CA  . TYR A 1 141 ? -4.854  -10.800 3.720   1.00 25.28 ? 139  TYR A CA  1 
ATOM   1062 C  C   . TYR A 1 141 ? -4.891  -10.537 2.204   1.00 27.34 ? 139  TYR A C   1 
ATOM   1063 O  O   . TYR A 1 141 ? -5.552  -9.589  1.741   1.00 24.36 ? 139  TYR A O   1 
ATOM   1064 C  CB  . TYR A 1 141 ? -3.576  -10.217 4.310   1.00 25.73 ? 139  TYR A CB  1 
ATOM   1065 C  CG  . TYR A 1 141 ? -3.495  -8.752  4.005   1.00 26.20 ? 139  TYR A CG  1 
ATOM   1066 C  CD1 . TYR A 1 141 ? -4.429  -7.894  4.546   1.00 29.39 ? 139  TYR A CD1 1 
ATOM   1067 C  CD2 . TYR A 1 141 ? -2.583  -8.245  3.092   1.00 28.08 ? 139  TYR A CD2 1 
ATOM   1068 C  CE1 . TYR A 1 141 ? -4.441  -6.551  4.217   1.00 32.75 ? 139  TYR A CE1 1 
ATOM   1069 C  CE2 . TYR A 1 141 ? -2.554  -6.900  2.781   1.00 28.10 ? 139  TYR A CE2 1 
ATOM   1070 C  CZ  . TYR A 1 141 ? -3.490  -6.054  3.339   1.00 34.43 ? 139  TYR A CZ  1 
ATOM   1071 O  OH  . TYR A 1 141 ? -3.503  -4.732  3.029   1.00 38.21 ? 139  TYR A OH  1 
ATOM   1072 N  N   . GLU A 1 142 ? -4.202  -11.379 1.435   1.00 25.67 ? 140  GLU A N   1 
ATOM   1073 C  CA  . GLU A 1 142 ? -4.119  -11.181 -0.021  1.00 29.11 ? 140  GLU A CA  1 
ATOM   1074 C  C   . GLU A 1 142 ? -5.516  -11.324 -0.621  1.00 25.35 ? 140  GLU A C   1 
ATOM   1075 O  O   . GLU A 1 142 ? -5.933  -10.438 -1.351  1.00 27.21 ? 140  GLU A O   1 
ATOM   1076 C  CB  . GLU A 1 142 ? -3.137  -12.151 -0.655  1.00 30.55 ? 140  GLU A CB  1 
ATOM   1077 C  CG  . GLU A 1 142 ? -1.699  -11.817 -0.328  1.00 33.40 ? 140  GLU A CG  1 
ATOM   1078 C  CD  . GLU A 1 142 ? -1.278  -12.164 1.101   1.00 37.06 ? 140  GLU A CD  1 
ATOM   1079 O  OE1 . GLU A 1 142 ? -1.990  -12.955 1.789   1.00 35.96 ? 140  GLU A OE1 1 
ATOM   1080 O  OE2 . GLU A 1 142 ? -0.221  -11.666 1.506   1.00 43.72 ? 140  GLU A OE2 1 
ATOM   1081 N  N   . GLU A 1 143 ? -6.260  -12.340 -0.168  1.00 27.44 ? 141  GLU A N   1 
ATOM   1082 C  CA  . GLU A 1 143 ? -7.651  -12.536 -0.591  1.00 24.70 ? 141  GLU A CA  1 
ATOM   1083 C  C   . GLU A 1 143 ? -8.549  -11.388 -0.125  1.00 27.58 ? 141  GLU A C   1 
ATOM   1084 O  O   . GLU A 1 143 ? -9.455  -10.969 -0.898  1.00 26.74 ? 141  GLU A O   1 
ATOM   1085 C  CB  . GLU A 1 143 ? -8.168  -13.871 -0.118  1.00 25.12 ? 141  GLU A CB  1 
ATOM   1086 C  CG  . GLU A 1 143 ? -7.445  -15.038 -0.751  1.00 26.83 ? 141  GLU A CG  1 
ATOM   1087 C  CD  . GLU A 1 143 ? -7.624  -16.357 -0.049  1.00 29.93 ? 141  GLU A CD  1 
ATOM   1088 O  OE1 . GLU A 1 143 ? -8.005  -16.372 1.162   1.00 31.66 ? 141  GLU A OE1 1 
ATOM   1089 O  OE2 . GLU A 1 143 ? -7.438  -17.378 -0.709  1.00 30.99 ? 141  GLU A OE2 1 
ATOM   1090 N  N   . PHE A 1 144 ? -8.313  -10.876 1.099   1.00 23.71 ? 142  PHE A N   1 
ATOM   1091 C  CA  . PHE A 1 144 ? -9.092  -9.777  1.643   1.00 24.72 ? 142  PHE A CA  1 
ATOM   1092 C  C   . PHE A 1 144 ? -8.918  -8.504  0.804   1.00 24.70 ? 142  PHE A C   1 
ATOM   1093 O  O   . PHE A 1 144 ? -9.910  -7.825  0.482   1.00 28.18 ? 142  PHE A O   1 
ATOM   1094 C  CB  . PHE A 1 144 ? -8.729  -9.514  3.106   1.00 22.63 ? 142  PHE A CB  1 
ATOM   1095 C  CG  . PHE A 1 144 ? -9.602  -8.521  3.837   1.00 22.70 ? 142  PHE A CG  1 
ATOM   1096 C  CD1 . PHE A 1 144 ? -10.812 -8.909  4.395   1.00 23.30 ? 142  PHE A CD1 1 
ATOM   1097 C  CD2 . PHE A 1 144 ? -9.182  -7.215  4.024   1.00 23.17 ? 142  PHE A CD2 1 
ATOM   1098 C  CE1 . PHE A 1 144 ? -11.581 -8.004  5.125   1.00 24.83 ? 142  PHE A CE1 1 
ATOM   1099 C  CE2 . PHE A 1 144 ? -9.951  -6.307  4.734   1.00 23.16 ? 142  PHE A CE2 1 
ATOM   1100 C  CZ  . PHE A 1 144 ? -11.147 -6.700  5.290   1.00 22.88 ? 142  PHE A CZ  1 
ATOM   1101 N  N   . VAL A 1 145 ? -7.666  -8.158  0.490   1.00 27.49 ? 143  VAL A N   1 
ATOM   1102 C  CA  . VAL A 1 145 ? -7.351  -7.024  -0.368  1.00 31.52 ? 143  VAL A CA  1 
ATOM   1103 C  C   . VAL A 1 145 ? -8.063  -7.204  -1.718  1.00 32.14 ? 143  VAL A C   1 
ATOM   1104 O  O   . VAL A 1 145 ? -8.627  -6.245  -2.254  1.00 32.18 ? 143  VAL A O   1 
ATOM   1105 C  CB  . VAL A 1 145 ? -5.823  -6.871  -0.539  1.00 34.24 ? 143  VAL A CB  1 
ATOM   1106 C  CG1 . VAL A 1 145 ? -5.461  -5.978  -1.706  1.00 37.00 ? 143  VAL A CG1 1 
ATOM   1107 C  CG2 . VAL A 1 145 ? -5.156  -6.363  0.728   1.00 35.58 ? 143  VAL A CG2 1 
ATOM   1108 N  N   . GLN A 1 146 ? -8.008  -8.406  -2.294  1.00 32.62 ? 144  GLN A N   1 
ATOM   1109 C  CA  . GLN A 1 146 ? -8.673  -8.630  -3.577  1.00 34.56 ? 144  GLN A CA  1 
ATOM   1110 C  C   . GLN A 1 146 ? -10.164 -8.293  -3.461  1.00 36.55 ? 144  GLN A C   1 
ATOM   1111 O  O   . GLN A 1 146 ? -10.694 -7.571  -4.314  1.00 39.79 ? 144  GLN A O   1 
ATOM   1112 C  CB  . GLN A 1 146 ? -8.469  -10.052 -4.085  1.00 39.35 ? 144  GLN A CB  1 
ATOM   1113 C  CG  . GLN A 1 146 ? -7.068  -10.288 -4.640  1.00 51.00 ? 144  GLN A CG  1 
ATOM   1114 C  CD  . GLN A 1 146 ? -6.686  -9.263  -5.684  1.00 58.30 ? 144  GLN A CD  1 
ATOM   1115 O  OE1 . GLN A 1 146 ? -5.671  -8.569  -5.563  1.00 60.42 ? 144  GLN A OE1 1 
ATOM   1116 N  NE2 . GLN A 1 146 ? -7.528  -9.136  -6.702  1.00 57.36 ? 144  GLN A NE2 1 
ATOM   1117 N  N   . MET A 1 147 ? -10.820 -8.783  -2.403  1.00 33.18 ? 145  MET A N   1 
ATOM   1118 C  CA  . MET A 1 147 ? -12.260 -8.672  -2.235  1.00 35.12 ? 145  MET A CA  1 
ATOM   1119 C  C   . MET A 1 147 ? -12.643 -7.213  -1.967  1.00 39.07 ? 145  MET A C   1 
ATOM   1120 O  O   . MET A 1 147 ? -13.678 -6.732  -2.458  1.00 35.63 ? 145  MET A O   1 
ATOM   1121 C  CB  . MET A 1 147 ? -12.744 -9.572  -1.090  1.00 40.00 ? 145  MET A CB  1 
ATOM   1122 C  CG  . MET A 1 147 ? -14.262 -9.642  -0.907  1.00 47.15 ? 145  MET A CG  1 
ATOM   1123 S  SD  . MET A 1 147 ? -15.248 -9.976  -2.415  1.00 60.05 ? 145  MET A SD  1 
ATOM   1124 C  CE  . MET A 1 147 ? -14.876 -11.696 -2.752  1.00 47.81 ? 145  MET A CE  1 
ATOM   1125 N  N   . MET A 1 148 ? -11.800 -6.509  -1.206  1.00 36.85 ? 146  MET A N   1 
ATOM   1126 C  CA  . MET A 1 148 ? -12.094 -5.157  -0.802  1.00 41.33 ? 146  MET A CA  1 
ATOM   1127 C  C   . MET A 1 148 ? -11.814 -4.152  -1.926  1.00 41.80 ? 146  MET A C   1 
ATOM   1128 O  O   . MET A 1 148 ? -12.398 -3.080  -1.908  1.00 45.28 ? 146  MET A O   1 
ATOM   1129 C  CB  . MET A 1 148 ? -11.270 -4.765  0.426   1.00 40.57 ? 146  MET A CB  1 
ATOM   1130 C  CG  . MET A 1 148 ? -11.745 -5.421  1.695   1.00 43.21 ? 146  MET A CG  1 
ATOM   1131 S  SD  . MET A 1 148 ? -13.472 -5.074  2.067   1.00 49.35 ? 146  MET A SD  1 
ATOM   1132 C  CE  . MET A 1 148 ? -14.166 -6.704  1.828   1.00 48.84 ? 146  MET A CE  1 
ATOM   1133 N  N   . THR A 1 149 ? -10.936 -4.485  -2.875  1.00 46.13 ? 147  THR A N   1 
ATOM   1134 C  CA  . THR A 1 149 ? -10.485 -3.513  -3.885  1.00 50.84 ? 147  THR A CA  1 
ATOM   1135 C  C   . THR A 1 149 ? -10.955 -3.894  -5.294  1.00 53.54 ? 147  THR A C   1 
ATOM   1136 O  O   . THR A 1 149 ? -10.409 -3.363  -6.250  1.00 58.79 ? 147  THR A O   1 
ATOM   1137 C  CB  . THR A 1 149 ? -8.957  -3.386  -3.966  1.00 46.75 ? 147  THR A CB  1 
ATOM   1138 O  OG1 . THR A 1 149 ? -8.487  -4.593  -4.549  1.00 47.77 ? 147  THR A OG1 1 
ATOM   1139 C  CG2 . THR A 1 149 ? -8.280  -3.137  -2.638  1.00 52.17 ? 147  THR A CG2 1 
ATOM   1140 N  N   . ALA A 1 150 ? -11.935 -4.801  -5.411  1.00 57.43 ? 148  ALA A N   1 
ATOM   1141 C  CA  . ALA A 1 150 ? -12.469 -5.245  -6.709  1.00 60.31 ? 148  ALA A CA  1 
ATOM   1142 C  C   . ALA A 1 150 ? -13.999 -5.216  -6.666  1.00 63.68 ? 148  ALA A C   1 
ATOM   1143 O  O   . ALA A 1 150 ? -14.595 -4.139  -6.645  1.00 62.65 ? 148  ALA A O   1 
ATOM   1144 C  CB  . ALA A 1 150 ? -11.964 -6.624  -7.052  1.00 59.93 ? 148  ALA A CB  1 
ATOM   1145 N  N   . GLU B 2 6   ? -22.788 -6.214  0.473   1.00 69.33 ? 1721 GLU B N   1 
ATOM   1146 C  CA  . GLU B 2 6   ? -22.415 -6.611  1.882   1.00 67.98 ? 1721 GLU B CA  1 
ATOM   1147 C  C   . GLU B 2 6   ? -20.946 -6.254  2.169   1.00 59.81 ? 1721 GLU B C   1 
ATOM   1148 O  O   . GLU B 2 6   ? -20.583 -5.990  3.318   1.00 54.68 ? 1721 GLU B O   1 
ATOM   1149 C  CB  . GLU B 2 6   ? -22.690 -8.099  2.120   1.00 71.73 ? 1721 GLU B CB  1 
ATOM   1150 N  N   . VAL B 2 7   ? -20.109 -6.284  1.126   1.00 55.12 ? 1722 VAL B N   1 
ATOM   1151 C  CA  . VAL B 2 7   ? -18.774 -5.679  1.146   1.00 58.79 ? 1722 VAL B CA  1 
ATOM   1152 C  C   . VAL B 2 7   ? -18.934 -4.155  1.225   1.00 63.94 ? 1722 VAL B C   1 
ATOM   1153 O  O   . VAL B 2 7   ? -18.065 -3.483  1.780   1.00 63.30 ? 1722 VAL B O   1 
ATOM   1154 C  CB  . VAL B 2 7   ? -17.925 -6.128  -0.066  1.00 57.55 ? 1722 VAL B CB  1 
ATOM   1155 C  CG1 . VAL B 2 7   ? -16.960 -5.073  -0.583  1.00 51.31 ? 1722 VAL B CG1 1 
ATOM   1156 C  CG2 . VAL B 2 7   ? -17.177 -7.416  0.250   1.00 58.54 ? 1722 VAL B CG2 1 
ATOM   1157 N  N   . CYS B 2 8   ? -20.039 -3.628  0.665   1.00 61.61 ? 1723 CYS B N   1 
ATOM   1158 C  CA  . CYS B 2 8   ? -20.395 -2.199  0.765   1.00 65.42 ? 1723 CYS B CA  1 
ATOM   1159 C  C   . CYS B 2 8   ? -20.663 -1.844  2.237   1.00 60.26 ? 1723 CYS B C   1 
ATOM   1160 O  O   . CYS B 2 8   ? -20.045 -0.907  2.779   1.00 61.23 ? 1723 CYS B O   1 
ATOM   1161 C  CB  . CYS B 2 8   ? -21.602 -1.844  -0.107  1.00 65.58 ? 1723 CYS B CB  1 
ATOM   1162 S  SG  . CYS B 2 8   ? -22.100 -0.099  -0.004  1.00 74.22 ? 1723 CYS B SG  1 
ATOM   1163 N  N   . ALA B 2 9   ? -21.572 -2.602  2.870   1.00 56.72 ? 1724 ALA B N   1 
ATOM   1164 C  CA  . ALA B 2 9   ? -21.874 -2.473  4.305   1.00 60.20 ? 1724 ALA B CA  1 
ATOM   1165 C  C   . ALA B 2 9   ? -20.570 -2.513  5.122   1.00 54.13 ? 1724 ALA B C   1 
ATOM   1166 O  O   . ALA B 2 9   ? -20.432 -1.757  6.071   1.00 54.98 ? 1724 ALA B O   1 
ATOM   1167 C  CB  . ALA B 2 9   ? -22.850 -3.547  4.746   1.00 59.45 ? 1724 ALA B CB  1 
ATOM   1168 N  N   . ILE B 2 10  ? -19.620 -3.380  4.732   1.00 51.81 ? 1725 ILE B N   1 
ATOM   1169 C  CA  . ILE B 2 10  ? -18.356 -3.499  5.444   1.00 49.44 ? 1725 ILE B CA  1 
ATOM   1170 C  C   . ILE B 2 10  ? -17.570 -2.208  5.236   1.00 46.71 ? 1725 ILE B C   1 
ATOM   1171 O  O   . ILE B 2 10  ? -17.048 -1.664  6.190   1.00 48.34 ? 1725 ILE B O   1 
ATOM   1172 C  CB  . ILE B 2 10  ? -17.542 -4.735  5.016   1.00 48.40 ? 1725 ILE B CB  1 
ATOM   1173 C  CG1 . ILE B 2 10  ? -18.220 -6.040  5.441   1.00 51.72 ? 1725 ILE B CG1 1 
ATOM   1174 C  CG2 . ILE B 2 10  ? -16.118 -4.652  5.546   1.00 47.74 ? 1725 ILE B CG2 1 
ATOM   1175 C  CD1 . ILE B 2 10  ? -17.609 -7.294  4.812   1.00 55.65 ? 1725 ILE B CD1 1 
ATOM   1176 N  N   . LYS B 2 11  ? -17.495 -1.732  3.991   1.00 47.22 ? 1726 LYS B N   1 
ATOM   1177 C  CA  . LYS B 2 11  ? -16.758 -0.505  3.699   1.00 47.46 ? 1726 LYS B CA  1 
ATOM   1178 C  C   . LYS B 2 11  ? -17.345 0.654   4.521   1.00 50.13 ? 1726 LYS B C   1 
ATOM   1179 O  O   . LYS B 2 11  ? -16.602 1.363   5.217   1.00 45.37 ? 1726 LYS B O   1 
ATOM   1180 C  CB  . LYS B 2 11  ? -16.742 -0.215  2.199   1.00 48.97 ? 1726 LYS B CB  1 
ATOM   1181 C  CG  . LYS B 2 11  ? -15.498 -0.712  1.482   1.00 49.97 ? 1726 LYS B CG  1 
ATOM   1182 C  CD  . LYS B 2 11  ? -15.575 -0.653  -0.028  1.00 51.74 ? 1726 LYS B CD  1 
ATOM   1183 C  CE  . LYS B 2 11  ? -14.239 -0.952  -0.674  1.00 57.50 ? 1726 LYS B CE  1 
ATOM   1184 N  NZ  . LYS B 2 11  ? -14.404 -1.522  -2.032  1.00 62.37 ? 1726 LYS B NZ  1 
ATOM   1185 N  N   . ILE B 2 12  ? -18.676 0.794   4.497   1.00 48.64 ? 1727 ILE B N   1 
ATOM   1186 C  CA  . ILE B 2 12  ? -19.376 1.898   5.192   1.00 51.07 ? 1727 ILE B CA  1 
ATOM   1187 C  C   . ILE B 2 12  ? -19.154 1.813   6.716   1.00 50.25 ? 1727 ILE B C   1 
ATOM   1188 O  O   . ILE B 2 12  ? -18.747 2.801   7.329   1.00 46.49 ? 1727 ILE B O   1 
ATOM   1189 C  CB  . ILE B 2 12  ? -20.874 1.941   4.810   1.00 53.47 ? 1727 ILE B CB  1 
ATOM   1190 C  CG1 . ILE B 2 12  ? -21.049 2.210   3.309   1.00 56.41 ? 1727 ILE B CG1 1 
ATOM   1191 C  CG2 . ILE B 2 12  ? -21.625 2.970   5.654   1.00 54.44 ? 1727 ILE B CG2 1 
ATOM   1192 C  CD1 . ILE B 2 12  ? -22.380 1.762   2.749   1.00 57.04 ? 1727 ILE B CD1 1 
ATOM   1193 N  N   . GLN B 2 13  ? -19.406 0.656   7.345   1.00 49.30 ? 1728 GLN B N   1 
ATOM   1194 C  CA  . GLN B 2 13  ? -19.307 0.615   8.832   1.00 52.23 ? 1728 GLN B CA  1 
ATOM   1195 C  C   . GLN B 2 13  ? -17.844 0.823   9.264   1.00 48.76 ? 1728 GLN B C   1 
ATOM   1196 O  O   . GLN B 2 13  ? -17.575 1.480   10.276  1.00 43.82 ? 1728 GLN B O   1 
ATOM   1197 C  CB  . GLN B 2 13  ? -19.968 -0.633  9.432   1.00 57.23 ? 1728 GLN B CB  1 
ATOM   1198 C  CG  . GLN B 2 13  ? -19.577 -1.950  8.783   1.00 58.92 ? 1728 GLN B CG  1 
ATOM   1199 C  CD  . GLN B 2 13  ? -18.939 -2.877  9.784   1.00 65.55 ? 1728 GLN B CD  1 
ATOM   1200 O  OE1 . GLN B 2 13  ? -19.363 -2.964  10.936  1.00 70.59 ? 1728 GLN B OE1 1 
ATOM   1201 N  NE2 . GLN B 2 13  ? -17.891 -3.562  9.354   1.00 67.44 ? 1728 GLN B NE2 1 
ATOM   1202 N  N   . ARG B 2 14  ? -16.897 0.303   8.472   1.00 48.95 ? 1729 ARG B N   1 
ATOM   1203 C  CA  . ARG B 2 14  ? -15.462 0.532   8.686   1.00 43.74 ? 1729 ARG B CA  1 
ATOM   1204 C  C   . ARG B 2 14  ? -15.191 2.041   8.678   1.00 44.72 ? 1729 ARG B C   1 
ATOM   1205 O  O   . ARG B 2 14  ? -14.516 2.568   9.587   1.00 41.89 ? 1729 ARG B O   1 
ATOM   1206 C  CB  . ARG B 2 14  ? -14.618 -0.167  7.612   1.00 43.43 ? 1729 ARG B CB  1 
ATOM   1207 C  CG  . ARG B 2 14  ? -13.160 0.279   7.575   1.00 44.84 ? 1729 ARG B CG  1 
ATOM   1208 C  CD  . ARG B 2 14  ? -12.442 0.067   8.904   1.00 42.81 ? 1729 ARG B CD  1 
ATOM   1209 N  NE  . ARG B 2 14  ? -11.064 0.563   8.925   1.00 43.78 ? 1729 ARG B NE  1 
ATOM   1210 C  CZ  . ARG B 2 14  ? -10.293 0.549   10.014  1.00 47.23 ? 1729 ARG B CZ  1 
ATOM   1211 N  NH1 . ARG B 2 14  ? -10.662 -0.162  11.073  1.00 41.06 ? 1729 ARG B NH1 1 
ATOM   1212 N  NH2 . ARG B 2 14  ? -9.174  1.253   10.039  1.00 47.28 ? 1729 ARG B NH2 1 
ATOM   1213 N  N   . ALA B 2 15  ? -15.733 2.725   7.658   1.00 42.38 ? 1730 ALA B N   1 
ATOM   1214 C  CA  . ALA B 2 15  ? -15.589 4.185   7.510   1.00 45.49 ? 1730 ALA B CA  1 
ATOM   1215 C  C   . ALA B 2 15  ? -16.103 4.928   8.758   1.00 46.54 ? 1730 ALA B C   1 
ATOM   1216 O  O   . ALA B 2 15  ? -15.526 5.953   9.131   1.00 43.30 ? 1730 ALA B O   1 
ATOM   1217 C  CB  . ALA B 2 15  ? -16.275 4.645   6.247   1.00 48.15 ? 1730 ALA B CB  1 
ATOM   1218 N  N   . TYR B 2 16  ? -17.142 4.394   9.427   1.00 53.84 ? 1731 TYR B N   1 
ATOM   1219 C  CA  . TYR B 2 16  ? -17.784 5.051   10.597  1.00 57.26 ? 1731 TYR B CA  1 
ATOM   1220 C  C   . TYR B 2 16  ? -17.140 4.666   11.945  1.00 62.47 ? 1731 TYR B C   1 
ATOM   1221 O  O   . TYR B 2 16  ? -17.216 5.453   12.886  1.00 60.57 ? 1731 TYR B O   1 
ATOM   1222 C  CB  . TYR B 2 16  ? -19.289 4.751   10.645  1.00 62.08 ? 1731 TYR B CB  1 
ATOM   1223 C  CG  . TYR B 2 16  ? -20.151 5.630   9.768   1.00 63.90 ? 1731 TYR B CG  1 
ATOM   1224 C  CD1 . TYR B 2 16  ? -20.255 6.993   10.007  1.00 63.37 ? 1731 TYR B CD1 1 
ATOM   1225 C  CD2 . TYR B 2 16  ? -20.877 5.107   8.704   1.00 65.36 ? 1731 TYR B CD2 1 
ATOM   1226 C  CE1 . TYR B 2 16  ? -21.044 7.810   9.213   1.00 62.96 ? 1731 TYR B CE1 1 
ATOM   1227 C  CE2 . TYR B 2 16  ? -21.679 5.912   7.905   1.00 65.52 ? 1731 TYR B CE2 1 
ATOM   1228 C  CZ  . TYR B 2 16  ? -21.762 7.272   8.159   1.00 66.64 ? 1731 TYR B CZ  1 
ATOM   1229 O  OH  . TYR B 2 16  ? -22.540 8.081   7.380   1.00 61.78 ? 1731 TYR B OH  1 
ATOM   1230 N  N   . ARG B 2 17  ? -16.550 3.467   12.070  1.00 64.60 ? 1732 ARG B N   1 
ATOM   1231 C  CA  . ARG B 2 17  ? -16.138 2.932   13.401  1.00 63.99 ? 1732 ARG B CA  1 
ATOM   1232 C  C   . ARG B 2 17  ? -14.614 2.770   13.503  1.00 62.34 ? 1732 ARG B C   1 
ATOM   1233 O  O   . ARG B 2 17  ? -14.109 2.254   14.506  1.00 64.83 ? 1732 ARG B O   1 
ATOM   1234 C  CB  . ARG B 2 17  ? -16.835 1.595   13.677  1.00 62.74 ? 1732 ARG B CB  1 
ATOM   1235 C  CG  . ARG B 2 17  ? -18.340 1.709   13.876  1.00 63.83 ? 1732 ARG B CG  1 
ATOM   1236 C  CD  . ARG B 2 17  ? -19.031 0.385   13.607  1.00 68.66 ? 1732 ARG B CD  1 
ATOM   1237 N  NE  . ARG B 2 17  ? -18.706 -0.594  14.636  1.00 70.02 ? 1732 ARG B NE  1 
ATOM   1238 C  CZ  . ARG B 2 17  ? -19.479 -0.891  15.679  1.00 70.18 ? 1732 ARG B CZ  1 
ATOM   1239 N  NH1 . ARG B 2 17  ? -19.011 -1.642  16.659  1.00 72.20 ? 1732 ARG B NH1 1 
ATOM   1240 N  NH2 . ARG B 2 17  ? -20.714 -0.429  15.748  1.00 69.40 ? 1732 ARG B NH2 1 
ATOM   1241 N  N   . ARG B 2 18  ? -13.901 3.255   12.485  1.00 55.77 ? 1733 ARG B N   1 
ATOM   1242 C  CA  . ARG B 2 18  ? -12.446 3.174   12.380  1.00 56.01 ? 1733 ARG B CA  1 
ATOM   1243 C  C   . ARG B 2 18  ? -11.763 4.026   13.458  1.00 52.14 ? 1733 ARG B C   1 
ATOM   1244 O  O   . ARG B 2 18  ? -12.333 4.974   13.979  1.00 48.50 ? 1733 ARG B O   1 
ATOM   1245 C  CB  . ARG B 2 18  ? -11.981 3.654   11.001  1.00 55.46 ? 1733 ARG B CB  1 
ATOM   1246 C  CG  . ARG B 2 18  ? -12.335 5.108   10.690  1.00 52.91 ? 1733 ARG B CG  1 
ATOM   1247 C  CD  . ARG B 2 18  ? -12.187 5.418   9.218   1.00 52.95 ? 1733 ARG B CD  1 
ATOM   1248 N  NE  . ARG B 2 18  ? -10.823 5.166   8.773   1.00 51.38 ? 1733 ARG B NE  1 
ATOM   1249 C  CZ  . ARG B 2 18  ? -9.841  6.057   8.845   1.00 53.67 ? 1733 ARG B CZ  1 
ATOM   1250 N  NH1 . ARG B 2 18  ? -8.671  5.814   8.282   1.00 48.69 ? 1733 ARG B NH1 1 
ATOM   1251 N  NH2 . ARG B 2 18  ? -10.042 7.196   9.481   1.00 53.66 ? 1733 ARG B NH2 1 
ATOM   1252 N  N   . HIS B 2 19  ? -10.493 3.697   13.708  1.00 53.26 ? 1734 HIS B N   1 
ATOM   1253 C  CA  . HIS B 2 19  ? -9.629  4.373   14.663  1.00 56.53 ? 1734 HIS B CA  1 
ATOM   1254 C  C   . HIS B 2 19  ? -10.405 4.573   15.973  1.00 64.58 ? 1734 HIS B C   1 
ATOM   1255 O  O   . HIS B 2 19  ? -10.813 5.701   16.323  1.00 65.88 ? 1734 HIS B O   1 
ATOM   1256 C  CB  . HIS B 2 19  ? -9.042  5.657   14.050  1.00 53.54 ? 1734 HIS B CB  1 
ATOM   1257 C  CG  . HIS B 2 19  ? -8.203  5.397   12.843  1.00 53.31 ? 1734 HIS B CG  1 
ATOM   1258 N  ND1 . HIS B 2 19  ? -7.811  6.398   11.977  1.00 48.49 ? 1734 HIS B ND1 1 
ATOM   1259 C  CD2 . HIS B 2 19  ? -7.701  4.247   12.340  1.00 51.56 ? 1734 HIS B CD2 1 
ATOM   1260 C  CE1 . HIS B 2 19  ? -7.086  5.878   11.007  1.00 49.17 ? 1734 HIS B CE1 1 
ATOM   1261 N  NE2 . HIS B 2 19  ? -7.012  4.558   11.204  1.00 48.51 ? 1734 HIS B NE2 1 
ATOM   1262 N  N   . LEU B 2 20  ? -10.632 3.444   16.658  1.00 64.23 ? 1735 LEU B N   1 
ATOM   1263 C  CA  . LEU B 2 20  ? -11.218 3.404   17.976  1.00 62.80 ? 1735 LEU B CA  1 
ATOM   1264 C  C   . LEU B 2 20  ? -10.084 3.212   18.998  1.00 63.51 ? 1735 LEU B C   1 
ATOM   1265 O  O   . LEU B 2 20  ? -9.412  4.166   19.413  1.00 57.75 ? 1735 LEU B O   1 
ATOM   1266 C  CB  . LEU B 2 20  ? -12.247 2.269   18.022  1.00 58.82 ? 1735 LEU B CB  1 
HETATM 1267 CA CA  . CA  C 3 .   ? -8.086  -18.684 1.445   1.00 30.60 ? 201  CA  A CA  1 
HETATM 1268 CA CA  . CA  D 3 .   ? 21.066  16.243  -8.235  1.00 26.71 ? 202  CA  A CA  1 
HETATM 1269 CA CA  . CA  E 3 .   ? 11.842  14.832  -15.281 1.00 28.18 ? 203  CA  A CA  1 
HETATM 1270 CA CA  . CA  F 3 .   ? -8.688  -15.739 12.392  1.00 36.47 ? 204  CA  A CA  1 
HETATM 1271 O  O   . HOH G 4 .   ? -0.341  -1.916  9.297   1.00 38.92 ? 301  HOH A O   1 
HETATM 1272 O  O   . HOH G 4 .   ? 21.065  5.202   -16.479 1.00 52.94 ? 302  HOH A O   1 
HETATM 1273 O  O   . HOH G 4 .   ? -25.817 -15.256 12.986  1.00 39.85 ? 303  HOH A O   1 
HETATM 1274 O  O   . HOH G 4 .   ? 27.155  -1.939  -6.475  1.00 45.09 ? 304  HOH A O   1 
HETATM 1275 O  O   . HOH G 4 .   ? 8.402   19.017  -14.361 1.00 45.06 ? 305  HOH A O   1 
HETATM 1276 O  O   . HOH G 4 .   ? 22.395  -2.802  -15.085 1.00 32.26 ? 306  HOH A O   1 
HETATM 1277 O  O   . HOH G 4 .   ? 24.475  -2.048  -13.617 1.00 31.97 ? 307  HOH A O   1 
HETATM 1278 O  O   . HOH G 4 .   ? 11.581  17.002  -15.166 1.00 33.44 ? 308  HOH A O   1 
HETATM 1279 O  O   . HOH G 4 .   ? 27.986  -5.002  -5.645  1.00 39.38 ? 309  HOH A O   1 
HETATM 1280 O  O   . HOH G 4 .   ? 25.347  5.075   -0.440  1.00 37.93 ? 310  HOH A O   1 
HETATM 1281 O  O   . HOH G 4 .   ? 23.885  13.111  -10.412 1.00 46.23 ? 311  HOH A O   1 
HETATM 1282 O  O   . HOH G 4 .   ? -15.431 -20.492 11.297  1.00 41.01 ? 312  HOH A O   1 
HETATM 1283 O  O   . HOH G 4 .   ? 6.176   11.970  -10.962 1.00 23.94 ? 313  HOH A O   1 
HETATM 1284 O  O   . HOH G 4 .   ? 25.096  5.613   -8.214  1.00 33.63 ? 314  HOH A O   1 
HETATM 1285 O  O   . HOH G 4 .   ? -10.575 -12.719 -2.692  1.00 26.61 ? 315  HOH A O   1 
HETATM 1286 O  O   . HOH G 4 .   ? 13.256  20.379  -8.757  1.00 30.77 ? 316  HOH A O   1 
HETATM 1287 O  O   . HOH G 4 .   ? -1.527  -14.131 4.051   1.00 34.22 ? 317  HOH A O   1 
HETATM 1288 O  O   . HOH G 4 .   ? 15.864  0.119   -17.059 1.00 43.11 ? 318  HOH A O   1 
HETATM 1289 O  O   . HOH G 4 .   ? 8.408   8.396   -17.666 1.00 29.54 ? 319  HOH A O   1 
HETATM 1290 O  O   . HOH G 4 .   ? -3.002  -13.027 5.831   1.00 30.45 ? 320  HOH A O   1 
HETATM 1291 O  O   . HOH G 4 .   ? -4.403  -10.357 11.632  1.00 36.20 ? 321  HOH A O   1 
HETATM 1292 O  O   . HOH G 4 .   ? -0.777  -6.476  10.582  1.00 41.61 ? 322  HOH A O   1 
HETATM 1293 O  O   . HOH G 4 .   ? 21.622  15.514  0.043   1.00 28.71 ? 323  HOH A O   1 
HETATM 1294 O  O   . HOH G 4 .   ? 14.282  17.286  -14.159 1.00 42.21 ? 324  HOH A O   1 
HETATM 1295 O  O   . HOH G 4 .   ? 19.733  18.643  -1.663  1.00 32.65 ? 325  HOH A O   1 
HETATM 1296 O  O   . HOH G 4 .   ? -5.967  -18.318 2.581   1.00 31.84 ? 326  HOH A O   1 
HETATM 1297 O  O   . HOH G 4 .   ? 12.945  8.792   -18.375 1.00 34.23 ? 327  HOH A O   1 
HETATM 1298 O  O   . HOH G 4 .   ? 17.920  8.989   -16.941 1.00 37.26 ? 328  HOH A O   1 
HETATM 1299 O  O   . HOH G 4 .   ? -10.025 -17.828 12.454  1.00 50.72 ? 329  HOH A O   1 
HETATM 1300 O  O   . HOH G 4 .   ? 23.992  -0.184  -6.317  1.00 34.17 ? 330  HOH A O   1 
HETATM 1301 O  O   . HOH G 4 .   ? 17.967  17.195  -15.801 1.00 32.07 ? 331  HOH A O   1 
HETATM 1302 O  O   . HOH G 4 .   ? -12.071 -15.959 16.184  1.00 44.81 ? 332  HOH A O   1 
HETATM 1303 O  O   . HOH G 4 .   ? 17.053  20.480  -4.431  1.00 34.02 ? 333  HOH A O   1 
HETATM 1304 O  O   . HOH G 4 .   ? 19.717  10.414  -14.242 1.00 33.07 ? 334  HOH A O   1 
HETATM 1305 O  O   . HOH G 4 .   ? -15.399 -4.515  -2.926  1.00 46.80 ? 335  HOH A O   1 
HETATM 1306 O  O   . HOH G 4 .   ? 7.493   16.847  -15.061 1.00 44.51 ? 336  HOH A O   1 
HETATM 1307 O  O   . HOH G 4 .   ? 22.898  9.613   -13.299 1.00 40.54 ? 337  HOH A O   1 
HETATM 1308 O  O   . HOH G 4 .   ? 21.839  15.814  -10.391 1.00 29.94 ? 338  HOH A O   1 
HETATM 1309 O  O   . HOH G 4 .   ? 20.465  8.085   -16.372 1.00 42.31 ? 339  HOH A O   1 
HETATM 1310 O  O   . HOH G 4 .   ? 20.130  17.502  -14.328 1.00 31.96 ? 340  HOH A O   1 
HETATM 1311 O  O   . HOH G 4 .   ? -5.385  -9.112  14.108  1.00 36.51 ? 341  HOH A O   1 
HETATM 1312 O  O   . HOH G 4 .   ? 12.522  8.404   -6.310  1.00 45.19 ? 342  HOH A O   1 
HETATM 1313 O  O   . HOH G 4 .   ? 14.022  4.540   -2.544  1.00 60.71 ? 343  HOH A O   1 
HETATM 1314 O  O   . HOH H 4 .   ? -12.702 -0.953  11.817  1.00 49.89 ? 1801 HOH B O   1 
HETATM 1315 O  O   . HOH H 4 .   ? -14.405 -2.792  10.578  1.00 54.70 ? 1802 HOH B O   1 
# 
